data_7JOI
# 
_entry.id   7JOI 
# 
_audit_conform.dict_name       mmcif_pdbx.dic 
_audit_conform.dict_version    5.380 
_audit_conform.dict_location   http://mmcif.pdb.org/dictionaries/ascii/mmcif_pdbx.dic 
# 
loop_
_database_2.database_id 
_database_2.database_code 
_database_2.pdbx_database_accession 
_database_2.pdbx_DOI 
PDB   7JOI         pdb_00007joi 10.2210/pdb7joi/pdb 
WWPDB D_1000250935 ?            ?                   
# 
_pdbx_database_status.status_code                     REL 
_pdbx_database_status.status_code_sf                  REL 
_pdbx_database_status.status_code_mr                  ? 
_pdbx_database_status.entry_id                        7JOI 
_pdbx_database_status.recvd_initial_deposition_date   2020-08-06 
_pdbx_database_status.SG_entry                        N 
_pdbx_database_status.deposit_site                    RCSB 
_pdbx_database_status.process_site                    RCSB 
_pdbx_database_status.status_code_cs                  ? 
_pdbx_database_status.status_code_nmr_data            ? 
_pdbx_database_status.methods_development_category    ? 
_pdbx_database_status.pdb_format_compatible           Y 
# 
loop_
_audit_author.name 
_audit_author.pdbx_ordinal 
_audit_author.identifier_ORCID 
'Simmons, C.R.'      1 0000-0002-2290-6132 
'MacCulloch, T.'     2 0000-0001-5875-3361 
'Stephanopoulos, N.' 3 0000-0001-7859-410X 
'Yan, H.'            4 0000-0001-7397-9852 
# 
_citation.abstract                  ? 
_citation.abstract_id_CAS           ? 
_citation.book_id_ISBN              ? 
_citation.book_publisher            ? 
_citation.book_publisher_city       ? 
_citation.book_title                ? 
_citation.coordinate_linkage        ? 
_citation.country                   UK 
_citation.database_id_Medline       ? 
_citation.details                   ? 
_citation.id                        primary 
_citation.journal_abbrev            'Nat Commun' 
_citation.journal_id_ASTM           ? 
_citation.journal_id_CSD            ? 
_citation.journal_id_ISSN           2041-1723 
_citation.journal_full              ? 
_citation.journal_issue             ? 
_citation.journal_volume            13 
_citation.language                  ? 
_citation.page_first                3112 
_citation.page_last                 3112 
_citation.title                     'The influence of Holliday junction sequence and dynamics on DNA crystal self-assembly.' 
_citation.year                      2022 
_citation.database_id_CSD           ? 
_citation.pdbx_database_id_DOI      10.1038/s41467-022-30779-6 
_citation.pdbx_database_id_PubMed   35662248 
_citation.unpublished_flag          ? 
# 
loop_
_citation_author.citation_id 
_citation_author.name 
_citation_author.ordinal 
_citation_author.identifier_ORCID 
primary 'Simmons, C.R.'      1  ?                   
primary 'MacCulloch, T.'     2  ?                   
primary 'Krepl, M.'          3  0000-0002-9833-4281 
primary 'Matthies, M.'       4  ?                   
primary 'Buchberger, A.'     5  ?                   
primary 'Crawford, I.'       6  ?                   
primary 'Sponer, J.'         7  0000-0001-6558-6186 
primary 'Sulc, P.'           8  0000-0003-1565-6769 
primary 'Stephanopoulos, N.' 9  0000-0001-7859-410X 
primary 'Yan, H.'            10 0000-0001-7397-9852 
# 
_cell.angle_alpha                  90.000 
_cell.angle_alpha_esd              ? 
_cell.angle_beta                   90.000 
_cell.angle_beta_esd               ? 
_cell.angle_gamma                  120.000 
_cell.angle_gamma_esd              ? 
_cell.entry_id                     7JOI 
_cell.details                      ? 
_cell.formula_units_Z              ? 
_cell.length_a                     68.025 
_cell.length_a_esd                 ? 
_cell.length_b                     68.025 
_cell.length_b_esd                 ? 
_cell.length_c                     53.298 
_cell.length_c_esd                 ? 
_cell.volume                       ? 
_cell.volume_esd                   ? 
_cell.Z_PDB                        3 
_cell.reciprocal_angle_alpha       ? 
_cell.reciprocal_angle_beta        ? 
_cell.reciprocal_angle_gamma       ? 
_cell.reciprocal_angle_alpha_esd   ? 
_cell.reciprocal_angle_beta_esd    ? 
_cell.reciprocal_angle_gamma_esd   ? 
_cell.reciprocal_length_a          ? 
_cell.reciprocal_length_b          ? 
_cell.reciprocal_length_c          ? 
_cell.reciprocal_length_a_esd      ? 
_cell.reciprocal_length_b_esd      ? 
_cell.reciprocal_length_c_esd      ? 
_cell.pdbx_unique_axis             ? 
# 
_symmetry.entry_id                         7JOI 
_symmetry.cell_setting                     ? 
_symmetry.Int_Tables_number                145 
_symmetry.space_group_name_Hall            ? 
_symmetry.space_group_name_H-M             'P 32' 
_symmetry.pdbx_full_space_group_name_H-M   ? 
# 
loop_
_entity.id 
_entity.type 
_entity.src_method 
_entity.pdbx_description 
_entity.formula_weight 
_entity.pdbx_number_of_molecules 
_entity.pdbx_ec 
_entity.pdbx_mutation 
_entity.pdbx_fragment 
_entity.details 
1 polymer     syn 
;DNA (5'-D(*GP*AP*GP*CP*AP*GP*AP*CP*CP*TP*GP*AP*CP*GP*GP*GP*AP*CP*TP*CP*A)-3')
;
6482.200 1 ? ? ? ? 
2 polymer     syn 
;DNA (5'-D(P*CP*CP*GP*TP*CP*A)-3')
;
1769.193 1 ? ? ? ? 
3 polymer     syn 
;DNA (5'-D(*TP*CP*TP*GP*AP*GP*TP*C)-3')
;
2417.603 1 ? ? ? ? 
4 polymer     syn 
;DNA (5'-D(P*GP*GP*TP*CP*TP*GP*C)-3')
;
2129.409 1 ? ? ? ? 
5 non-polymer syn 'CACODYLATE ION'                                                                136.989  2 ? ? ? ? 
# 
loop_
_entity_poly.entity_id 
_entity_poly.type 
_entity_poly.nstd_linkage 
_entity_poly.nstd_monomer 
_entity_poly.pdbx_seq_one_letter_code 
_entity_poly.pdbx_seq_one_letter_code_can 
_entity_poly.pdbx_strand_id 
_entity_poly.pdbx_target_identifier 
1 polydeoxyribonucleotide no no 
;(DG)(DA)(DG)(DC)(DA)(DG)(DA)(DC)(DC)(DT)(DG)(DA)(DC)(DG)(DG)(DG)(DA)(DC)(DT)(DC)
(DA)
;
GAGCAGACCTGACGGGACTCA A ? 
2 polydeoxyribonucleotide no no '(DC)(DC)(DG)(DT)(DC)(DA)'                                                              CCGTCA B ? 
3 polydeoxyribonucleotide no no '(DT)(DC)(DT)(DG)(DA)(DG)(DT)(DC)'                                                      TCTGAGTC C 
? 
4 polydeoxyribonucleotide no no '(DG)(DG)(DT)(DC)(DT)(DG)(DC)'                                                          GGTCTGC D 
? 
# 
loop_
_entity_poly_seq.entity_id 
_entity_poly_seq.num 
_entity_poly_seq.mon_id 
_entity_poly_seq.hetero 
1 1  DG n 
1 2  DA n 
1 3  DG n 
1 4  DC n 
1 5  DA n 
1 6  DG n 
1 7  DA n 
1 8  DC n 
1 9  DC n 
1 10 DT n 
1 11 DG n 
1 12 DA n 
1 13 DC n 
1 14 DG n 
1 15 DG n 
1 16 DG n 
1 17 DA n 
1 18 DC n 
1 19 DT n 
1 20 DC n 
1 21 DA n 
2 1  DC n 
2 2  DC n 
2 3  DG n 
2 4  DT n 
2 5  DC n 
2 6  DA n 
3 1  DT n 
3 2  DC n 
3 3  DT n 
3 4  DG n 
3 5  DA n 
3 6  DG n 
3 7  DT n 
3 8  DC n 
4 1  DG n 
4 2  DG n 
4 3  DT n 
4 4  DC n 
4 5  DT n 
4 6  DG n 
4 7  DC n 
# 
loop_
_pdbx_entity_src_syn.entity_id 
_pdbx_entity_src_syn.pdbx_src_id 
_pdbx_entity_src_syn.pdbx_alt_source_flag 
_pdbx_entity_src_syn.pdbx_beg_seq_num 
_pdbx_entity_src_syn.pdbx_end_seq_num 
_pdbx_entity_src_syn.organism_scientific 
_pdbx_entity_src_syn.organism_common_name 
_pdbx_entity_src_syn.ncbi_taxonomy_id 
_pdbx_entity_src_syn.details 
1 1 sample 1 21 'synthetic construct' ? 32630 ? 
2 1 sample 1 6  'synthetic construct' ? 32630 ? 
3 1 sample 1 8  'synthetic construct' ? 32630 ? 
4 1 sample 1 7  'synthetic construct' ? 32630 ? 
# 
loop_
_struct_ref.id 
_struct_ref.db_name 
_struct_ref.db_code 
_struct_ref.pdbx_db_accession 
_struct_ref.pdbx_db_isoform 
_struct_ref.entity_id 
_struct_ref.pdbx_seq_one_letter_code 
_struct_ref.pdbx_align_begin 
1 PDB 7JOI 7JOI ? 1 ? 1 
2 PDB 7JOI 7JOI ? 2 ? 1 
3 PDB 7JOI 7JOI ? 3 ? 1 
4 PDB 7JOI 7JOI ? 4 ? 1 
# 
loop_
_struct_ref_seq.align_id 
_struct_ref_seq.ref_id 
_struct_ref_seq.pdbx_PDB_id_code 
_struct_ref_seq.pdbx_strand_id 
_struct_ref_seq.seq_align_beg 
_struct_ref_seq.pdbx_seq_align_beg_ins_code 
_struct_ref_seq.seq_align_end 
_struct_ref_seq.pdbx_seq_align_end_ins_code 
_struct_ref_seq.pdbx_db_accession 
_struct_ref_seq.db_align_beg 
_struct_ref_seq.pdbx_db_align_beg_ins_code 
_struct_ref_seq.db_align_end 
_struct_ref_seq.pdbx_db_align_end_ins_code 
_struct_ref_seq.pdbx_auth_seq_align_beg 
_struct_ref_seq.pdbx_auth_seq_align_end 
1 1 7JOI A 1 ? 21 ? 7JOI 1  ? 21 ? 1  21 
2 2 7JOI B 1 ? 6  ? 7JOI 0  ? 5  ? 0  5  
3 3 7JOI C 1 ? 8  ? 7JOI 1  ? 8  ? 1  8  
4 4 7JOI D 1 ? 7  ? 7JOI 10 ? 16 ? 10 16 
# 
loop_
_chem_comp.id 
_chem_comp.type 
_chem_comp.mon_nstd_flag 
_chem_comp.name 
_chem_comp.pdbx_synonyms 
_chem_comp.formula 
_chem_comp.formula_weight 
CAC non-polymer   . 'CACODYLATE ION'                     dimethylarsinate 'C2 H6 As O2 -1'  136.989 
DA  'DNA linking' y "2'-DEOXYADENOSINE-5'-MONOPHOSPHATE" ?                'C10 H14 N5 O6 P' 331.222 
DC  'DNA linking' y "2'-DEOXYCYTIDINE-5'-MONOPHOSPHATE"  ?                'C9 H14 N3 O7 P'  307.197 
DG  'DNA linking' y "2'-DEOXYGUANOSINE-5'-MONOPHOSPHATE" ?                'C10 H14 N5 O7 P' 347.221 
DT  'DNA linking' y "THYMIDINE-5'-MONOPHOSPHATE"         ?                'C10 H15 N2 O8 P' 322.208 
# 
_exptl.absorpt_coefficient_mu     ? 
_exptl.absorpt_correction_T_max   ? 
_exptl.absorpt_correction_T_min   ? 
_exptl.absorpt_correction_type    ? 
_exptl.absorpt_process_details    ? 
_exptl.entry_id                   7JOI 
_exptl.crystals_number            1 
_exptl.details                    ? 
_exptl.method                     'X-RAY DIFFRACTION' 
_exptl.method_details             ? 
# 
_exptl_crystal.colour                      ? 
_exptl_crystal.density_diffrn              ? 
_exptl_crystal.density_Matthews            5.56 
_exptl_crystal.density_method              ? 
_exptl_crystal.density_percent_sol         77.89 
_exptl_crystal.description                 ? 
_exptl_crystal.F_000                       ? 
_exptl_crystal.id                          1 
_exptl_crystal.preparation                 ? 
_exptl_crystal.size_max                    ? 
_exptl_crystal.size_mid                    ? 
_exptl_crystal.size_min                    ? 
_exptl_crystal.size_rad                    ? 
_exptl_crystal.colour_lustre               ? 
_exptl_crystal.colour_modifier             ? 
_exptl_crystal.colour_primary              ? 
_exptl_crystal.density_meas                ? 
_exptl_crystal.density_meas_esd            ? 
_exptl_crystal.density_meas_gt             ? 
_exptl_crystal.density_meas_lt             ? 
_exptl_crystal.density_meas_temp           ? 
_exptl_crystal.density_meas_temp_esd       ? 
_exptl_crystal.density_meas_temp_gt        ? 
_exptl_crystal.density_meas_temp_lt        ? 
_exptl_crystal.pdbx_crystal_image_url      ? 
_exptl_crystal.pdbx_crystal_image_format   ? 
_exptl_crystal.pdbx_mosaicity              ? 
_exptl_crystal.pdbx_mosaicity_esd          ? 
# 
_exptl_crystal_grow.apparatus       ? 
_exptl_crystal_grow.atmosphere      ? 
_exptl_crystal_grow.crystal_id      1 
_exptl_crystal_grow.details         ? 
_exptl_crystal_grow.method          'VAPOR DIFFUSION, SITTING DROP' 
_exptl_crystal_grow.method_ref      ? 
_exptl_crystal_grow.pH              ? 
_exptl_crystal_grow.pressure        ? 
_exptl_crystal_grow.pressure_esd    ? 
_exptl_crystal_grow.seeding         ? 
_exptl_crystal_grow.seeding_ref     ? 
_exptl_crystal_grow.temp            298 
_exptl_crystal_grow.temp_details    'temperature gradient generated from 60 to 25 C at 0.3 degrees per hour' 
_exptl_crystal_grow.temp_esd        ? 
_exptl_crystal_grow.time            ? 
_exptl_crystal_grow.pdbx_details    
;0.5 mL of 0.05 M Cacodylate pH 6.0 with 200 mM MgCl2 and 2.5 M KCl was added to the reservoir with 2 uL added to the drop containing 4 uL of DNA stock
;
_exptl_crystal_grow.pdbx_pH_range   ? 
# 
_diffrn.ambient_environment              ? 
_diffrn.ambient_temp                     100 
_diffrn.ambient_temp_details             ? 
_diffrn.ambient_temp_esd                 ? 
_diffrn.crystal_id                       1 
_diffrn.crystal_support                  ? 
_diffrn.crystal_treatment                ? 
_diffrn.details                          ? 
_diffrn.id                               1 
_diffrn.ambient_pressure                 ? 
_diffrn.ambient_pressure_esd             ? 
_diffrn.ambient_pressure_gt              ? 
_diffrn.ambient_pressure_lt              ? 
_diffrn.ambient_temp_gt                  ? 
_diffrn.ambient_temp_lt                  ? 
_diffrn.pdbx_serial_crystal_experiment   N 
# 
_diffrn_detector.details                      ? 
_diffrn_detector.detector                     PIXEL 
_diffrn_detector.diffrn_id                    1 
_diffrn_detector.type                         'DECTRIS PILATUS3 6M' 
_diffrn_detector.area_resol_mean              ? 
_diffrn_detector.dtime                        ? 
_diffrn_detector.pdbx_frames_total            ? 
_diffrn_detector.pdbx_collection_time_total   ? 
_diffrn_detector.pdbx_collection_date         2017-06-15 
_diffrn_detector.pdbx_frequency               ? 
# 
_diffrn_radiation.collimation                      ? 
_diffrn_radiation.diffrn_id                        1 
_diffrn_radiation.filter_edge                      ? 
_diffrn_radiation.inhomogeneity                    ? 
_diffrn_radiation.monochromator                    ? 
_diffrn_radiation.polarisn_norm                    ? 
_diffrn_radiation.polarisn_ratio                   ? 
_diffrn_radiation.probe                            ? 
_diffrn_radiation.type                             ? 
_diffrn_radiation.xray_symbol                      ? 
_diffrn_radiation.wavelength_id                    1 
_diffrn_radiation.pdbx_monochromatic_or_laue_m_l   M 
_diffrn_radiation.pdbx_wavelength_list             ? 
_diffrn_radiation.pdbx_wavelength                  ? 
_diffrn_radiation.pdbx_diffrn_protocol             'SINGLE WAVELENGTH' 
_diffrn_radiation.pdbx_analyzer                    ? 
_diffrn_radiation.pdbx_scattering_type             x-ray 
# 
_diffrn_radiation_wavelength.id           1 
_diffrn_radiation_wavelength.wavelength   0.98 
_diffrn_radiation_wavelength.wt           1.0 
# 
_diffrn_source.current                     ? 
_diffrn_source.details                     ? 
_diffrn_source.diffrn_id                   1 
_diffrn_source.power                       ? 
_diffrn_source.size                        ? 
_diffrn_source.source                      SYNCHROTRON 
_diffrn_source.target                      ? 
_diffrn_source.type                        'ALS BEAMLINE 5.0.2' 
_diffrn_source.voltage                     ? 
_diffrn_source.take-off_angle              ? 
_diffrn_source.pdbx_wavelength_list        0.98 
_diffrn_source.pdbx_wavelength             ? 
_diffrn_source.pdbx_synchrotron_beamline   5.0.2 
_diffrn_source.pdbx_synchrotron_site       ALS 
# 
_reflns.B_iso_Wilson_estimate            49.780 
_reflns.entry_id                         7JOI 
_reflns.data_reduction_details           ? 
_reflns.data_reduction_method            ? 
_reflns.d_resolution_high                3.100 
_reflns.d_resolution_low                 50.000 
_reflns.details                          ? 
_reflns.limit_h_max                      ? 
_reflns.limit_h_min                      ? 
_reflns.limit_k_max                      ? 
_reflns.limit_k_min                      ? 
_reflns.limit_l_max                      ? 
_reflns.limit_l_min                      ? 
_reflns.number_all                       ? 
_reflns.number_obs                       3235 
_reflns.observed_criterion               ? 
_reflns.observed_criterion_F_max         ? 
_reflns.observed_criterion_F_min         ? 
_reflns.observed_criterion_I_max         ? 
_reflns.observed_criterion_I_min         ? 
_reflns.observed_criterion_sigma_F       ? 
_reflns.observed_criterion_sigma_I       ? 
_reflns.percent_possible_obs             63.900 
_reflns.R_free_details                   ? 
_reflns.Rmerge_F_all                     ? 
_reflns.Rmerge_F_obs                     ? 
_reflns.Friedel_coverage                 ? 
_reflns.number_gt                        ? 
_reflns.threshold_expression             ? 
_reflns.pdbx_redundancy                  5.300 
_reflns.pdbx_Rmerge_I_obs                0.131 
_reflns.pdbx_Rmerge_I_all                ? 
_reflns.pdbx_Rsym_value                  ? 
_reflns.pdbx_netI_over_av_sigmaI         ? 
_reflns.pdbx_netI_over_sigmaI            4.100 
_reflns.pdbx_res_netI_over_av_sigmaI_2   ? 
_reflns.pdbx_res_netI_over_sigmaI_2      ? 
_reflns.pdbx_chi_squared                 1.421 
_reflns.pdbx_scaling_rejects             ? 
_reflns.pdbx_d_res_high_opt              ? 
_reflns.pdbx_d_res_low_opt               ? 
_reflns.pdbx_d_res_opt_method            ? 
_reflns.phase_calculation_details        ? 
_reflns.pdbx_Rrim_I_all                  0.146 
_reflns.pdbx_Rpim_I_all                  0.062 
_reflns.pdbx_d_opt                       ? 
_reflns.pdbx_number_measured_all         ? 
_reflns.pdbx_diffrn_id                   1 
_reflns.pdbx_ordinal                     1 
_reflns.pdbx_CC_half                     1 
_reflns.pdbx_CC_star                     ? 
_reflns.pdbx_R_split                     ? 
# 
loop_
_reflns_shell.d_res_high 
_reflns_shell.d_res_low 
_reflns_shell.meanI_over_sigI_all 
_reflns_shell.meanI_over_sigI_obs 
_reflns_shell.number_measured_all 
_reflns_shell.number_measured_obs 
_reflns_shell.number_possible 
_reflns_shell.number_unique_all 
_reflns_shell.number_unique_obs 
_reflns_shell.percent_possible_all 
_reflns_shell.percent_possible_obs 
_reflns_shell.Rmerge_F_all 
_reflns_shell.Rmerge_F_obs 
_reflns_shell.Rmerge_I_all 
_reflns_shell.Rmerge_I_obs 
_reflns_shell.meanI_over_sigI_gt 
_reflns_shell.meanI_over_uI_all 
_reflns_shell.meanI_over_uI_gt 
_reflns_shell.number_measured_gt 
_reflns_shell.number_unique_gt 
_reflns_shell.percent_possible_gt 
_reflns_shell.Rmerge_F_gt 
_reflns_shell.Rmerge_I_gt 
_reflns_shell.pdbx_redundancy 
_reflns_shell.pdbx_Rsym_value 
_reflns_shell.pdbx_chi_squared 
_reflns_shell.pdbx_netI_over_sigmaI_all 
_reflns_shell.pdbx_netI_over_sigmaI_obs 
_reflns_shell.pdbx_Rrim_I_all 
_reflns_shell.pdbx_Rpim_I_all 
_reflns_shell.pdbx_rejects 
_reflns_shell.pdbx_ordinal 
_reflns_shell.pdbx_diffrn_id 
_reflns_shell.pdbx_CC_half 
_reflns_shell.pdbx_CC_star 
_reflns_shell.pdbx_R_split 
3.100 3.150  ? ? ? ? ? ? 55  25.300 ? ? ? ? 0.563 ? ? ? ? ? ? ? ? 4.000 ? 0.495 ? ? 0.630 0.276 ? 1  1 0.841 ? ? 
3.150 3.210  ? ? ? ? ? ? 85  33.500 ? ? ? ? 0.350 ? ? ? ? ? ? ? ? 4.000 ? 2.158 ? ? 0.387 0.163 ? 2  1 0.902 ? ? 
3.210 3.270  ? ? ? ? ? ? 94  38.500 ? ? ? ? 0.293 ? ? ? ? ? ? ? ? 3.900 ? 3.608 ? ? 0.325 0.140 ? 3  1 0.952 ? ? 
3.270 3.340  ? ? ? ? ? ? 95  36.300 ? ? ? ? 0.394 ? ? ? ? ? ? ? ? 4.300 ? 0.922 ? ? 0.437 0.185 ? 4  1 0.933 ? ? 
3.340 3.410  ? ? ? ? ? ? 106 42.600 ? ? ? ? 0.342 ? ? ? ? ? ? ? ? 4.500 ? 1.556 ? ? 0.378 0.157 ? 5  1 0.911 ? ? 
3.410 3.490  ? ? ? ? ? ? 98  42.800 ? ? ? ? 0.503 ? ? ? ? ? ? ? ? 4.100 ? 0.633 ? ? 0.559 0.241 ? 6  1 0.842 ? ? 
3.490 3.580  ? ? ? ? ? ? 133 45.700 ? ? ? ? 0.440 ? ? ? ? ? ? ? ? 4.900 ? 1.188 ? ? 0.481 0.192 ? 7  1 0.862 ? ? 
3.580 3.680  ? ? ? ? ? ? 105 48.200 ? ? ? ? 0.583 ? ? ? ? ? ? ? ? 4.600 ? 0.693 ? ? 0.646 0.275 ? 8  1 0.817 ? ? 
3.680 3.780  ? ? ? ? ? ? 138 54.300 ? ? ? ? 0.554 ? ? ? ? ? ? ? ? 4.500 ? 0.593 ? ? 0.618 0.266 ? 9  1 0.780 ? ? 
3.780 3.910  ? ? ? ? ? ? 152 59.600 ? ? ? ? 0.604 ? ? ? ? ? ? ? ? 4.200 ? 0.602 ? ? 0.675 0.294 ? 10 1 0.778 ? ? 
3.910 4.040  ? ? ? ? ? ? 149 60.800 ? ? ? ? 0.543 ? ? ? ? ? ? ? ? 4.500 ? 0.679 ? ? 0.604 0.260 ? 11 1 0.839 ? ? 
4.040 4.210  ? ? ? ? ? ? 164 69.800 ? ? ? ? 0.467 ? ? ? ? ? ? ? ? 5.100 ? 0.731 ? ? 0.513 0.209 ? 12 1 0.921 ? ? 
4.210 4.400  ? ? ? ? ? ? 186 73.500 ? ? ? ? 0.569 ? ? ? ? ? ? ? ? 5.500 ? 0.604 ? ? 0.623 0.251 ? 13 1 0.900 ? ? 
4.400 4.630  ? ? ? ? ? ? 195 78.900 ? ? ? ? 0.561 ? ? ? ? ? ? ? ? 5.900 ? 0.583 ? ? 0.611 0.239 ? 14 1 0.881 ? ? 
4.630 4.920  ? ? ? ? ? ? 213 84.200 ? ? ? ? 0.369 ? ? ? ? ? ? ? ? 5.900 ? 0.767 ? ? 0.401 0.157 ? 15 1 0.970 ? ? 
4.920 5.300  ? ? ? ? ? ? 212 87.200 ? ? ? ? 0.274 ? ? ? ? ? ? ? ? 5.600 ? 1.010 ? ? 0.302 0.124 ? 16 1 0.971 ? ? 
5.300 5.830  ? ? ? ? ? ? 240 95.200 ? ? ? ? 0.180 ? ? ? ? ? ? ? ? 5.900 ? 1.303 ? ? 0.195 0.076 ? 17 1 0.985 ? ? 
5.830 6.670  ? ? ? ? ? ? 247 99.600 ? ? ? ? 0.155 ? ? ? ? ? ? ? ? 6.400 ? 1.277 ? ? 0.167 0.063 ? 18 1 0.986 ? ? 
6.670 8.400  ? ? ? ? ? ? 243 99.200 ? ? ? ? 0.092 ? ? ? ? ? ? ? ? 6.100 ? 1.898 ? ? 0.101 0.041 ? 19 1 0.993 ? ? 
8.400 50.000 ? ? ? ? ? ? 249 98.400 ? ? ? ? 0.099 ? ? ? ? ? ? ? ? 5.900 ? 4.765 ? ? 0.111 0.048 ? 20 1 0.995 ? ? 
# 
_refine.aniso_B[1][1]                            ? 
_refine.aniso_B[1][2]                            ? 
_refine.aniso_B[1][3]                            ? 
_refine.aniso_B[2][2]                            ? 
_refine.aniso_B[2][3]                            ? 
_refine.aniso_B[3][3]                            ? 
_refine.B_iso_max                                282.570 
_refine.B_iso_mean                               109.1373 
_refine.B_iso_min                                55.350 
_refine.correlation_coeff_Fo_to_Fc               ? 
_refine.correlation_coeff_Fo_to_Fc_free          ? 
_refine.details                                  ? 
_refine.diff_density_max                         ? 
_refine.diff_density_max_esd                     ? 
_refine.diff_density_min                         ? 
_refine.diff_density_min_esd                     ? 
_refine.diff_density_rms                         ? 
_refine.diff_density_rms_esd                     ? 
_refine.entry_id                                 7JOI 
_refine.pdbx_refine_id                           'X-RAY DIFFRACTION' 
_refine.ls_abs_structure_details                 ? 
_refine.ls_abs_structure_Flack                   ? 
_refine.ls_abs_structure_Flack_esd               ? 
_refine.ls_abs_structure_Rogers                  ? 
_refine.ls_abs_structure_Rogers_esd              ? 
_refine.ls_d_res_high                            3.1480 
_refine.ls_d_res_low                             34.0130 
_refine.ls_extinction_coef                       ? 
_refine.ls_extinction_coef_esd                   ? 
_refine.ls_extinction_expression                 ? 
_refine.ls_extinction_method                     ? 
_refine.ls_goodness_of_fit_all                   ? 
_refine.ls_goodness_of_fit_all_esd               ? 
_refine.ls_goodness_of_fit_obs                   ? 
_refine.ls_goodness_of_fit_obs_esd               ? 
_refine.ls_hydrogen_treatment                    ? 
_refine.ls_matrix_type                           ? 
_refine.ls_number_constraints                    ? 
_refine.ls_number_parameters                     ? 
_refine.ls_number_reflns_all                     ? 
_refine.ls_number_reflns_obs                     3235 
_refine.ls_number_reflns_R_free                  173 
_refine.ls_number_reflns_R_work                  3062 
_refine.ls_number_restraints                     ? 
_refine.ls_percent_reflns_obs                    67.8100 
_refine.ls_percent_reflns_R_free                 5.3500 
_refine.ls_R_factor_all                          ? 
_refine.ls_R_factor_obs                          0.2489 
_refine.ls_R_factor_R_free                       0.2679 
_refine.ls_R_factor_R_free_error                 ? 
_refine.ls_R_factor_R_free_error_details         ? 
_refine.ls_R_factor_R_work                       0.2478 
_refine.ls_R_Fsqd_factor_obs                     ? 
_refine.ls_R_I_factor_obs                        ? 
_refine.ls_redundancy_reflns_all                 ? 
_refine.ls_redundancy_reflns_obs                 ? 
_refine.ls_restrained_S_all                      ? 
_refine.ls_restrained_S_obs                      ? 
_refine.ls_shift_over_esd_max                    ? 
_refine.ls_shift_over_esd_mean                   ? 
_refine.ls_structure_factor_coef                 ? 
_refine.ls_weighting_details                     ? 
_refine.ls_weighting_scheme                      ? 
_refine.ls_wR_factor_all                         ? 
_refine.ls_wR_factor_obs                         ? 
_refine.ls_wR_factor_R_free                      ? 
_refine.ls_wR_factor_R_work                      ? 
_refine.occupancy_max                            ? 
_refine.occupancy_min                            ? 
_refine.solvent_model_details                    'FLAT BULK SOLVENT MODEL' 
_refine.solvent_model_param_bsol                 ? 
_refine.solvent_model_param_ksol                 ? 
_refine.pdbx_R_complete                          ? 
_refine.ls_R_factor_gt                           ? 
_refine.ls_goodness_of_fit_gt                    ? 
_refine.ls_goodness_of_fit_ref                   ? 
_refine.ls_shift_over_su_max                     ? 
_refine.ls_shift_over_su_max_lt                  ? 
_refine.ls_shift_over_su_mean                    ? 
_refine.ls_shift_over_su_mean_lt                 ? 
_refine.pdbx_ls_sigma_I                          ? 
_refine.pdbx_ls_sigma_F                          2.020 
_refine.pdbx_ls_sigma_Fsqd                       ? 
_refine.pdbx_data_cutoff_high_absF               ? 
_refine.pdbx_data_cutoff_high_rms_absF           ? 
_refine.pdbx_data_cutoff_low_absF                ? 
_refine.pdbx_isotropic_thermal_model             ? 
_refine.pdbx_ls_cross_valid_method               THROUGHOUT 
_refine.pdbx_method_to_determine_struct          'MOLECULAR REPLACEMENT' 
_refine.pdbx_starting_model                      5VY6 
_refine.pdbx_stereochemistry_target_values       ML 
_refine.pdbx_R_Free_selection_details            ? 
_refine.pdbx_stereochem_target_val_spec_case     ? 
_refine.pdbx_overall_ESU_R                       ? 
_refine.pdbx_overall_ESU_R_Free                  ? 
_refine.pdbx_solvent_vdw_probe_radii             1.1100 
_refine.pdbx_solvent_ion_probe_radii             ? 
_refine.pdbx_solvent_shrinkage_radii             0.9000 
_refine.pdbx_real_space_R                        ? 
_refine.pdbx_density_correlation                 ? 
_refine.pdbx_pd_number_of_powder_patterns        ? 
_refine.pdbx_pd_number_of_points                 ? 
_refine.pdbx_pd_meas_number_of_points            ? 
_refine.pdbx_pd_proc_ls_prof_R_factor            ? 
_refine.pdbx_pd_proc_ls_prof_wR_factor           ? 
_refine.pdbx_pd_Marquardt_correlation_coeff      ? 
_refine.pdbx_pd_Fsqrd_R_factor                   ? 
_refine.pdbx_pd_ls_matrix_band_width             ? 
_refine.pdbx_overall_phase_error                 38.1800 
_refine.pdbx_overall_SU_R_free_Cruickshank_DPI   ? 
_refine.pdbx_overall_SU_R_free_Blow_DPI          ? 
_refine.pdbx_overall_SU_R_Blow_DPI               ? 
_refine.pdbx_TLS_residual_ADP_flag               ? 
_refine.pdbx_diffrn_id                           1 
_refine.overall_SU_B                             ? 
_refine.overall_SU_ML                            0.1100 
_refine.overall_SU_R_Cruickshank_DPI             ? 
_refine.overall_SU_R_free                        ? 
_refine.overall_FOM_free_R_set                   ? 
_refine.overall_FOM_work_R_set                   ? 
_refine.pdbx_average_fsc_overall                 ? 
_refine.pdbx_average_fsc_work                    ? 
_refine.pdbx_average_fsc_free                    ? 
# 
_refine_hist.pdbx_refine_id                   'X-RAY DIFFRACTION' 
_refine_hist.cycle_id                         final 
_refine_hist.details                          ? 
_refine_hist.d_res_high                       3.1480 
_refine_hist.d_res_low                        34.0130 
_refine_hist.number_atoms_solvent             0 
_refine_hist.number_atoms_total               857 
_refine_hist.number_reflns_all                ? 
_refine_hist.number_reflns_obs                ? 
_refine_hist.number_reflns_R_free             ? 
_refine_hist.number_reflns_R_work             ? 
_refine_hist.R_factor_all                     ? 
_refine_hist.R_factor_obs                     ? 
_refine_hist.R_factor_R_free                  ? 
_refine_hist.R_factor_R_work                  ? 
_refine_hist.pdbx_number_residues_total       42 
_refine_hist.pdbx_B_iso_mean_ligand           274.56 
_refine_hist.pdbx_B_iso_mean_solvent          ? 
_refine_hist.pdbx_number_atoms_protein        0 
_refine_hist.pdbx_number_atoms_nucleic_acid   855 
_refine_hist.pdbx_number_atoms_ligand         2 
_refine_hist.pdbx_number_atoms_lipid          ? 
_refine_hist.pdbx_number_atoms_carb           ? 
_refine_hist.pdbx_pseudo_atom_details         ? 
# 
loop_
_refine_ls_restr.pdbx_refine_id 
_refine_ls_restr.criterion 
_refine_ls_restr.dev_ideal 
_refine_ls_restr.dev_ideal_target 
_refine_ls_restr.number 
_refine_ls_restr.rejects 
_refine_ls_restr.type 
_refine_ls_restr.weight 
_refine_ls_restr.pdbx_restraint_function 
'X-RAY DIFFRACTION' ? 0.004  ? 956  ? f_bond_d           ? ? 
'X-RAY DIFFRACTION' ? 0.695  ? 1467 ? f_angle_d          ? ? 
'X-RAY DIFFRACTION' ? 0.041  ? 166  ? f_chiral_restr     ? ? 
'X-RAY DIFFRACTION' ? 0.004  ? 42   ? f_plane_restr      ? ? 
'X-RAY DIFFRACTION' ? 33.521 ? 406  ? f_dihedral_angle_d ? ? 
# 
_refine_ls_shell.pdbx_refine_id                   'X-RAY DIFFRACTION' 
_refine_ls_shell.d_res_high                       3.1482 
_refine_ls_shell.d_res_low                        ? 
_refine_ls_shell.number_reflns_all                ? 
_refine_ls_shell.number_reflns_obs                ? 
_refine_ls_shell.number_reflns_R_free             173 
_refine_ls_shell.number_reflns_R_work             3062 
_refine_ls_shell.percent_reflns_obs               68.0000 
_refine_ls_shell.percent_reflns_R_free            ? 
_refine_ls_shell.R_factor_all                     ? 
_refine_ls_shell.R_factor_obs                     ? 
_refine_ls_shell.R_factor_R_free                  0.2679 
_refine_ls_shell.R_factor_R_free_error            0.0000 
_refine_ls_shell.R_factor_R_work                  0.2478 
_refine_ls_shell.redundancy_reflns_all            ? 
_refine_ls_shell.redundancy_reflns_obs            ? 
_refine_ls_shell.wR_factor_all                    ? 
_refine_ls_shell.wR_factor_obs                    ? 
_refine_ls_shell.wR_factor_R_free                 ? 
_refine_ls_shell.wR_factor_R_work                 ? 
_refine_ls_shell.pdbx_R_complete                  ? 
_refine_ls_shell.pdbx_total_number_of_bins_used   ? 
_refine_ls_shell.pdbx_phase_error                 ? 
_refine_ls_shell.pdbx_fsc_work                    ? 
_refine_ls_shell.pdbx_fsc_free                    ? 
# 
_struct.entry_id                     7JOI 
_struct.title                        
'Self-assembly of a 3D DNA crystal lattice (4x6 duplex version) containing the J30 immobile Holliday junction' 
_struct.pdbx_model_details           ? 
_struct.pdbx_formula_weight          ? 
_struct.pdbx_formula_weight_method   ? 
_struct.pdbx_model_type_details      ? 
_struct.pdbx_CASP_flag               N 
# 
_struct_keywords.entry_id        7JOI 
_struct_keywords.text            
'Structural DNA nanotechnology, immobile Holliday junctions, 3D DNA self-assembly, designer DNA crystals, DNA' 
_struct_keywords.pdbx_keywords   DNA 
# 
loop_
_struct_asym.id 
_struct_asym.pdbx_blank_PDB_chainid_flag 
_struct_asym.pdbx_modified 
_struct_asym.entity_id 
_struct_asym.details 
A N N 1 ? 
B N N 2 ? 
C N N 3 ? 
D N N 4 ? 
E N N 5 ? 
F N N 5 ? 
# 
loop_
_struct_conn.id 
_struct_conn.conn_type_id 
_struct_conn.pdbx_leaving_atom_flag 
_struct_conn.pdbx_PDB_id 
_struct_conn.ptnr1_label_asym_id 
_struct_conn.ptnr1_label_comp_id 
_struct_conn.ptnr1_label_seq_id 
_struct_conn.ptnr1_label_atom_id 
_struct_conn.pdbx_ptnr1_label_alt_id 
_struct_conn.pdbx_ptnr1_PDB_ins_code 
_struct_conn.pdbx_ptnr1_standard_comp_id 
_struct_conn.ptnr1_symmetry 
_struct_conn.ptnr2_label_asym_id 
_struct_conn.ptnr2_label_comp_id 
_struct_conn.ptnr2_label_seq_id 
_struct_conn.ptnr2_label_atom_id 
_struct_conn.pdbx_ptnr2_label_alt_id 
_struct_conn.pdbx_ptnr2_PDB_ins_code 
_struct_conn.ptnr1_auth_asym_id 
_struct_conn.ptnr1_auth_comp_id 
_struct_conn.ptnr1_auth_seq_id 
_struct_conn.ptnr2_auth_asym_id 
_struct_conn.ptnr2_auth_comp_id 
_struct_conn.ptnr2_auth_seq_id 
_struct_conn.ptnr2_symmetry 
_struct_conn.pdbx_ptnr3_label_atom_id 
_struct_conn.pdbx_ptnr3_label_seq_id 
_struct_conn.pdbx_ptnr3_label_comp_id 
_struct_conn.pdbx_ptnr3_label_asym_id 
_struct_conn.pdbx_ptnr3_label_alt_id 
_struct_conn.pdbx_ptnr3_PDB_ins_code 
_struct_conn.details 
_struct_conn.pdbx_dist_value 
_struct_conn.pdbx_value_order 
_struct_conn.pdbx_role 
hydrog1  hydrog ? ? A DG 3  N2 ? ? ? 1_555 D DC 7 N3 ? ? A DG 3  D DC 16 1_555 ? ? ? ? ? ? 'DG-DC PAIR' ? ? ? 
hydrog2  hydrog ? ? A DC 4  N3 ? ? ? 1_555 D DG 6 N1 ? ? A DC 4  D DG 15 1_555 ? ? ? ? ? ? WATSON-CRICK ? ? ? 
hydrog3  hydrog ? ? A DC 4  N4 ? ? ? 1_555 D DG 6 O6 ? ? A DC 4  D DG 15 1_555 ? ? ? ? ? ? WATSON-CRICK ? ? ? 
hydrog4  hydrog ? ? A DC 4  O2 ? ? ? 1_555 D DG 6 N2 ? ? A DC 4  D DG 15 1_555 ? ? ? ? ? ? WATSON-CRICK ? ? ? 
hydrog5  hydrog ? ? A DA 5  N1 ? ? ? 1_555 D DT 5 N3 ? ? A DA 5  D DT 14 1_555 ? ? ? ? ? ? WATSON-CRICK ? ? ? 
hydrog6  hydrog ? ? A DA 5  N6 ? ? ? 1_555 D DT 5 O4 ? ? A DA 5  D DT 14 1_555 ? ? ? ? ? ? WATSON-CRICK ? ? ? 
hydrog7  hydrog ? ? A DG 6  N1 ? ? ? 1_555 D DC 4 N3 ? ? A DG 6  D DC 13 1_555 ? ? ? ? ? ? WATSON-CRICK ? ? ? 
hydrog8  hydrog ? ? A DG 6  N2 ? ? ? 1_555 D DC 4 O2 ? ? A DG 6  D DC 13 1_555 ? ? ? ? ? ? WATSON-CRICK ? ? ? 
hydrog9  hydrog ? ? A DG 6  O6 ? ? ? 1_555 D DC 4 N4 ? ? A DG 6  D DC 13 1_555 ? ? ? ? ? ? WATSON-CRICK ? ? ? 
hydrog10 hydrog ? ? A DA 7  N1 ? ? ? 1_555 D DT 3 N3 ? ? A DA 7  D DT 12 1_555 ? ? ? ? ? ? WATSON-CRICK ? ? ? 
hydrog11 hydrog ? ? A DA 7  N6 ? ? ? 1_555 D DT 3 O4 ? ? A DA 7  D DT 12 1_555 ? ? ? ? ? ? WATSON-CRICK ? ? ? 
hydrog12 hydrog ? ? A DC 8  N3 ? ? ? 1_555 D DG 2 N1 ? ? A DC 8  D DG 11 1_555 ? ? ? ? ? ? WATSON-CRICK ? ? ? 
hydrog13 hydrog ? ? A DC 8  N4 ? ? ? 1_555 D DG 2 O6 ? ? A DC 8  D DG 11 1_555 ? ? ? ? ? ? WATSON-CRICK ? ? ? 
hydrog14 hydrog ? ? A DC 8  O2 ? ? ? 1_555 D DG 2 N2 ? ? A DC 8  D DG 11 1_555 ? ? ? ? ? ? WATSON-CRICK ? ? ? 
hydrog15 hydrog ? ? A DC 9  N3 ? ? ? 1_555 D DG 1 N1 ? ? A DC 9  D DG 10 1_555 ? ? ? ? ? ? WATSON-CRICK ? ? ? 
hydrog16 hydrog ? ? A DC 9  N4 ? ? ? 1_555 D DG 1 O6 ? ? A DC 9  D DG 10 1_555 ? ? ? ? ? ? WATSON-CRICK ? ? ? 
hydrog17 hydrog ? ? A DC 9  O2 ? ? ? 1_555 D DG 1 N2 ? ? A DC 9  D DG 10 1_555 ? ? ? ? ? ? WATSON-CRICK ? ? ? 
hydrog18 hydrog ? ? A DT 10 N3 ? ? ? 1_555 B DA 6 N1 ? ? A DT 10 B DA 5  1_555 ? ? ? ? ? ? WATSON-CRICK ? ? ? 
hydrog19 hydrog ? ? A DT 10 O4 ? ? ? 1_555 B DA 6 N6 ? ? A DT 10 B DA 5  1_555 ? ? ? ? ? ? WATSON-CRICK ? ? ? 
hydrog20 hydrog ? ? A DG 11 N1 ? ? ? 1_555 B DC 5 N3 ? ? A DG 11 B DC 4  1_555 ? ? ? ? ? ? WATSON-CRICK ? ? ? 
hydrog21 hydrog ? ? A DG 11 N2 ? ? ? 1_555 B DC 5 O2 ? ? A DG 11 B DC 4  1_555 ? ? ? ? ? ? WATSON-CRICK ? ? ? 
hydrog22 hydrog ? ? A DG 11 O6 ? ? ? 1_555 B DC 5 N4 ? ? A DG 11 B DC 4  1_555 ? ? ? ? ? ? WATSON-CRICK ? ? ? 
hydrog23 hydrog ? ? A DC 13 N3 ? ? ? 1_555 B DG 3 N1 ? ? A DC 13 B DG 2  1_555 ? ? ? ? ? ? WATSON-CRICK ? ? ? 
hydrog24 hydrog ? ? A DC 13 N4 ? ? ? 1_555 B DG 3 O6 ? ? A DC 13 B DG 2  1_555 ? ? ? ? ? ? WATSON-CRICK ? ? ? 
hydrog25 hydrog ? ? A DC 13 O2 ? ? ? 1_555 B DG 3 N2 ? ? A DC 13 B DG 2  1_555 ? ? ? ? ? ? WATSON-CRICK ? ? ? 
hydrog26 hydrog ? ? A DG 14 N1 ? ? ? 1_555 B DC 2 N3 ? ? A DG 14 B DC 1  1_555 ? ? ? ? ? ? WATSON-CRICK ? ? ? 
hydrog27 hydrog ? ? A DG 14 N2 ? ? ? 1_555 B DC 2 O2 ? ? A DG 14 B DC 1  1_555 ? ? ? ? ? ? WATSON-CRICK ? ? ? 
hydrog28 hydrog ? ? A DG 14 O6 ? ? ? 1_555 B DC 2 N4 ? ? A DG 14 B DC 1  1_555 ? ? ? ? ? ? WATSON-CRICK ? ? ? 
hydrog29 hydrog ? ? A DG 15 N1 ? ? ? 1_555 B DC 1 N3 ? ? A DG 15 B DC 0  1_555 ? ? ? ? ? ? WATSON-CRICK ? ? ? 
hydrog30 hydrog ? ? A DG 15 N2 ? ? ? 1_555 B DC 1 O2 ? ? A DG 15 B DC 0  1_555 ? ? ? ? ? ? WATSON-CRICK ? ? ? 
hydrog31 hydrog ? ? A DG 15 O6 ? ? ? 1_555 B DC 1 N4 ? ? A DG 15 B DC 0  1_555 ? ? ? ? ? ? WATSON-CRICK ? ? ? 
hydrog32 hydrog ? ? A DG 16 N1 ? ? ? 1_555 C DC 8 N3 ? ? A DG 16 C DC 8  1_555 ? ? ? ? ? ? WATSON-CRICK ? ? ? 
hydrog33 hydrog ? ? A DG 16 N2 ? ? ? 1_555 C DC 8 O2 ? ? A DG 16 C DC 8  1_555 ? ? ? ? ? ? WATSON-CRICK ? ? ? 
hydrog34 hydrog ? ? A DG 16 O6 ? ? ? 1_555 C DC 8 N4 ? ? A DG 16 C DC 8  1_555 ? ? ? ? ? ? WATSON-CRICK ? ? ? 
hydrog35 hydrog ? ? A DA 17 N1 ? ? ? 1_555 C DT 7 N3 ? ? A DA 17 C DT 7  1_555 ? ? ? ? ? ? WATSON-CRICK ? ? ? 
hydrog36 hydrog ? ? A DA 17 N6 ? ? ? 1_555 C DT 7 O4 ? ? A DA 17 C DT 7  1_555 ? ? ? ? ? ? WATSON-CRICK ? ? ? 
hydrog37 hydrog ? ? A DC 18 N3 ? ? ? 1_555 C DG 6 N1 ? ? A DC 18 C DG 6  1_555 ? ? ? ? ? ? WATSON-CRICK ? ? ? 
hydrog38 hydrog ? ? A DC 18 N4 ? ? ? 1_555 C DG 6 O6 ? ? A DC 18 C DG 6  1_555 ? ? ? ? ? ? WATSON-CRICK ? ? ? 
hydrog39 hydrog ? ? A DC 18 O2 ? ? ? 1_555 C DG 6 N2 ? ? A DC 18 C DG 6  1_555 ? ? ? ? ? ? WATSON-CRICK ? ? ? 
hydrog40 hydrog ? ? A DT 19 N3 ? ? ? 1_555 C DA 5 N1 ? ? A DT 19 C DA 5  1_555 ? ? ? ? ? ? WATSON-CRICK ? ? ? 
hydrog41 hydrog ? ? A DT 19 O4 ? ? ? 1_555 C DA 5 N6 ? ? A DT 19 C DA 5  1_555 ? ? ? ? ? ? WATSON-CRICK ? ? ? 
hydrog42 hydrog ? ? A DC 20 N3 ? ? ? 1_555 C DG 4 N2 ? ? A DC 20 C DG 4  1_555 ? ? ? ? ? ? 'DC-DG PAIR' ? ? ? 
hydrog43 hydrog ? ? A DA 21 N1 ? ? ? 1_555 C DT 3 N3 ? ? A DA 21 C DT 3  1_555 ? ? ? ? ? ? WATSON-CRICK ? ? ? 
hydrog44 hydrog ? ? A DA 21 N6 ? ? ? 1_555 C DT 3 O4 ? ? A DA 21 C DT 3  1_555 ? ? ? ? ? ? WATSON-CRICK ? ? ? 
# 
_struct_conn_type.id          hydrog 
_struct_conn_type.criteria    ? 
_struct_conn_type.reference   ? 
# 
_atom_sites.entry_id                    7JOI 
_atom_sites.Cartn_transf_matrix[1][1]   ? 
_atom_sites.Cartn_transf_matrix[1][2]   ? 
_atom_sites.Cartn_transf_matrix[1][3]   ? 
_atom_sites.Cartn_transf_matrix[2][1]   ? 
_atom_sites.Cartn_transf_matrix[2][2]   ? 
_atom_sites.Cartn_transf_matrix[2][3]   ? 
_atom_sites.Cartn_transf_matrix[3][1]   ? 
_atom_sites.Cartn_transf_matrix[3][2]   ? 
_atom_sites.Cartn_transf_matrix[3][3]   ? 
_atom_sites.Cartn_transf_vector[1]      ? 
_atom_sites.Cartn_transf_vector[2]      ? 
_atom_sites.Cartn_transf_vector[3]      ? 
_atom_sites.fract_transf_matrix[1][1]   -0.01187100 
_atom_sites.fract_transf_matrix[1][2]   0.00036944 
_atom_sites.fract_transf_matrix[1][3]   0.01212691 
_atom_sites.fract_transf_matrix[2][1]   -0.00295583 
_atom_sites.fract_transf_matrix[2][2]   -0.01381717 
_atom_sites.fract_transf_matrix[2][3]   0.00940741 
_atom_sites.fract_transf_matrix[3][1]   0.01285989 
_atom_sites.fract_transf_matrix[3][2]   0.00570158 
_atom_sites.fract_transf_matrix[3][3]   0.01241482 
_atom_sites.fract_transf_vector[1]      0.043859 
_atom_sites.fract_transf_vector[2]      0.141595 
_atom_sites.fract_transf_vector[3]      -0.115429 
_atom_sites.solution_primary            ? 
_atom_sites.solution_secondary          ? 
_atom_sites.solution_hydrogens          ? 
_atom_sites.special_details             ? 
# 
loop_
_atom_type.symbol 
AS 
C  
H  
N  
O  
P  
# 
loop_
_atom_site.group_PDB 
_atom_site.id 
_atom_site.type_symbol 
_atom_site.label_atom_id 
_atom_site.label_alt_id 
_atom_site.label_comp_id 
_atom_site.label_asym_id 
_atom_site.label_entity_id 
_atom_site.label_seq_id 
_atom_site.pdbx_PDB_ins_code 
_atom_site.Cartn_x 
_atom_site.Cartn_y 
_atom_site.Cartn_z 
_atom_site.occupancy 
_atom_site.B_iso_or_equiv 
_atom_site.pdbx_formal_charge 
_atom_site.auth_seq_id 
_atom_site.auth_comp_id 
_atom_site.auth_asym_id 
_atom_site.auth_atom_id 
_atom_site.pdbx_PDB_model_num 
ATOM   1    O  "O5'"  . DG  A 1 1  ? 29.992  -9.887  -17.026 1.00 108.67 ? 1   DG  A "O5'"  1 
ATOM   2    C  "C5'"  . DG  A 1 1  ? 30.188  -9.936  -18.437 1.00 112.42 ? 1   DG  A "C5'"  1 
ATOM   3    C  "C4'"  . DG  A 1 1  ? 29.075  -10.713 -19.120 1.00 106.32 ? 1   DG  A "C4'"  1 
ATOM   4    O  "O4'"  . DG  A 1 1  ? 29.123  -12.102 -18.689 1.00 88.63  ? 1   DG  A "O4'"  1 
ATOM   5    C  "C3'"  . DG  A 1 1  ? 27.660  -10.213 -18.809 1.00 112.04 ? 1   DG  A "C3'"  1 
ATOM   6    O  "O3'"  . DG  A 1 1  ? 26.947  -9.922  -20.010 1.00 126.71 ? 1   DG  A "O3'"  1 
ATOM   7    C  "C2'"  . DG  A 1 1  ? 27.015  -11.348 -18.021 1.00 103.19 ? 1   DG  A "C2'"  1 
ATOM   8    C  "C1'"  . DG  A 1 1  ? 27.817  -12.566 -18.435 1.00 85.96  ? 1   DG  A "C1'"  1 
ATOM   9    N  N9     . DG  A 1 1  ? 27.876  -13.603 -17.407 1.00 87.63  ? 1   DG  A N9     1 
ATOM   10   C  C8     . DG  A 1 1  ? 28.518  -13.527 -16.196 1.00 94.12  ? 1   DG  A C8     1 
ATOM   11   N  N7     . DG  A 1 1  ? 28.399  -14.608 -15.475 1.00 94.10  ? 1   DG  A N7     1 
ATOM   12   C  C5     . DG  A 1 1  ? 27.627  -15.456 -16.258 1.00 87.67  ? 1   DG  A C5     1 
ATOM   13   C  C6     . DG  A 1 1  ? 27.168  -16.767 -15.997 1.00 77.71  ? 1   DG  A C6     1 
ATOM   14   O  O6     . DG  A 1 1  ? 27.369  -17.464 -14.993 1.00 74.79  ? 1   DG  A O6     1 
ATOM   15   N  N1     . DG  A 1 1  ? 26.415  -17.270 -17.053 1.00 76.18  ? 1   DG  A N1     1 
ATOM   16   C  C2     . DG  A 1 1  ? 26.135  -16.586 -18.214 1.00 88.80  ? 1   DG  A C2     1 
ATOM   17   N  N2     . DG  A 1 1  ? 25.389  -17.230 -19.119 1.00 94.62  ? 1   DG  A N2     1 
ATOM   18   N  N3     . DG  A 1 1  ? 26.557  -15.353 -18.470 1.00 88.32  ? 1   DG  A N3     1 
ATOM   19   C  C4     . DG  A 1 1  ? 27.295  -14.851 -17.451 1.00 89.58  ? 1   DG  A C4     1 
ATOM   20   H  "H5'"  . DG  A 1 1  ? 31.037  -10.366 -18.625 1.00 134.67 ? 1   DG  A "H5'"  1 
ATOM   21   H  "H5''" . DG  A 1 1  ? 30.204  -9.032  -18.787 1.00 134.67 ? 1   DG  A "H5''" 1 
ATOM   22   H  "H4'"  . DG  A 1 1  ? 29.215  -10.680 -20.079 1.00 127.34 ? 1   DG  A "H4'"  1 
ATOM   23   H  "H3'"  . DG  A 1 1  ? 27.709  -9.418  -18.256 1.00 134.21 ? 1   DG  A "H3'"  1 
ATOM   24   H  "H2'"  . DG  A 1 1  ? 27.099  -11.191 -17.067 1.00 123.58 ? 1   DG  A "H2'"  1 
ATOM   25   H  "H2''" . DG  A 1 1  ? 26.084  -11.451 -18.272 1.00 123.58 ? 1   DG  A "H2''" 1 
ATOM   26   H  "H1'"  . DG  A 1 1  ? 27.443  -12.939 -19.249 1.00 102.91 ? 1   DG  A "H1'"  1 
ATOM   27   H  H8     . DG  A 1 1  ? 28.992  -12.778 -15.917 1.00 112.70 ? 1   DG  A H8     1 
ATOM   28   H  H1     . DG  A 1 1  ? 26.101  -18.067 -16.975 1.00 91.17  ? 1   DG  A H1     1 
ATOM   29   H  H21    . DG  A 1 1  ? 25.186  -16.847 -19.861 1.00 113.30 ? 1   DG  A H21    1 
ATOM   30   H  H22    . DG  A 1 1  ? 25.113  -18.029 -18.958 1.00 113.30 ? 1   DG  A H22    1 
ATOM   31   H  "HO5'" . DG  A 1 1  ? 30.037  -9.153  -16.621 1.00 130.16 ? 1   DG  A "HO5'" 1 
ATOM   32   P  P      . DA  A 1 2  ? 25.496  -9.237  -19.932 1.00 118.62 ? 2   DA  A P      1 
ATOM   33   O  OP1    . DA  A 1 2  ? 25.382  -8.268  -21.047 1.00 90.83  ? 2   DA  A OP1    1 
ATOM   34   O  OP2    . DA  A 1 2  ? 25.307  -8.782  -18.540 1.00 114.55 ? 2   DA  A OP2    1 
ATOM   35   O  "O5'"  . DA  A 1 2  ? 24.475  -10.446 -20.163 1.00 97.37  ? 2   DA  A "O5'"  1 
ATOM   36   C  "C5'"  . DA  A 1 2  ? 23.688  -10.488 -21.342 1.00 115.70 ? 2   DA  A "C5'"  1 
ATOM   37   C  "C4'"  . DA  A 1 2  ? 22.978  -11.824 -21.480 1.00 111.11 ? 2   DA  A "C4'"  1 
ATOM   38   O  "O4'"  . DA  A 1 2  ? 23.590  -12.797 -20.585 1.00 113.37 ? 2   DA  A "O4'"  1 
ATOM   39   C  "C3'"  . DA  A 1 2  ? 21.490  -11.799 -21.134 1.00 107.76 ? 2   DA  A "C3'"  1 
ATOM   40   O  "O3'"  . DA  A 1 2  ? 20.737  -12.535 -22.102 1.00 114.91 ? 2   DA  A "O3'"  1 
ATOM   41   C  "C2'"  . DA  A 1 2  ? 21.425  -12.413 -19.737 1.00 107.39 ? 2   DA  A "C2'"  1 
ATOM   42   C  "C1'"  . DA  A 1 2  ? 22.625  -13.345 -19.705 1.00 102.46 ? 2   DA  A "C1'"  1 
ATOM   43   N  N9     . DA  A 1 2  ? 23.227  -13.468 -18.382 1.00 95.61  ? 2   DA  A N9     1 
ATOM   44   C  C8     . DA  A 1 2  ? 23.866  -12.487 -17.683 1.00 100.03 ? 2   DA  A C8     1 
ATOM   45   N  N7     . DA  A 1 2  ? 24.319  -12.875 -16.517 1.00 92.12  ? 2   DA  A N7     1 
ATOM   46   C  C5     . DA  A 1 2  ? 23.943  -14.204 -16.440 1.00 87.44  ? 2   DA  A C5     1 
ATOM   47   C  C6     . DA  A 1 2  ? 24.125  -15.180 -15.445 1.00 95.43  ? 2   DA  A C6     1 
ATOM   48   N  N6     . DA  A 1 2  ? 24.761  -14.943 -14.292 1.00 97.78  ? 2   DA  A N6     1 
ATOM   49   N  N1     . DA  A 1 2  ? 23.628  -16.413 -15.681 1.00 89.12  ? 2   DA  A N1     1 
ATOM   50   C  C2     . DA  A 1 2  ? 22.993  -16.643 -16.837 1.00 91.69  ? 2   DA  A C2     1 
ATOM   51   N  N3     . DA  A 1 2  ? 22.762  -15.803 -17.848 1.00 96.80  ? 2   DA  A N3     1 
ATOM   52   C  C4     . DA  A 1 2  ? 23.268  -14.589 -17.581 1.00 90.92  ? 2   DA  A C4     1 
ATOM   53   H  "H5'"  . DA  A 1 2  ? 24.261  -10.350 -22.112 1.00 138.59 ? 2   DA  A "H5'"  1 
ATOM   54   H  "H5''" . DA  A 1 2  ? 23.027  -9.779  -21.307 1.00 138.59 ? 2   DA  A "H5''" 1 
ATOM   55   H  "H4'"  . DA  A 1 2  ? 23.079  -12.136 -22.393 1.00 133.10 ? 2   DA  A "H4'"  1 
ATOM   56   H  "H3'"  . DA  A 1 2  ? 21.178  -10.881 -21.103 1.00 129.07 ? 2   DA  A "H3'"  1 
ATOM   57   H  "H2'"  . DA  A 1 2  ? 21.510  -11.725 -19.058 1.00 128.63 ? 2   DA  A "H2'"  1 
ATOM   58   H  "H2''" . DA  A 1 2  ? 20.602  -12.912 -19.622 1.00 128.63 ? 2   DA  A "H2''" 1 
ATOM   59   H  "H1'"  . DA  A 1 2  ? 22.359  -14.222 -20.023 1.00 122.71 ? 2   DA  A "H1'"  1 
ATOM   60   H  H8     . DA  A 1 2  ? 23.982  -11.624 -18.010 1.00 119.80 ? 2   DA  A H8     1 
ATOM   61   H  H61    . DA  A 1 2  ? 24.849  -15.572 -13.713 1.00 117.10 ? 2   DA  A H61    1 
ATOM   62   H  H62    . DA  A 1 2  ? 25.081  -14.162 -14.131 1.00 117.10 ? 2   DA  A H62    1 
ATOM   63   H  H2     . DA  A 1 2  ? 22.668  -17.506 -16.952 1.00 109.79 ? 2   DA  A H2     1 
ATOM   64   P  P      . DG  A 1 3  ? 19.189  -12.885 -21.848 1.00 125.34 ? 3   DG  A P      1 
ATOM   65   O  OP1    . DG  A 1 3  ? 18.517  -12.992 -23.162 1.00 128.43 ? 3   DG  A OP1    1 
ATOM   66   O  OP2    . DG  A 1 3  ? 18.678  -11.938 -20.832 1.00 120.56 ? 3   DG  A OP2    1 
ATOM   67   O  "O5'"  . DG  A 1 3  ? 19.238  -14.338 -21.182 1.00 113.01 ? 3   DG  A "O5'"  1 
ATOM   68   C  "C5'"  . DG  A 1 3  ? 18.043  -15.083 -21.020 1.00 119.62 ? 3   DG  A "C5'"  1 
ATOM   69   C  "C4'"  . DG  A 1 3  ? 18.037  -15.822 -19.690 1.00 133.47 ? 3   DG  A "C4'"  1 
ATOM   70   O  "O4'"  . DG  A 1 3  ? 19.129  -15.362 -18.869 1.00 127.46 ? 3   DG  A "O4'"  1 
ATOM   71   C  "C3'"  . DG  A 1 3  ? 16.787  -15.608 -18.845 1.00 134.29 ? 3   DG  A "C3'"  1 
ATOM   72   O  "O3'"  . DG  A 1 3  ? 15.866  -16.670 -19.054 1.00 138.96 ? 3   DG  A "O3'"  1 
ATOM   73   C  "C2'"  . DG  A 1 3  ? 17.298  -15.556 -17.393 1.00 113.78 ? 3   DG  A "C2'"  1 
ATOM   74   C  "C1'"  . DG  A 1 3  ? 18.820  -15.617 -17.517 1.00 115.16 ? 3   DG  A "C1'"  1 
ATOM   75   N  N9     . DG  A 1 3  ? 19.532  -14.644 -16.692 1.00 100.67 ? 3   DG  A N9     1 
ATOM   76   C  C8     . DG  A 1 3  ? 19.855  -13.351 -17.033 1.00 104.92 ? 3   DG  A C8     1 
ATOM   77   N  N7     . DG  A 1 3  ? 20.514  -12.718 -16.104 1.00 102.18 ? 3   DG  A N7     1 
ATOM   78   C  C5     . DG  A 1 3  ? 20.642  -13.649 -15.084 1.00 92.87  ? 3   DG  A C5     1 
ATOM   79   C  C6     . DG  A 1 3  ? 21.265  -13.528 -13.824 1.00 93.14  ? 3   DG  A C6     1 
ATOM   80   O  O6     . DG  A 1 3  ? 21.846  -12.541 -13.348 1.00 105.52 ? 3   DG  A O6     1 
ATOM   81   N  N1     . DG  A 1 3  ? 21.170  -14.709 -13.087 1.00 84.18  ? 3   DG  A N1     1 
ATOM   82   C  C2     . DG  A 1 3  ? 20.549  -15.858 -13.520 1.00 81.34  ? 3   DG  A C2     1 
ATOM   83   N  N2     . DG  A 1 3  ? 20.558  -16.893 -12.673 1.00 84.27  ? 3   DG  A N2     1 
ATOM   84   N  N3     . DG  A 1 3  ? 19.960  -15.983 -14.703 1.00 77.07  ? 3   DG  A N3     1 
ATOM   85   C  C4     . DG  A 1 3  ? 20.046  -14.842 -15.429 1.00 85.32  ? 3   DG  A C4     1 
ATOM   86   H  "H5'"  . DG  A 1 3  ? 17.969  -15.727 -21.742 1.00 143.31 ? 3   DG  A "H5'"  1 
ATOM   87   H  "H5''" . DG  A 1 3  ? 17.284  -14.480 -21.053 1.00 143.31 ? 3   DG  A "H5''" 1 
ATOM   88   H  "H4'"  . DG  A 1 3  ? 18.146  -16.770 -19.856 1.00 159.92 ? 3   DG  A "H4'"  1 
ATOM   89   H  "H3'"  . DG  A 1 3  ? 16.374  -14.762 -19.079 1.00 160.91 ? 3   DG  A "H3'"  1 
ATOM   90   H  "H2'"  . DG  A 1 3  ? 17.026  -14.726 -16.969 1.00 136.29 ? 3   DG  A "H2'"  1 
ATOM   91   H  "H2''" . DG  A 1 3  ? 16.969  -16.317 -16.892 1.00 136.29 ? 3   DG  A "H2''" 1 
ATOM   92   H  "H1'"  . DG  A 1 3  ? 19.121  -16.509 -17.286 1.00 137.95 ? 3   DG  A "H1'"  1 
ATOM   93   H  H8     . DG  A 1 3  ? 19.624  -12.966 -17.847 1.00 125.66 ? 3   DG  A H8     1 
ATOM   94   H  H1     . DG  A 1 3  ? 21.526  -14.719 -12.304 1.00 100.78 ? 3   DG  A H1     1 
ATOM   95   H  H21    . DG  A 1 3  ? 20.184  -17.634 -12.896 1.00 100.89 ? 3   DG  A H21    1 
ATOM   96   H  H22    . DG  A 1 3  ? 20.938  -16.817 -11.905 1.00 100.89 ? 3   DG  A H22    1 
ATOM   97   P  P      . DC  A 1 4  ? 14.325  -16.497 -18.638 1.00 141.97 ? 4   DC  A P      1 
ATOM   98   O  OP1    . DC  A 1 4  ? 13.528  -17.421 -19.476 1.00 145.11 ? 4   DC  A OP1    1 
ATOM   99   O  OP2    . DC  A 1 4  ? 14.016  -15.051 -18.641 1.00 142.31 ? 4   DC  A OP2    1 
ATOM   100  O  "O5'"  . DC  A 1 4  ? 14.284  -17.008 -17.126 1.00 125.86 ? 4   DC  A "O5'"  1 
ATOM   101  C  "C5'"  . DC  A 1 4  ? 14.818  -18.284 -16.794 1.00 126.89 ? 4   DC  A "C5'"  1 
ATOM   102  C  "C4'"  . DC  A 1 4  ? 14.962  -18.434 -15.293 1.00 137.26 ? 4   DC  A "C4'"  1 
ATOM   103  O  "O4'"  . DC  A 1 4  ? 16.082  -17.652 -14.840 1.00 138.54 ? 4   DC  A "O4'"  1 
ATOM   104  C  "C3'"  . DC  A 1 4  ? 13.768  -17.932 -14.489 1.00 140.03 ? 4   DC  A "C3'"  1 
ATOM   105  O  "O3'"  . DC  A 1 4  ? 12.901  -19.009 -14.140 1.00 141.90 ? 4   DC  A "O3'"  1 
ATOM   106  C  "C2'"  . DC  A 1 4  ? 14.387  -17.266 -13.254 1.00 131.70 ? 4   DC  A "C2'"  1 
ATOM   107  C  "C1'"  . DC  A 1 4  ? 15.892  -17.333 -13.484 1.00 127.41 ? 4   DC  A "C1'"  1 
ATOM   108  N  N1     . DC  A 1 4  ? 16.601  -16.048 -13.194 1.00 109.21 ? 4   DC  A N1     1 
ATOM   109  C  C2     . DC  A 1 4  ? 17.341  -15.910 -12.013 1.00 108.37 ? 4   DC  A C2     1 
ATOM   110  O  O2     . DC  A 1 4  ? 17.401  -16.862 -11.222 1.00 115.15 ? 4   DC  A O2     1 
ATOM   111  N  N3     . DC  A 1 4  ? 17.977  -14.737 -11.770 1.00 99.05  ? 4   DC  A N3     1 
ATOM   112  C  C4     . DC  A 1 4  ? 17.891  -13.736 -12.647 1.00 94.35  ? 4   DC  A C4     1 
ATOM   113  N  N4     . DC  A 1 4  ? 18.534  -12.598 -12.364 1.00 92.19  ? 4   DC  A N4     1 
ATOM   114  C  C5     . DC  A 1 4  ? 17.141  -13.855 -13.853 1.00 95.44  ? 4   DC  A C5     1 
ATOM   115  C  C6     . DC  A 1 4  ? 16.517  -15.015 -14.084 1.00 99.18  ? 4   DC  A C6     1 
ATOM   116  H  "H5'"  . DC  A 1 4  ? 15.688  -18.383 -17.209 1.00 152.03 ? 4   DC  A "H5'"  1 
ATOM   117  H  "H5''" . DC  A 1 4  ? 14.225  -18.975 -17.128 1.00 152.03 ? 4   DC  A "H5''" 1 
ATOM   118  H  "H4'"  . DC  A 1 4  ? 15.120  -19.368 -15.080 1.00 164.47 ? 4   DC  A "H4'"  1 
ATOM   119  H  "H3'"  . DC  A 1 4  ? 13.280  -17.273 -15.005 1.00 167.79 ? 4   DC  A "H3'"  1 
ATOM   120  H  "H2'"  . DC  A 1 4  ? 14.096  -16.343 -13.187 1.00 157.80 ? 4   DC  A "H2'"  1 
ATOM   121  H  "H2''" . DC  A 1 4  ? 14.147  -17.755 -12.451 1.00 157.80 ? 4   DC  A "H2''" 1 
ATOM   122  H  "H1'"  . DC  A 1 4  ? 16.269  -18.037 -12.934 1.00 152.65 ? 4   DC  A "H1'"  1 
ATOM   123  H  H41    . DC  A 1 4  ? 18.496  -11.935 -12.910 1.00 110.38 ? 4   DC  A H41    1 
ATOM   124  H  H42    . DC  A 1 4  ? 18.986  -12.530 -11.634 1.00 110.38 ? 4   DC  A H42    1 
ATOM   125  H  H5     . DC  A 1 4  ? 17.088  -13.150 -14.458 1.00 114.29 ? 4   DC  A H5     1 
ATOM   126  H  H6     . DC  A 1 4  ? 16.021  -15.121 -14.863 1.00 118.77 ? 4   DC  A H6     1 
ATOM   127  P  P      . DA  A 1 5  ? 11.393  -18.711 -13.666 1.00 133.02 ? 5   DA  A P      1 
ATOM   128  O  OP1    . DA  A 1 5  ? 10.565  -19.879 -14.043 1.00 130.54 ? 5   DA  A OP1    1 
ATOM   129  O  OP2    . DA  A 1 5  ? 11.022  -17.364 -14.154 1.00 113.87 ? 5   DA  A OP2    1 
ATOM   130  O  "O5'"  . DA  A 1 5  ? 11.498  -18.640 -12.071 1.00 112.88 ? 5   DA  A "O5'"  1 
ATOM   131  C  "C5'"  . DA  A 1 5  ? 11.912  -19.784 -11.327 1.00 118.81 ? 5   DA  A "C5'"  1 
ATOM   132  C  "C4'"  . DA  A 1 5  ? 12.484  -19.376 -9.982  1.00 122.64 ? 5   DA  A "C4'"  1 
ATOM   133  O  "O4'"  . DA  A 1 5  ? 13.500  -18.373 -10.191 1.00 115.21 ? 5   DA  A "O4'"  1 
ATOM   134  C  "C3'"  . DA  A 1 5  ? 11.469  -18.766 -9.019  1.00 124.74 ? 5   DA  A "C3'"  1 
ATOM   135  O  "O3'"  . DA  A 1 5  ? 11.092  -19.721 -8.028  1.00 135.29 ? 5   DA  A "O3'"  1 
ATOM   136  C  "C2'"  . DA  A 1 5  ? 12.173  -17.545 -8.410  1.00 118.19 ? 5   DA  A "C2'"  1 
ATOM   137  C  "C1'"  . DA  A 1 5  ? 13.527  -17.467 -9.112  1.00 108.11 ? 5   DA  A "C1'"  1 
ATOM   138  N  N9     . DA  A 1 5  ? 13.844  -16.143 -9.645  1.00 98.99  ? 5   DA  A N9     1 
ATOM   139  C  C8     . DA  A 1 5  ? 13.393  -15.605 -10.815 1.00 106.92 ? 5   DA  A C8     1 
ATOM   140  N  N7     . DA  A 1 5  ? 13.852  -14.403 -11.062 1.00 102.58 ? 5   DA  A N7     1 
ATOM   141  C  C5     . DA  A 1 5  ? 14.660  -14.129 -9.973  1.00 107.97 ? 5   DA  A C5     1 
ATOM   142  C  C6     . DA  A 1 5  ? 15.433  -13.005 -9.631  1.00 103.02 ? 5   DA  A C6     1 
ATOM   143  N  N6     . DA  A 1 5  ? 15.511  -11.909 -10.395 1.00 93.79  ? 5   DA  A N6     1 
ATOM   144  N  N1     . DA  A 1 5  ? 16.124  -13.051 -8.473  1.00 112.33 ? 5   DA  A N1     1 
ATOM   145  C  C2     . DA  A 1 5  ? 16.038  -14.150 -7.712  1.00 109.07 ? 5   DA  A C2     1 
ATOM   146  N  N3     . DA  A 1 5  ? 15.343  -15.267 -7.930  1.00 95.88  ? 5   DA  A N3     1 
ATOM   147  C  C4     . DA  A 1 5  ? 14.671  -15.192 -9.090  1.00 103.69 ? 5   DA  A C4     1 
ATOM   148  H  "H5'"  . DA  A 1 5  ? 12.590  -20.262 -11.830 1.00 142.34 ? 5   DA  A "H5'"  1 
ATOM   149  H  "H5''" . DA  A 1 5  ? 11.149  -20.366 -11.187 1.00 142.34 ? 5   DA  A "H5''" 1 
ATOM   150  H  "H4'"  . DA  A 1 5  ? 12.889  -20.152 -9.563  1.00 146.92 ? 5   DA  A "H4'"  1 
ATOM   151  H  "H3'"  . DA  A 1 5  ? 10.685  -18.478 -9.512  1.00 149.44 ? 5   DA  A "H3'"  1 
ATOM   152  H  "H2'"  . DA  A 1 5  ? 11.659  -16.740 -8.582  1.00 141.58 ? 5   DA  A "H2'"  1 
ATOM   153  H  "H2''" . DA  A 1 5  ? 12.296  -17.669 -7.457  1.00 141.58 ? 5   DA  A "H2''" 1 
ATOM   154  H  "H1'"  . DA  A 1 5  ? 14.223  -17.735 -8.490  1.00 129.49 ? 5   DA  A "H1'"  1 
ATOM   155  H  H8     . DA  A 1 5  ? 12.820  -16.057 -11.393 1.00 128.06 ? 5   DA  A H8     1 
ATOM   156  H  H61    . DA  A 1 5  ? 15.997  -11.244 -10.144 1.00 112.31 ? 5   DA  A H61    1 
ATOM   157  H  H62    . DA  A 1 5  ? 15.075  -11.868 -11.135 1.00 112.31 ? 5   DA  A H62    1 
ATOM   158  H  H2     . DA  A 1 5  ? 16.531  -14.132 -6.925  1.00 130.65 ? 5   DA  A H2     1 
ATOM   159  P  P      . DG  A 1 6  ? 9.842   -19.441 -7.056  1.00 127.52 ? 6   DG  A P      1 
ATOM   160  O  OP1    . DG  A 1 6  ? 9.803   -20.544 -6.069  1.00 119.90 ? 6   DG  A OP1    1 
ATOM   161  O  OP2    . DG  A 1 6  ? 8.659   -19.171 -7.902  1.00 122.01 ? 6   DG  A OP2    1 
ATOM   162  O  "O5'"  . DG  A 1 6  ? 10.228  -18.074 -6.318  1.00 122.46 ? 6   DG  A "O5'"  1 
ATOM   163  C  "C5'"  . DG  A 1 6  ? 10.080  -17.943 -4.905  1.00 131.12 ? 6   DG  A "C5'"  1 
ATOM   164  C  "C4'"  . DG  A 1 6  ? 11.344  -17.369 -4.293  1.00 128.14 ? 6   DG  A "C4'"  1 
ATOM   165  O  "O4'"  . DG  A 1 6  ? 12.086  -16.685 -5.319  1.00 118.23 ? 6   DG  A "O4'"  1 
ATOM   166  C  "C3'"  . DG  A 1 6  ? 11.124  -16.337 -3.192  1.00 144.86 ? 6   DG  A "C3'"  1 
ATOM   167  O  "O3'"  . DG  A 1 6  ? 11.221  -16.945 -1.909  1.00 152.38 ? 6   DG  A "O3'"  1 
ATOM   168  C  "C2'"  . DG  A 1 6  ? 12.225  -15.292 -3.414  1.00 127.69 ? 6   DG  A "C2'"  1 
ATOM   169  C  "C1'"  . DG  A 1 6  ? 12.872  -15.673 -4.742  1.00 117.22 ? 6   DG  A "C1'"  1 
ATOM   170  N  N9     . DG  A 1 6  ? 12.964  -14.572 -5.694  1.00 117.04 ? 6   DG  A N9     1 
ATOM   171  C  C8     . DG  A 1 6  ? 12.354  -14.492 -6.921  1.00 121.36 ? 6   DG  A C8     1 
ATOM   172  N  N7     . DG  A 1 6  ? 12.628  -13.392 -7.566  1.00 124.04 ? 6   DG  A N7     1 
ATOM   173  C  C5     . DG  A 1 6  ? 13.472  -12.697 -6.710  1.00 118.69 ? 6   DG  A C5     1 
ATOM   174  C  C6     . DG  A 1 6  ? 14.099  -11.439 -6.872  1.00 109.91 ? 6   DG  A C6     1 
ATOM   175  O  O6     . DG  A 1 6  ? 14.023  -10.661 -7.835  1.00 100.50 ? 6   DG  A O6     1 
ATOM   176  N  N1     . DG  A 1 6  ? 14.877  -11.105 -5.765  1.00 112.50 ? 6   DG  A N1     1 
ATOM   177  C  C2     . DG  A 1 6  ? 15.033  -11.894 -4.647  1.00 120.49 ? 6   DG  A C2     1 
ATOM   178  N  N2     . DG  A 1 6  ? 15.823  -11.410 -3.680  1.00 122.43 ? 6   DG  A N2     1 
ATOM   179  N  N3     . DG  A 1 6  ? 14.454  -13.077 -4.487  1.00 119.19 ? 6   DG  A N3     1 
ATOM   180  C  C4     . DG  A 1 6  ? 13.692  -13.414 -5.555  1.00 119.62 ? 6   DG  A C4     1 
ATOM   181  H  "H5'"  . DG  A 1 6  ? 9.904   -18.815 -4.520  1.00 157.10 ? 6   DG  A "H5'"  1 
ATOM   182  H  "H5''" . DG  A 1 6  ? 9.334   -17.352 -4.715  1.00 157.10 ? 6   DG  A "H5''" 1 
ATOM   183  H  "H4'"  . DG  A 1 6  ? 11.884  -18.095 -3.944  1.00 153.53 ? 6   DG  A "H4'"  1 
ATOM   184  H  "H3'"  . DG  A 1 6  ? 10.253  -15.925 -3.297  1.00 173.59 ? 6   DG  A "H3'"  1 
ATOM   185  H  "H2'"  . DG  A 1 6  ? 11.840  -14.403 -3.470  1.00 152.98 ? 6   DG  A "H2'"  1 
ATOM   186  H  "H2''" . DG  A 1 6  ? 12.877  -15.332 -2.697  1.00 152.98 ? 6   DG  A "H2''" 1 
ATOM   187  H  "H1'"  . DG  A 1 6  ? 13.761  -16.020 -4.573  1.00 140.42 ? 6   DG  A "H1'"  1 
ATOM   188  H  H8     . DG  A 1 6  ? 11.801  -15.158 -7.260  1.00 145.38 ? 6   DG  A H8     1 
ATOM   189  H  H1     . DG  A 1 6  ? 15.292  -10.353 -5.783  1.00 134.76 ? 6   DG  A H1     1 
ATOM   190  H  H21    . DG  A 1 6  ? 15.953  -11.864 -2.962  1.00 146.67 ? 6   DG  A H21    1 
ATOM   191  H  H22    . DG  A 1 6  ? 16.201  -10.643 -3.777  1.00 146.67 ? 6   DG  A H22    1 
ATOM   192  P  P      . DA  A 1 7  ? 10.702  -16.167 -0.602  1.00 144.43 ? 7   DA  A P      1 
ATOM   193  O  OP1    . DA  A 1 7  ? 11.167  -16.929 0.578   1.00 148.84 ? 7   DA  A OP1    1 
ATOM   194  O  OP2    . DA  A 1 7  ? 9.261   -15.894 -0.783  1.00 139.26 ? 7   DA  A OP2    1 
ATOM   195  O  "O5'"  . DA  A 1 7  ? 11.473  -14.764 -0.647  1.00 131.86 ? 7   DA  A "O5'"  1 
ATOM   196  C  "C5'"  . DA  A 1 7  ? 12.761  -14.632 -0.049  1.00 140.33 ? 7   DA  A "C5'"  1 
ATOM   197  C  "C4'"  . DA  A 1 7  ? 13.126  -13.169 0.131   1.00 131.65 ? 7   DA  A "C4'"  1 
ATOM   198  O  "O4'"  . DA  A 1 7  ? 13.298  -12.548 -1.176  1.00 128.81 ? 7   DA  A "O4'"  1 
ATOM   199  C  "C3'"  . DA  A 1 7  ? 12.072  -12.329 0.863   1.00 137.61 ? 7   DA  A "C3'"  1 
ATOM   200  O  "O3'"  . DA  A 1 7  ? 12.675  -11.511 1.864   1.00 155.56 ? 7   DA  A "O3'"  1 
ATOM   201  C  "C2'"  . DA  A 1 7  ? 11.436  -11.506 -0.251  1.00 141.90 ? 7   DA  A "C2'"  1 
ATOM   202  C  "C1'"  . DA  A 1 7  ? 12.594  -11.327 -1.209  1.00 126.94 ? 7   DA  A "C1'"  1 
ATOM   203  N  N9     . DA  A 1 7  ? 12.193  -11.040 -2.583  1.00 119.51 ? 7   DA  A N9     1 
ATOM   204  C  C8     . DA  A 1 7  ? 11.345  -11.772 -3.367  1.00 121.86 ? 7   DA  A C8     1 
ATOM   205  N  N7     . DA  A 1 7  ? 11.170  -11.271 -4.568  1.00 116.83 ? 7   DA  A N7     1 
ATOM   206  C  C5     . DA  A 1 7  ? 11.957  -10.132 -4.569  1.00 115.86 ? 7   DA  A C5     1 
ATOM   207  C  C6     . DA  A 1 7  ? 12.208  -9.151  -5.550  1.00 123.06 ? 7   DA  A C6     1 
ATOM   208  N  N6     . DA  A 1 7  ? 11.664  -9.173  -6.772  1.00 126.10 ? 7   DA  A N6     1 
ATOM   209  N  N1     . DA  A 1 7  ? 13.045  -8.144  -5.227  1.00 122.06 ? 7   DA  A N1     1 
ATOM   210  C  C2     . DA  A 1 7  ? 13.590  -8.126  -4.004  1.00 121.58 ? 7   DA  A C2     1 
ATOM   211  N  N3     . DA  A 1 7  ? 13.430  -8.987  -3.003  1.00 116.88 ? 7   DA  A N3     1 
ATOM   212  C  C4     . DA  A 1 7  ? 12.594  -9.975  -3.354  1.00 115.88 ? 7   DA  A C4     1 
ATOM   213  H  "H5'"  . DA  A 1 7  ? 13.421  -15.057 -0.618  1.00 168.15 ? 7   DA  A "H5'"  1 
ATOM   214  H  "H5''" . DA  A 1 7  ? 12.755  -15.068 0.817   1.00 168.15 ? 7   DA  A "H5''" 1 
ATOM   215  H  "H4'"  . DA  A 1 7  ? 13.964  -13.113 0.616   1.00 157.73 ? 7   DA  A "H4'"  1 
ATOM   216  H  "H3'"  . DA  A 1 7  ? 11.408  -12.910 1.266   1.00 164.89 ? 7   DA  A "H3'"  1 
ATOM   217  H  "H2'"  . DA  A 1 7  ? 10.713  -11.996 -0.672  1.00 170.04 ? 7   DA  A "H2'"  1 
ATOM   218  H  "H2''" . DA  A 1 7  ? 11.129  -10.649 0.083   1.00 170.04 ? 7   DA  A "H2''" 1 
ATOM   219  H  "H1'"  . DA  A 1 7  ? 13.170  -10.616 -0.886  1.00 152.09 ? 7   DA  A "H1'"  1 
ATOM   220  H  H8     . DA  A 1 7  ? 10.931  -12.553 -3.077  1.00 145.99 ? 7   DA  A H8     1 
ATOM   221  H  H61    . DA  A 1 7  ? 11.851  -8.552  -7.337  1.00 151.08 ? 7   DA  A H61    1 
ATOM   222  H  H62    . DA  A 1 7  ? 11.129  -9.809  -6.993  1.00 151.08 ? 7   DA  A H62    1 
ATOM   223  H  H2     . DA  A 1 7  ? 14.161  -7.411  -3.831  1.00 145.66 ? 7   DA  A H2     1 
ATOM   224  P  P      . DC  A 1 8  ? 11.780  -10.480 2.713   1.00 169.19 ? 8   DC  A P      1 
ATOM   225  O  OP1    . DC  A 1 8  ? 12.434  -10.295 4.028   1.00 169.93 ? 8   DC  A OP1    1 
ATOM   226  O  OP2    . DC  A 1 8  ? 10.378  -10.952 2.642   1.00 155.37 ? 8   DC  A OP2    1 
ATOM   227  O  "O5'"  . DC  A 1 8  ? 11.877  -9.113  1.884   1.00 132.93 ? 8   DC  A "O5'"  1 
ATOM   228  C  "C5'"  . DC  A 1 8  ? 13.150  -8.514  1.649   1.00 134.96 ? 8   DC  A "C5'"  1 
ATOM   229  C  "C4'"  . DC  A 1 8  ? 13.016  -7.245  0.826   1.00 131.61 ? 8   DC  A "C4'"  1 
ATOM   230  O  "O4'"  . DC  A 1 8  ? 12.584  -7.580  -0.518  1.00 136.03 ? 8   DC  A "O4'"  1 
ATOM   231  C  "C3'"  . DC  A 1 8  ? 11.996  -6.231  1.360   1.00 132.67 ? 8   DC  A "C3'"  1 
ATOM   232  O  "O3'"  . DC  A 1 8  ? 12.640  -5.003  1.682   1.00 145.94 ? 8   DC  A "O3'"  1 
ATOM   233  C  "C2'"  . DC  A 1 8  ? 10.979  -6.079  0.220   1.00 126.17 ? 8   DC  A "C2'"  1 
ATOM   234  C  "C1'"  . DC  A 1 8  ? 11.757  -6.548  -0.991  1.00 120.41 ? 8   DC  A "C1'"  1 
ATOM   235  N  N1     . DC  A 1 8  ? 10.904  -7.077  -2.099  1.00 115.39 ? 8   DC  A N1     1 
ATOM   236  C  C2     . DC  A 1 8  ? 10.866  -6.407  -3.327  1.00 107.92 ? 8   DC  A C2     1 
ATOM   237  O  O2     . DC  A 1 8  ? 11.543  -5.382  -3.479  1.00 104.09 ? 8   DC  A O2     1 
ATOM   238  N  N3     . DC  A 1 8  ? 10.089  -6.901  -4.321  1.00 106.40 ? 8   DC  A N3     1 
ATOM   239  C  C4     . DC  A 1 8  ? 9.372   -8.008  -4.121  1.00 113.99 ? 8   DC  A C4     1 
ATOM   240  N  N4     . DC  A 1 8  ? 8.621   -8.458  -5.131  1.00 114.00 ? 8   DC  A N4     1 
ATOM   241  C  C5     . DC  A 1 8  ? 9.396   -8.705  -2.877  1.00 111.64 ? 8   DC  A C5     1 
ATOM   242  C  C6     . DC  A 1 8  ? 10.167  -8.209  -1.904  1.00 113.98 ? 8   DC  A C6     1 
ATOM   243  H  "H5'"  . DC  A 1 8  ? 13.715  -9.144  1.174   1.00 161.71 ? 8   DC  A "H5'"  1 
ATOM   244  H  "H5''" . DC  A 1 8  ? 13.562  -8.298  2.500   1.00 161.71 ? 8   DC  A "H5''" 1 
ATOM   245  H  "H4'"  . DC  A 1 8  ? 13.885  -6.816  0.775   1.00 157.69 ? 8   DC  A "H4'"  1 
ATOM   246  H  "H3'"  . DC  A 1 8  ? 11.557  -6.590  2.147   1.00 158.96 ? 8   DC  A "H3'"  1 
ATOM   247  H  "H2'"  . DC  A 1 8  ? 10.206  -6.646  0.372   1.00 151.17 ? 8   DC  A "H2'"  1 
ATOM   248  H  "H2''" . DC  A 1 8  ? 10.713  -5.152  0.119   1.00 151.17 ? 8   DC  A "H2''" 1 
ATOM   249  H  "H1'"  . DC  A 1 8  ? 12.306  -5.822  -1.324  1.00 144.26 ? 8   DC  A "H1'"  1 
ATOM   250  H  H41    . DC  A 1 8  ? 8.148   -9.169  -5.033  1.00 136.56 ? 8   DC  A H41    1 
ATOM   251  H  H42    . DC  A 1 8  ? 8.611   -8.036  -5.880  1.00 136.56 ? 8   DC  A H42    1 
ATOM   252  H  H5     . DC  A 1 8  ? 8.894   -9.478  -2.747  1.00 133.73 ? 8   DC  A H5     1 
ATOM   253  H  H6     . DC  A 1 8  ? 10.203  -8.643  -1.082  1.00 136.54 ? 8   DC  A H6     1 
ATOM   254  P  P      . DC  A 1 9  ? 11.781  -3.741  2.183   1.00 146.75 ? 9   DC  A P      1 
ATOM   255  O  OP1    . DC  A 1 9  ? 12.691  -2.842  2.927   1.00 141.33 ? 9   DC  A OP1    1 
ATOM   256  O  OP2    . DC  A 1 9  ? 10.554  -4.260  2.830   1.00 128.43 ? 9   DC  A OP2    1 
ATOM   257  O  "O5'"  . DC  A 1 9  ? 11.349  -3.018  0.826   1.00 111.06 ? 9   DC  A "O5'"  1 
ATOM   258  C  "C5'"  . DC  A 1 9  ? 10.701  -1.763  0.869   1.00 116.01 ? 9   DC  A "C5'"  1 
ATOM   259  C  "C4'"  . DC  A 1 9  ? 11.398  -0.769  -0.035  1.00 122.05 ? 9   DC  A "C4'"  1 
ATOM   260  O  "O4'"  . DC  A 1 9  ? 11.531  -1.333  -1.364  1.00 120.84 ? 9   DC  A "O4'"  1 
ATOM   261  C  "C3'"  . DC  A 1 9  ? 10.659  0.540   -0.233  1.00 128.52 ? 9   DC  A "C3'"  1 
ATOM   262  O  "O3'"  . DC  A 1 9  ? 11.572  1.593   -0.495  1.00 131.93 ? 9   DC  A "O3'"  1 
ATOM   263  C  "C2'"  . DC  A 1 9  ? 9.756   0.239   -1.420  1.00 123.44 ? 9   DC  A "C2'"  1 
ATOM   264  C  "C1'"  . DC  A 1 9  ? 10.573  -0.759  -2.238  1.00 112.82 ? 9   DC  A "C1'"  1 
ATOM   265  N  N1     . DC  A 1 9  ? 9.753   -1.852  -2.819  1.00 99.72  ? 9   DC  A N1     1 
ATOM   266  C  C2     . DC  A 1 9  ? 9.211   -1.708  -4.102  1.00 93.80  ? 9   DC  A C2     1 
ATOM   267  O  O2     . DC  A 1 9  ? 9.430   -0.669  -4.738  1.00 96.27  ? 9   DC  A O2     1 
ATOM   268  N  N3     . DC  A 1 9  ? 8.458   -2.714  -4.612  1.00 87.97  ? 9   DC  A N3     1 
ATOM   269  C  C4     . DC  A 1 9  ? 8.245   -3.818  -3.892  1.00 92.47  ? 9   DC  A C4     1 
ATOM   270  N  N4     . DC  A 1 9  ? 7.498   -4.784  -4.436  1.00 92.23  ? 9   DC  A N4     1 
ATOM   271  C  C5     . DC  A 1 9  ? 8.785   -3.979  -2.583  1.00 93.22  ? 9   DC  A C5     1 
ATOM   272  C  C6     . DC  A 1 9  ? 9.525   -2.982  -2.092  1.00 96.82  ? 9   DC  A C6     1 
ATOM   273  H  "H5'"  . DC  A 1 9  ? 10.713  -1.429  1.781   1.00 138.97 ? 9   DC  A "H5'"  1 
ATOM   274  H  "H5''" . DC  A 1 9  ? 9.781   -1.869  0.580   1.00 138.97 ? 9   DC  A "H5''" 1 
ATOM   275  H  "H4'"  . DC  A 1 9  ? 12.282  -0.583  0.321   1.00 146.22 ? 9   DC  A "H4'"  1 
ATOM   276  H  "H3'"  . DC  A 1 9  ? 10.126  0.744   0.551   1.00 153.98 ? 9   DC  A "H3'"  1 
ATOM   277  H  "H2'"  . DC  A 1 9  ? 8.923   -0.161  -1.123  1.00 147.88 ? 9   DC  A "H2'"  1 
ATOM   278  H  "H2''" . DC  A 1 9  ? 9.587   1.045   -1.933  1.00 147.88 ? 9   DC  A "H2''" 1 
ATOM   279  H  "H1'"  . DC  A 1 9  ? 11.031  -0.288  -2.952  1.00 135.14 ? 9   DC  A "H1'"  1 
ATOM   280  H  H41    . DC  A 1 9  ? 7.343   -5.507  -3.996  1.00 110.44 ? 9   DC  A H41    1 
ATOM   281  H  H42    . DC  A 1 9  ? 7.172   -4.683  -5.225  1.00 110.44 ? 9   DC  A H42    1 
ATOM   282  H  H5     . DC  A 1 9  ? 8.631   -4.753  -2.089  1.00 111.62 ? 9   DC  A H5     1 
ATOM   283  H  H6     . DC  A 1 9  ? 9.891   -3.059  -1.240  1.00 115.94 ? 9   DC  A H6     1 
ATOM   284  P  P      . DT  A 1 10 ? 11.111  3.118   -0.311  1.00 152.67 ? 10  DT  A P      1 
ATOM   285  O  OP1    . DT  A 1 10 ? 12.317  3.971   -0.415  1.00 150.38 ? 10  DT  A OP1    1 
ATOM   286  O  OP2    . DT  A 1 10 ? 10.261  3.191   0.897   1.00 131.27 ? 10  DT  A OP2    1 
ATOM   287  O  "O5'"  . DT  A 1 10 ? 10.179  3.382   -1.579  1.00 143.86 ? 10  DT  A "O5'"  1 
ATOM   288  C  "C5'"  . DT  A 1 10 ? 10.722  3.297   -2.888  1.00 135.59 ? 10  DT  A "C5'"  1 
ATOM   289  C  "C4'"  . DT  A 1 10 ? 9.713   3.755   -3.922  1.00 134.40 ? 10  DT  A "C4'"  1 
ATOM   290  O  "O4'"  . DT  A 1 10 ? 8.951   2.622   -4.396  1.00 126.08 ? 10  DT  A "O4'"  1 
ATOM   291  C  "C3'"  . DT  A 1 10 ? 8.685   4.772   -3.412  1.00 129.83 ? 10  DT  A "C3'"  1 
ATOM   292  O  "O3'"  . DT  A 1 10 ? 8.815   5.984   -4.133  1.00 135.24 ? 10  DT  A "O3'"  1 
ATOM   293  C  "C2'"  . DT  A 1 10 ? 7.324   4.091   -3.633  1.00 124.02 ? 10  DT  A "C2'"  1 
ATOM   294  C  "C1'"  . DT  A 1 10 ? 7.640   3.042   -4.680  1.00 125.35 ? 10  DT  A "C1'"  1 
ATOM   295  N  N1     . DT  A 1 10 ? 6.753   1.831   -4.680  1.00 111.02 ? 10  DT  A N1     1 
ATOM   296  C  C2     . DT  A 1 10 ? 5.889   1.635   -5.734  1.00 106.74 ? 10  DT  A C2     1 
ATOM   297  O  O2     . DT  A 1 10 ? 5.771   2.424   -6.655  1.00 110.81 ? 10  DT  A O2     1 
ATOM   298  N  N3     . DT  A 1 10 ? 5.150   0.485   -5.664  1.00 90.69  ? 10  DT  A N3     1 
ATOM   299  C  C4     . DT  A 1 10 ? 5.198   -0.481  -4.676  1.00 91.42  ? 10  DT  A C4     1 
ATOM   300  O  O4     . DT  A 1 10 ? 4.490   -1.483  -4.703  1.00 91.61  ? 10  DT  A O4     1 
ATOM   301  C  C5     . DT  A 1 10 ? 6.134   -0.225  -3.608  1.00 98.58  ? 10  DT  A C5     1 
ATOM   302  C  C7     . DT  A 1 10 ? 6.265   -1.202  -2.476  1.00 104.20 ? 10  DT  A C7     1 
ATOM   303  C  C6     . DT  A 1 10 ? 6.865   0.902   -3.662  1.00 97.61  ? 10  DT  A C6     1 
ATOM   304  H  "H5'"  . DT  A 1 10 ? 10.972  2.378   -3.071  1.00 162.47 ? 10  DT  A "H5'"  1 
ATOM   305  H  "H5''" . DT  A 1 10 ? 11.511  3.859   -2.942  1.00 162.47 ? 10  DT  A "H5''" 1 
ATOM   306  H  "H4'"  . DT  A 1 10 ? 10.190  4.145   -4.671  1.00 161.04 ? 10  DT  A "H4'"  1 
ATOM   307  H  "H3'"  . DT  A 1 10 ? 8.823   4.934   -2.466  1.00 155.56 ? 10  DT  A "H3'"  1 
ATOM   308  H  "H2'"  . DT  A 1 10 ? 7.012   3.676   -2.814  1.00 148.58 ? 10  DT  A "H2'"  1 
ATOM   309  H  "H2''" . DT  A 1 10 ? 6.673   4.727   -3.968  1.00 148.58 ? 10  DT  A "H2''" 1 
ATOM   310  H  "H1'"  . DT  A 1 10 ? 7.620   3.453   -5.558  1.00 150.18 ? 10  DT  A "H1'"  1 
ATOM   311  H  H3     . DT  A 1 10 ? 4.597   0.346   -6.307  1.00 108.58 ? 10  DT  A H3     1 
ATOM   312  H  H71    . DT  A 1 10 ? 7.175   -1.534  -2.439  1.00 124.80 ? 10  DT  A H71    1 
ATOM   313  H  H72    . DT  A 1 10 ? 6.046   -0.760  -1.641  1.00 124.80 ? 10  DT  A H72    1 
ATOM   314  H  H73    . DT  A 1 10 ? 5.656   -1.944  -2.618  1.00 124.80 ? 10  DT  A H73    1 
ATOM   315  H  H6     . DT  A 1 10 ? 7.472   1.069   -2.977  1.00 116.89 ? 10  DT  A H6     1 
ATOM   316  P  P      . DG  A 1 11 ? 8.298   7.364   -3.500  1.00 140.96 ? 11  DG  A P      1 
ATOM   317  O  OP1    . DG  A 1 11 ? 9.197   8.445   -3.958  1.00 150.84 ? 11  DG  A OP1    1 
ATOM   318  O  OP2    . DG  A 1 11 ? 8.087   7.151   -2.051  1.00 127.07 ? 11  DG  A OP2    1 
ATOM   319  O  "O5'"  . DG  A 1 11 ? 6.868   7.561   -4.174  1.00 132.16 ? 11  DG  A "O5'"  1 
ATOM   320  C  "C5'"  . DG  A 1 11 ? 6.688   7.301   -5.562  1.00 129.60 ? 11  DG  A "C5'"  1 
ATOM   321  C  "C4'"  . DG  A 1 11 ? 5.216   7.272   -5.904  1.00 121.00 ? 11  DG  A "C4'"  1 
ATOM   322  O  "O4'"  . DG  A 1 11 ? 4.731   5.895   -5.852  1.00 102.81 ? 11  DG  A "O4'"  1 
ATOM   323  C  "C3'"  . DG  A 1 11 ? 4.337   8.067   -4.939  1.00 121.64 ? 11  DG  A "C3'"  1 
ATOM   324  O  "O3'"  . DG  A 1 11 ? 3.330   8.781   -5.632  1.00 116.54 ? 11  DG  A "O3'"  1 
ATOM   325  C  "C2'"  . DG  A 1 11 ? 3.766   6.989   -4.035  1.00 120.89 ? 11  DG  A "C2'"  1 
ATOM   326  C  "C1'"  . DG  A 1 11 ? 3.606   5.828   -5.003  1.00 112.35 ? 11  DG  A "C1'"  1 
ATOM   327  N  N9     . DG  A 1 11 ? 3.550   4.512   -4.360  1.00 110.02 ? 11  DG  A N9     1 
ATOM   328  C  C8     . DG  A 1 11 ? 4.179   4.127   -3.200  1.00 107.18 ? 11  DG  A C8     1 
ATOM   329  N  N7     . DG  A 1 11 ? 3.936   2.892   -2.861  1.00 101.63 ? 11  DG  A N7     1 
ATOM   330  C  C5     . DG  A 1 11 ? 3.080   2.430   -3.851  1.00 102.67 ? 11  DG  A C5     1 
ATOM   331  C  C6     . DG  A 1 11 ? 2.477   1.159   -4.014  1.00 91.65  ? 11  DG  A C6     1 
ATOM   332  O  O6     . DG  A 1 11 ? 2.587   0.160   -3.291  1.00 94.21  ? 11  DG  A O6     1 
ATOM   333  N  N1     . DG  A 1 11 ? 1.680   1.109   -5.154  1.00 90.00  ? 11  DG  A N1     1 
ATOM   334  C  C2     . DG  A 1 11 ? 1.490   2.155   -6.026  1.00 97.02  ? 11  DG  A C2     1 
ATOM   335  N  N2     . DG  A 1 11 ? 0.684   1.915   -7.070  1.00 87.49  ? 11  DG  A N2     1 
ATOM   336  N  N3     . DG  A 1 11 ? 2.049   3.350   -5.887  1.00 97.22  ? 11  DG  A N3     1 
ATOM   337  C  C4     . DG  A 1 11 ? 2.828   3.415   -4.780  1.00 105.87 ? 11  DG  A C4     1 
ATOM   338  H  "H5'"  . DG  A 1 11 ? 7.087   6.445   -5.783  1.00 155.28 ? 11  DG  A "H5'"  1 
ATOM   339  H  "H5''" . DG  A 1 11 ? 7.123   7.999   -6.078  1.00 155.28 ? 11  DG  A "H5''" 1 
ATOM   340  H  "H4'"  . DG  A 1 11 ? 5.093   7.617   -6.802  1.00 144.95 ? 11  DG  A "H4'"  1 
ATOM   341  H  "H3'"  . DG  A 1 11 ? 4.883   8.678   -4.421  1.00 145.73 ? 11  DG  A "H3'"  1 
ATOM   342  H  "H2'"  . DG  A 1 11 ? 4.389   6.764   -3.326  1.00 144.83 ? 11  DG  A "H2'"  1 
ATOM   343  H  "H2''" . DG  A 1 11 ? 2.907   7.259   -3.673  1.00 144.83 ? 11  DG  A "H2''" 1 
ATOM   344  H  "H1'"  . DG  A 1 11 ? 2.801   5.960   -5.529  1.00 134.58 ? 11  DG  A "H1'"  1 
ATOM   345  H  H8     . DG  A 1 11 ? 4.736   4.689   -2.711  1.00 128.37 ? 11  DG  A H8     1 
ATOM   346  H  H1     . DG  A 1 11 ? 1.278   0.369   -5.325  1.00 107.76 ? 11  DG  A H1     1 
ATOM   347  H  H21    . DG  A 1 11 ? 0.531   2.536   -7.646  1.00 104.74 ? 11  DG  A H21    1 
ATOM   348  H  H22    . DG  A 1 11 ? 0.320   1.142   -7.165  1.00 104.74 ? 11  DG  A H22    1 
ATOM   349  P  P      . DA  A 1 12 ? 2.673   10.082  -4.958  1.00 124.77 ? 12  DA  A P      1 
ATOM   350  O  OP1    . DA  A 1 12 ? 3.380   11.268  -5.491  1.00 126.99 ? 12  DA  A OP1    1 
ATOM   351  O  OP2    . DA  A 1 12 ? 2.624   9.844   -3.498  1.00 109.78 ? 12  DA  A OP2    1 
ATOM   352  O  "O5'"  . DA  A 1 12 ? 1.174   10.083  -5.510  1.00 132.28 ? 12  DA  A "O5'"  1 
ATOM   353  C  "C5'"  . DA  A 1 12 ? 0.924   10.380  -6.875  1.00 126.43 ? 12  DA  A "C5'"  1 
ATOM   354  C  "C4'"  . DA  A 1 12 ? -0.091  9.417   -7.461  1.00 120.75 ? 12  DA  A "C4'"  1 
ATOM   355  O  "O4'"  . DA  A 1 12 ? 0.204   8.068   -7.002  1.00 110.26 ? 12  DA  A "O4'"  1 
ATOM   356  C  "C3'"  . DA  A 1 12 ? -1.544  9.687   -7.070  1.00 121.11 ? 12  DA  A "C3'"  1 
ATOM   357  O  "O3'"  . DA  A 1 12 ? -2.396  9.520   -8.199  1.00 128.46 ? 12  DA  A "O3'"  1 
ATOM   358  C  "C2'"  . DA  A 1 12 ? -1.817  8.663   -5.974  1.00 106.74 ? 12  DA  A "C2'"  1 
ATOM   359  C  "C1'"  . DA  A 1 12 ? -0.939  7.500   -6.393  1.00 99.32  ? 12  DA  A "C1'"  1 
ATOM   360  N  N9     . DA  A 1 12 ? -0.502  6.655   -5.288  1.00 98.30  ? 12  DA  A N9     1 
ATOM   361  C  C8     . DA  A 1 12 ? 0.368   6.993   -4.292  1.00 99.23  ? 12  DA  A C8     1 
ATOM   362  N  N7     . DA  A 1 12 ? 0.591   6.026   -3.432  1.00 99.77  ? 12  DA  A N7     1 
ATOM   363  C  C5     . DA  A 1 12 ? -0.187  4.981   -3.899  1.00 93.49  ? 12  DA  A C5     1 
ATOM   364  C  C6     . DA  A 1 12 ? -0.396  3.668   -3.429  1.00 96.74  ? 12  DA  A C6     1 
ATOM   365  N  N6     . DA  A 1 12 ? 0.194   3.174   -2.335  1.00 98.89  ? 12  DA  A N6     1 
ATOM   366  N  N1     . DA  A 1 12 ? -1.238  2.880   -4.130  1.00 91.44  ? 12  DA  A N1     1 
ATOM   367  C  C2     . DA  A 1 12 ? -1.827  3.377   -5.224  1.00 89.50  ? 12  DA  A C2     1 
ATOM   368  N  N3     . DA  A 1 12 ? -1.710  4.591   -5.761  1.00 91.81  ? 12  DA  A N3     1 
ATOM   369  C  C4     . DA  A 1 12 ? -0.867  5.351   -5.043  1.00 95.20  ? 12  DA  A C4     1 
ATOM   370  H  "H5'"  . DA  A 1 12 ? 1.753   10.311  -7.373  1.00 151.48 ? 12  DA  A "H5'"  1 
ATOM   371  H  "H5''" . DA  A 1 12 ? 0.583   11.286  -6.947  1.00 151.48 ? 12  DA  A "H5''" 1 
ATOM   372  H  "H4'"  . DA  A 1 12 ? -0.020  9.440   -8.428  1.00 144.65 ? 12  DA  A "H4'"  1 
ATOM   373  H  "H3'"  . DA  A 1 12 ? -1.631  10.586  -6.715  1.00 145.10 ? 12  DA  A "H3'"  1 
ATOM   374  H  "H2'"  . DA  A 1 12 ? -1.545  9.005   -5.108  1.00 127.85 ? 12  DA  A "H2'"  1 
ATOM   375  H  "H2''" . DA  A 1 12 ? -2.752  8.405   -5.969  1.00 127.85 ? 12  DA  A "H2''" 1 
ATOM   376  H  "H1'"  . DA  A 1 12 ? -1.413  6.958   -7.043  1.00 118.94 ? 12  DA  A "H1'"  1 
ATOM   377  H  H8     . DA  A 1 12 ? 0.768   7.830   -4.230  1.00 118.83 ? 12  DA  A H8     1 
ATOM   378  H  H61    . DA  A 1 12 ? 0.034   2.367   -2.087  1.00 118.43 ? 12  DA  A H61    1 
ATOM   379  H  H62    . DA  A 1 12 ? 0.733   3.666   -1.878  1.00 118.43 ? 12  DA  A H62    1 
ATOM   380  H  H2     . DA  A 1 12 ? -2.398  2.796   -5.671  1.00 107.16 ? 12  DA  A H2     1 
ATOM   381  P  P      . DC  A 1 13 ? -3.964  9.845   -8.095  1.00 140.29 ? 13  DC  A P      1 
ATOM   382  O  OP1    . DC  A 1 13 ? -4.409  10.374  -9.403  1.00 135.08 ? 13  DC  A OP1    1 
ATOM   383  O  OP2    . DC  A 1 13 ? -4.174  10.648  -6.871  1.00 131.29 ? 13  DC  A OP2    1 
ATOM   384  O  "O5'"  . DC  A 1 13 ? -4.638  8.414   -7.864  1.00 115.51 ? 13  DC  A "O5'"  1 
ATOM   385  C  "C5'"  . DC  A 1 13 ? -6.042  8.275   -7.981  1.00 118.04 ? 13  DC  A "C5'"  1 
ATOM   386  C  "C4'"  . DC  A 1 13 ? -6.499  6.899   -7.529  1.00 115.88 ? 13  DC  A "C4'"  1 
ATOM   387  O  "O4'"  . DC  A 1 13 ? -5.493  6.307   -6.685  1.00 106.33 ? 13  DC  A "O4'"  1 
ATOM   388  C  "C3'"  . DC  A 1 13 ? -7.783  6.892   -6.698  1.00 129.73 ? 13  DC  A "C3'"  1 
ATOM   389  O  "O3'"  . DC  A 1 13 ? -8.895  6.505   -7.501  1.00 130.55 ? 13  DC  A "O3'"  1 
ATOM   390  C  "C2'"  . DC  A 1 13 ? -7.506  5.894   -5.558  1.00 112.32 ? 13  DC  A "C2'"  1 
ATOM   391  C  "C1'"  . DC  A 1 13 ? -6.113  5.355   -5.857  1.00 99.66  ? 13  DC  A "C1'"  1 
ATOM   392  N  N1     . DC  A 1 13 ? -5.259  5.144   -4.649  1.00 91.14  ? 13  DC  A N1     1 
ATOM   393  C  C2     . DC  A 1 13 ? -5.280  3.907   -3.992  1.00 95.32  ? 13  DC  A C2     1 
ATOM   394  O  O2     . DC  A 1 13 ? -6.019  3.012   -4.415  1.00 102.29 ? 13  DC  A O2     1 
ATOM   395  N  N3     . DC  A 1 13 ? -4.487  3.728   -2.907  1.00 93.17  ? 13  DC  A N3     1 
ATOM   396  C  C4     . DC  A 1 13 ? -3.702  4.718   -2.481  1.00 89.33  ? 13  DC  A C4     1 
ATOM   397  N  N4     . DC  A 1 13 ? -2.942  4.495   -1.406  1.00 91.15  ? 13  DC  A N4     1 
ATOM   398  C  C5     . DC  A 1 13 ? -3.662  5.982   -3.138  1.00 89.93  ? 13  DC  A C5     1 
ATOM   399  C  C6     . DC  A 1 13 ? -4.447  6.148   -4.209  1.00 93.50  ? 13  DC  A C6     1 
ATOM   400  H  "H5'"  . DC  A 1 13 ? -6.298  8.405   -8.907  1.00 141.41 ? 13  DC  A "H5'"  1 
ATOM   401  H  "H5''" . DC  A 1 13 ? -6.475  8.949   -7.434  1.00 141.41 ? 13  DC  A "H5''" 1 
ATOM   402  H  "H4'"  . DC  A 1 13 ? -6.625  6.337   -8.309  1.00 138.82 ? 13  DC  A "H4'"  1 
ATOM   403  H  "H3'"  . DC  A 1 13 ? -7.937  7.775   -6.328  1.00 155.43 ? 13  DC  A "H3'"  1 
ATOM   404  H  "H2'"  . DC  A 1 13 ? -7.517  6.348   -4.701  1.00 134.55 ? 13  DC  A "H2'"  1 
ATOM   405  H  "H2''" . DC  A 1 13 ? -8.159  5.175   -5.571  1.00 134.55 ? 13  DC  A "H2''" 1 
ATOM   406  H  "H1'"  . DC  A 1 13 ? -6.193  4.517   -6.340  1.00 119.35 ? 13  DC  A "H1'"  1 
ATOM   407  H  H41    . DC  A 1 13 ? -2.425  5.114   -1.107  1.00 109.14 ? 13  DC  A H41    1 
ATOM   408  H  H42    . DC  A 1 13 ? -2.968  3.731   -1.011  1.00 109.14 ? 13  DC  A H42    1 
ATOM   409  H  H5     . DC  A 1 13 ? -3.111  6.666   -2.834  1.00 107.68 ? 13  DC  A H5     1 
ATOM   410  H  H6     . DC  A 1 13 ? -4.442  6.963   -4.657  1.00 111.96 ? 13  DC  A H6     1 
ATOM   411  P  P      . DG  A 1 14 ? -10.376 7.010   -7.135  1.00 124.37 ? 14  DG  A P      1 
ATOM   412  O  OP1    . DG  A 1 14 ? -11.129 7.127   -8.403  1.00 137.28 ? 14  DG  A OP1    1 
ATOM   413  O  OP2    . DG  A 1 14 ? -10.254 8.188   -6.246  1.00 129.83 ? 14  DG  A OP2    1 
ATOM   414  O  "O5'"  . DG  A 1 14 ? -10.987 5.802   -6.284  1.00 103.01 ? 14  DG  A "O5'"  1 
ATOM   415  C  "C5'"  . DG  A 1 14 ? -11.191 4.536   -6.901  1.00 109.55 ? 14  DG  A "C5'"  1 
ATOM   416  C  "C4'"  . DG  A 1 14 ? -11.410 3.453   -5.862  1.00 116.96 ? 14  DG  A "C4'"  1 
ATOM   417  O  "O4'"  . DG  A 1 14 ? -10.214 3.321   -5.055  1.00 104.63 ? 14  DG  A "O4'"  1 
ATOM   418  C  "C3'"  . DG  A 1 14 ? -12.566 3.721   -4.894  1.00 129.89 ? 14  DG  A "C3'"  1 
ATOM   419  O  "O3'"  . DG  A 1 14 ? -13.530 2.670   -4.964  1.00 133.10 ? 14  DG  A "O3'"  1 
ATOM   420  C  "C2'"  . DG  A 1 14 ? -11.911 3.812   -3.514  1.00 119.42 ? 14  DG  A "C2'"  1 
ATOM   421  C  "C1'"  . DG  A 1 14 ? -10.563 3.136   -3.704  1.00 108.10 ? 14  DG  A "C1'"  1 
ATOM   422  N  N9     . DG  A 1 14 ? -9.498  3.697   -2.876  1.00 99.66  ? 14  DG  A N9     1 
ATOM   423  C  C8     . DG  A 1 14 ? -8.989  4.970   -2.945  1.00 94.18  ? 14  DG  A C8     1 
ATOM   424  N  N7     . DG  A 1 14 ? -8.033  5.196   -2.090  1.00 86.48  ? 14  DG  A N7     1 
ATOM   425  C  C5     . DG  A 1 14 ? -7.896  3.996   -1.407  1.00 88.22  ? 14  DG  A C5     1 
ATOM   426  C  C6     . DG  A 1 14 ? -7.015  3.641   -0.361  1.00 83.77  ? 14  DG  A C6     1 
ATOM   427  O  O6     . DG  A 1 14 ? -6.152  4.343   0.186   1.00 84.96  ? 14  DG  A O6     1 
ATOM   428  N  N1     . DG  A 1 14 ? -7.204  2.321   0.048   1.00 76.78  ? 14  DG  A N1     1 
ATOM   429  C  C2     . DG  A 1 14 ? -8.131  1.458   -0.489  1.00 78.72  ? 14  DG  A C2     1 
ATOM   430  N  N2     . DG  A 1 14 ? -8.170  0.223   0.033   1.00 73.36  ? 14  DG  A N2     1 
ATOM   431  N  N3     . DG  A 1 14 ? -8.963  1.780   -1.472  1.00 84.23  ? 14  DG  A N3     1 
ATOM   432  C  C4     . DG  A 1 14 ? -8.790  3.060   -1.880  1.00 88.84  ? 14  DG  A C4     1 
ATOM   433  H  "H5'"  . DG  A 1 14 ? -10.414 4.313   -7.435  1.00 131.22 ? 14  DG  A "H5'"  1 
ATOM   434  H  "H5''" . DG  A 1 14 ? -11.971 4.586   -7.478  1.00 131.22 ? 14  DG  A "H5''" 1 
ATOM   435  H  "H4'"  . DG  A 1 14 ? -11.573 2.612   -6.318  1.00 140.11 ? 14  DG  A "H4'"  1 
ATOM   436  H  "H3'"  . DG  A 1 14 ? -12.986 4.567   -5.113  1.00 155.63 ? 14  DG  A "H3'"  1 
ATOM   437  H  "H2'"  . DG  A 1 14 ? -11.794 4.739   -3.254  1.00 143.07 ? 14  DG  A "H2'"  1 
ATOM   438  H  "H2''" . DG  A 1 14 ? -12.440 3.337   -2.854  1.00 143.07 ? 14  DG  A "H2''" 1 
ATOM   439  H  "H1'"  . DG  A 1 14 ? -10.648 2.187   -3.521  1.00 129.47 ? 14  DG  A "H1'"  1 
ATOM   440  H  H8     . DG  A 1 14 ? -9.297  5.610   -3.546  1.00 112.78 ? 14  DG  A H8     1 
ATOM   441  H  H1     . DG  A 1 14 ? -6.705  2.025   0.684   1.00 91.90  ? 14  DG  A H1     1 
ATOM   442  H  H21    . DG  A 1 14 ? -8.731  -0.354  -0.268  1.00 87.78  ? 14  DG  A H21    1 
ATOM   443  H  H22    . DG  A 1 14 ? -7.632  0.009   0.669   1.00 87.78  ? 14  DG  A H22    1 
ATOM   444  P  P      . DG  A 1 15 ? -15.011 2.888   -4.379  1.00 120.46 ? 15  DG  A P      1 
ATOM   445  O  OP1    . DG  A 1 15 ? -15.938 2.048   -5.170  1.00 125.27 ? 15  DG  A OP1    1 
ATOM   446  O  OP2    . DG  A 1 15 ? -15.244 4.345   -4.271  1.00 118.78 ? 15  DG  A OP2    1 
ATOM   447  O  "O5'"  . DG  A 1 15 ? -14.930 2.303   -2.895  1.00 106.65 ? 15  DG  A "O5'"  1 
ATOM   448  C  "C5'"  . DG  A 1 15 ? -14.609 0.936   -2.682  1.00 112.51 ? 15  DG  A "C5'"  1 
ATOM   449  C  "C4'"  . DG  A 1 15 ? -14.053 0.727   -1.288  1.00 116.32 ? 15  DG  A "C4'"  1 
ATOM   450  O  "O4'"  . DG  A 1 15 ? -12.872 1.537   -1.124  1.00 105.31 ? 15  DG  A "O4'"  1 
ATOM   451  C  "C3'"  . DG  A 1 15 ? -14.997 1.136   -0.158  1.00 115.16 ? 15  DG  A "C3'"  1 
ATOM   452  O  "O3'"  . DG  A 1 15 ? -15.592 -0.012  0.434   1.00 95.53  ? 15  DG  A "O3'"  1 
ATOM   453  C  "C2'"  . DG  A 1 15 ? -14.118 1.910   0.835   1.00 112.74 ? 15  DG  A "C2'"  1 
ATOM   454  C  "C1'"  . DG  A 1 15 ? -12.716 1.846   0.235   1.00 104.31 ? 15  DG  A "C1'"  1 
ATOM   455  N  N9     . DG  A 1 15 ? -11.974 3.098   0.342   1.00 94.76  ? 15  DG  A N9     1 
ATOM   456  C  C8     . DG  A 1 15 ? -12.213 4.265   -0.342  1.00 96.32  ? 15  DG  A C8     1 
ATOM   457  N  N7     . DG  A 1 15 ? -11.381 5.223   -0.043  1.00 98.69  ? 15  DG  A N7     1 
ATOM   458  C  C5     . DG  A 1 15 ? -10.536 4.653   0.902   1.00 91.96  ? 15  DG  A C5     1 
ATOM   459  C  C6     . DG  A 1 15 ? -9.436  5.206   1.596   1.00 89.16  ? 15  DG  A C6     1 
ATOM   460  O  O6     . DG  A 1 15 ? -8.973  6.351   1.510   1.00 96.41  ? 15  DG  A O6     1 
ATOM   461  N  N1     . DG  A 1 15 ? -8.858  4.283   2.464   1.00 77.53  ? 15  DG  A N1     1 
ATOM   462  C  C2     . DG  A 1 15 ? -9.291  2.989   2.636   1.00 81.56  ? 15  DG  A C2     1 
ATOM   463  N  N2     . DG  A 1 15 ? -8.608  2.242   3.512   1.00 76.35  ? 15  DG  A N2     1 
ATOM   464  N  N3     . DG  A 1 15 ? -10.318 2.460   1.993   1.00 86.20  ? 15  DG  A N3     1 
ATOM   465  C  C4     . DG  A 1 15 ? -10.890 3.345   1.146   1.00 90.41  ? 15  DG  A C4     1 
ATOM   466  H  "H5'"  . DG  A 1 15 ? -13.946 0.658   -3.335  1.00 134.77 ? 15  DG  A "H5'"  1 
ATOM   467  H  "H5''" . DG  A 1 15 ? -15.409 0.399   -2.791  1.00 134.77 ? 15  DG  A "H5''" 1 
ATOM   468  H  "H4'"  . DG  A 1 15 ? -13.814 -0.207  -1.179  1.00 139.35 ? 15  DG  A "H4'"  1 
ATOM   469  H  "H3'"  . DG  A 1 15 ? -15.690 1.720   -0.505  1.00 137.95 ? 15  DG  A "H3'"  1 
ATOM   470  H  "H2'"  . DG  A 1 15 ? -14.416 2.830   0.904   1.00 135.05 ? 15  DG  A "H2'"  1 
ATOM   471  H  "H2''" . DG  A 1 15 ? -14.134 1.482   1.706   1.00 135.05 ? 15  DG  A "H2''" 1 
ATOM   472  H  "H1'"  . DG  A 1 15 ? -12.213 1.140   0.669   1.00 124.93 ? 15  DG  A "H1'"  1 
ATOM   473  H  H8     . DG  A 1 15 ? -12.902 4.361   -0.960  1.00 115.34 ? 15  DG  A H8     1 
ATOM   474  H  H1     . DG  A 1 15 ? -8.178  4.541   2.924   1.00 92.79  ? 15  DG  A H1     1 
ATOM   475  H  H21    . DG  A 1 15 ? -8.840  1.426   3.654   1.00 91.38  ? 15  DG  A H21    1 
ATOM   476  H  H22    . DG  A 1 15 ? -7.938  2.579   3.933   1.00 91.38  ? 15  DG  A H22    1 
ATOM   477  P  P      . DG  A 1 16 ? -16.635 0.150   1.645   1.00 110.41 ? 16  DG  A P      1 
ATOM   478  O  OP1    . DG  A 1 16 ? -17.569 -0.996  1.586   1.00 131.87 ? 16  DG  A OP1    1 
ATOM   479  O  OP2    . DG  A 1 16 ? -17.160 1.533   1.607   1.00 115.13 ? 16  DG  A OP2    1 
ATOM   480  O  "O5'"  . DG  A 1 16 ? -15.727 -0.005  2.952   1.00 109.28 ? 16  DG  A "O5'"  1 
ATOM   481  C  "C5'"  . DG  A 1 16 ? -14.885 -1.142  3.092   1.00 113.82 ? 16  DG  A "C5'"  1 
ATOM   482  C  "C4'"  . DG  A 1 16 ? -14.252 -1.193  4.471   1.00 101.74 ? 16  DG  A "C4'"  1 
ATOM   483  O  "O4'"  . DG  A 1 16 ? -13.141 -0.253  4.539   1.00 109.03 ? 16  DG  A "O4'"  1 
ATOM   484  C  "C3'"  . DG  A 1 16 ? -15.186 -0.818  5.622   1.00 97.42  ? 16  DG  A "C3'"  1 
ATOM   485  O  "O3'"  . DG  A 1 16 ? -14.978 -1.688  6.732   1.00 111.08 ? 16  DG  A "O3'"  1 
ATOM   486  C  "C2'"  . DG  A 1 16 ? -14.792 0.622   5.930   1.00 97.68  ? 16  DG  A "C2'"  1 
ATOM   487  C  "C1'"  . DG  A 1 16 ? -13.302 0.590   5.662   1.00 88.11  ? 16  DG  A "C1'"  1 
ATOM   488  N  N9     . DG  A 1 16 ? -12.706 1.887   5.358   1.00 87.45  ? 16  DG  A N9     1 
ATOM   489  C  C8     . DG  A 1 16 ? -13.023 2.722   4.315   1.00 80.73  ? 16  DG  A C8     1 
ATOM   490  N  N7     . DG  A 1 16 ? -12.305 3.810   4.284   1.00 77.51  ? 16  DG  A N7     1 
ATOM   491  C  C5     . DG  A 1 16 ? -11.448 3.684   5.371   1.00 76.71  ? 16  DG  A C5     1 
ATOM   492  C  C6     . DG  A 1 16 ? -10.440 4.555   5.844   1.00 73.14  ? 16  DG  A C6     1 
ATOM   493  O  O6     . DG  A 1 16 ? -10.090 5.649   5.378   1.00 71.20  ? 16  DG  A O6     1 
ATOM   494  N  N1     . DG  A 1 16 ? -9.807  4.045   6.977   1.00 71.66  ? 16  DG  A N1     1 
ATOM   495  C  C2     . DG  A 1 16 ? -10.113 2.843   7.575   1.00 78.01  ? 16  DG  A C2     1 
ATOM   496  N  N2     . DG  A 1 16 ? -9.397  2.516   8.662   1.00 71.89  ? 16  DG  A N2     1 
ATOM   497  N  N3     . DG  A 1 16 ? -11.056 2.019   7.140   1.00 83.40  ? 16  DG  A N3     1 
ATOM   498  C  C4     . DG  A 1 16 ? -11.680 2.502   6.039   1.00 83.39  ? 16  DG  A C4     1 
ATOM   499  H  "H5'"  . DG  A 1 16 ? -14.184 -1.102  2.423   1.00 136.34 ? 16  DG  A "H5'"  1 
ATOM   500  H  "H5''" . DG  A 1 16 ? -15.410 -1.946  2.955   1.00 136.34 ? 16  DG  A "H5''" 1 
ATOM   501  H  "H4'"  . DG  A 1 16 ? -13.913 -2.088  4.626   1.00 121.85 ? 16  DG  A "H4'"  1 
ATOM   502  H  "H3'"  . DG  A 1 16 ? -16.109 -0.858  5.331   1.00 116.66 ? 16  DG  A "H3'"  1 
ATOM   503  H  "H2'"  . DG  A 1 16 ? -15.240 1.240   5.330   1.00 116.97 ? 16  DG  A "H2'"  1 
ATOM   504  H  "H2''" . DG  A 1 16 ? -14.974 0.841   6.857   1.00 116.97 ? 16  DG  A "H2''" 1 
ATOM   505  H  "H1'"  . DG  A 1 16 ? -12.847 0.200   6.424   1.00 105.49 ? 16  DG  A "H1'"  1 
ATOM   506  H  H8     . DG  A 1 16 ? -13.691 2.534   3.695   1.00 96.64  ? 16  DG  A H8     1 
ATOM   507  H  H1     . DG  A 1 16 ? -9.178  4.516   7.328   1.00 85.75  ? 16  DG  A H1     1 
ATOM   508  H  H21    . DG  A 1 16 ? -9.551  1.776   9.071   1.00 86.03  ? 16  DG  A H21    1 
ATOM   509  H  H22    . DG  A 1 16 ? -8.784  3.047   8.948   1.00 86.03  ? 16  DG  A H22    1 
ATOM   510  P  P      . DA  A 1 17 ? -15.862 -1.537  8.064   1.00 127.35 ? 17  DA  A P      1 
ATOM   511  O  OP1    . DA  A 1 17 ? -16.011 -2.886  8.653   1.00 113.74 ? 17  DA  A OP1    1 
ATOM   512  O  OP2    . DA  A 1 17 ? -17.063 -0.746  7.714   1.00 111.75 ? 17  DA  A OP2    1 
ATOM   513  O  "O5'"  . DA  A 1 17 ? -14.952 -0.646  9.035   1.00 117.81 ? 17  DA  A "O5'"  1 
ATOM   514  C  "C5'"  . DA  A 1 17 ? -13.745 -1.183  9.572   1.00 120.41 ? 17  DA  A "C5'"  1 
ATOM   515  C  "C4'"  . DA  A 1 17 ? -13.215 -0.312  10.700  1.00 118.29 ? 17  DA  A "C4'"  1 
ATOM   516  O  "O4'"  . DA  A 1 17 ? -12.695 0.932   10.149  1.00 105.72 ? 17  DA  A "O4'"  1 
ATOM   517  C  "C3'"  . DA  A 1 17 ? -14.253 0.098   11.738  1.00 113.44 ? 17  DA  A "C3'"  1 
ATOM   518  O  "O3'"  . DA  A 1 17 ? -13.674 0.144   13.040  1.00 122.15 ? 17  DA  A "O3'"  1 
ATOM   519  C  "C2'"  . DA  A 1 17 ? -14.703 1.468   11.251  1.00 92.17  ? 17  DA  A "C2'"  1 
ATOM   520  C  "C1'"  . DA  A 1 17 ? -13.422 2.036   10.659  1.00 80.00  ? 17  DA  A "C1'"  1 
ATOM   521  N  N9     . DA  A 1 17 ? -13.632 2.990   9.578   1.00 80.21  ? 17  DA  A N9     1 
ATOM   522  C  C8     . DA  A 1 17 ? -14.601 2.950   8.613   1.00 82.51  ? 17  DA  A C8     1 
ATOM   523  N  N7     . DA  A 1 17 ? -14.539 3.945   7.760   1.00 87.61  ? 17  DA  A N7     1 
ATOM   524  C  C5     . DA  A 1 17 ? -13.448 4.683   8.190   1.00 83.26  ? 17  DA  A C5     1 
ATOM   525  C  C6     . DA  A 1 17 ? -12.851 5.865   7.709   1.00 66.43  ? 17  DA  A C6     1 
ATOM   526  N  N6     . DA  A 1 17 ? -13.291 6.531   6.639   1.00 61.12  ? 17  DA  A N6     1 
ATOM   527  N  N1     . DA  A 1 17 ? -11.775 6.336   8.373   1.00 58.31  ? 17  DA  A N1     1 
ATOM   528  C  C2     . DA  A 1 17 ? -11.334 5.667   9.444   1.00 71.57  ? 17  DA  A C2     1 
ATOM   529  N  N3     . DA  A 1 17 ? -11.812 4.551   9.988   1.00 84.20  ? 17  DA  A N3     1 
ATOM   530  C  C4     . DA  A 1 17 ? -12.878 4.107   9.307   1.00 87.24  ? 17  DA  A C4     1 
ATOM   531  H  "H5'"  . DA  A 1 17 ? -13.079 -1.234  8.869   1.00 144.25 ? 17  DA  A "H5'"  1 
ATOM   532  H  "H5''" . DA  A 1 17 ? -13.917 -2.075  9.913   1.00 144.25 ? 17  DA  A "H5''" 1 
ATOM   533  H  "H4'"  . DA  A 1 17 ? -12.493 -0.783  11.146  1.00 141.71 ? 17  DA  A "H4'"  1 
ATOM   534  H  "H3'"  . DA  A 1 17 ? -14.999 -0.523  11.726  1.00 135.88 ? 17  DA  A "H3'"  1 
ATOM   535  H  "H2'"  . DA  A 1 17 ? -15.389 1.384   10.571  1.00 110.36 ? 17  DA  A "H2'"  1 
ATOM   536  H  "H2''" . DA  A 1 17 ? -15.013 2.012   11.991  1.00 110.36 ? 17  DA  A "H2''" 1 
ATOM   537  H  "H1'"  . DA  A 1 17 ? -12.907 2.459   11.364  1.00 95.76  ? 17  DA  A "H1'"  1 
ATOM   538  H  H8     . DA  A 1 17 ? -15.247 2.283   8.571   1.00 98.77  ? 17  DA  A H8     1 
ATOM   539  H  H61    . DA  A 1 17 ? -12.890 7.248   6.383   1.00 73.10  ? 17  DA  A H61    1 
ATOM   540  H  H62    . DA  A 1 17 ? -13.975 6.243   6.205   1.00 73.10  ? 17  DA  A H62    1 
ATOM   541  H  H2     . DA  A 1 17 ? -10.591 6.033   9.866   1.00 85.65  ? 17  DA  A H2     1 
ATOM   542  P  P      . DC  A 1 18 ? -14.570 0.550   14.310  1.00 131.45 ? 18  DC  A P      1 
ATOM   543  O  OP1    . DC  A 1 18 ? -14.185 -0.336  15.431  1.00 115.09 ? 18  DC  A OP1    1 
ATOM   544  O  OP2    . DC  A 1 18 ? -15.979 0.593   13.860  1.00 128.66 ? 18  DC  A OP2    1 
ATOM   545  O  "O5'"  . DC  A 1 18 ? -14.108 2.047   14.642  1.00 114.40 ? 18  DC  A "O5'"  1 
ATOM   546  C  "C5'"  . DC  A 1 18 ? -13.123 2.277   15.643  1.00 112.15 ? 18  DC  A "C5'"  1 
ATOM   547  C  "C4'"  . DC  A 1 18 ? -12.256 3.479   15.300  1.00 106.46 ? 18  DC  A "C4'"  1 
ATOM   548  O  "O4'"  . DC  A 1 18 ? -12.510 3.892   13.924  1.00 98.83  ? 18  DC  A "O4'"  1 
ATOM   549  C  "C3'"  . DC  A 1 18 ? -12.505 4.728   16.152  1.00 93.14  ? 18  DC  A "C3'"  1 
ATOM   550  O  "O3'"  . DC  A 1 18 ? -11.267 5.366   16.470  1.00 102.91 ? 18  DC  A "O3'"  1 
ATOM   551  C  "C2'"  . DC  A 1 18 ? -13.378 5.578   15.242  1.00 104.60 ? 18  DC  A "C2'"  1 
ATOM   552  C  "C1'"  . DC  A 1 18 ? -12.745 5.286   13.905  1.00 91.79  ? 18  DC  A "C1'"  1 
ATOM   553  N  N1     . DC  A 1 18 ? -13.578 5.629   12.713  1.00 87.90  ? 18  DC  A N1     1 
ATOM   554  C  C2     . DC  A 1 18 ? -13.259 6.762   11.956  1.00 84.48  ? 18  DC  A C2     1 
ATOM   555  O  O2     . DC  A 1 18 ? -12.309 7.474   12.304  1.00 83.88  ? 18  DC  A O2     1 
ATOM   556  N  N3     . DC  A 1 18 ? -14.007 7.056   10.866  1.00 77.67  ? 18  DC  A N3     1 
ATOM   557  C  C4     . DC  A 1 18 ? -15.025 6.268   10.523  1.00 81.82  ? 18  DC  A C4     1 
ATOM   558  N  N4     . DC  A 1 18 ? -15.732 6.601   9.437   1.00 76.88  ? 18  DC  A N4     1 
ATOM   559  C  C5     . DC  A 1 18 ? -15.362 5.102   11.274  1.00 86.13  ? 18  DC  A C5     1 
ATOM   560  C  C6     . DC  A 1 18 ? -14.616 4.822   12.350  1.00 93.17  ? 18  DC  A C6     1 
ATOM   561  H  "H5'"  . DC  A 1 18 ? -12.559 1.492   15.721  1.00 134.33 ? 18  DC  A "H5'"  1 
ATOM   562  H  "H5''" . DC  A 1 18 ? -13.564 2.437   16.493  1.00 134.33 ? 18  DC  A "H5''" 1 
ATOM   563  H  "H4'"  . DC  A 1 18 ? -11.325 3.225   15.382  1.00 127.51 ? 18  DC  A "H4'"  1 
ATOM   564  H  "H3'"  . DC  A 1 18 ? -12.986 4.495   16.963  1.00 111.53 ? 18  DC  A "H3'"  1 
ATOM   565  H  "H2'"  . DC  A 1 18 ? -14.301 5.279   15.264  1.00 125.27 ? 18  DC  A "H2'"  1 
ATOM   566  H  "H2''" . DC  A 1 18 ? -13.305 6.518   15.466  1.00 125.27 ? 18  DC  A "H2''" 1 
ATOM   567  H  "H1'"  . DC  A 1 18 ? -11.896 5.751   13.846  1.00 109.90 ? 18  DC  A "H1'"  1 
ATOM   568  H  H41    . DC  A 1 18 ? -16.394 6.113   9.189   1.00 92.02  ? 18  DC  A H41    1 
ATOM   569  H  H42    . DC  A 1 18 ? -15.522 7.303   8.986   1.00 92.02  ? 18  DC  A H42    1 
ATOM   570  H  H5     . DC  A 1 18 ? -16.074 4.558   11.027  1.00 103.11 ? 18  DC  A H5     1 
ATOM   571  H  H6     . DC  A 1 18 ? -14.812 4.069   12.861  1.00 111.56 ? 18  DC  A H6     1 
ATOM   572  P  P      . DT  A 1 19 ? -11.041 6.074   17.895  1.00 124.42 ? 19  DT  A P      1 
ATOM   573  O  OP1    . DT  A 1 19 ? -9.582  6.113   18.133  1.00 117.11 ? 19  DT  A OP1    1 
ATOM   574  O  OP2    . DT  A 1 19 ? -11.929 5.420   18.885  1.00 100.12 ? 19  DT  A OP2    1 
ATOM   575  O  "O5'"  . DT  A 1 19 ? -11.552 7.574   17.663  1.00 110.66 ? 19  DT  A "O5'"  1 
ATOM   576  C  "C5'"  . DT  A 1 19 ? -11.378 8.198   16.390  1.00 85.60  ? 19  DT  A "C5'"  1 
ATOM   577  C  "C4'"  . DT  A 1 19 ? -10.850 9.612   16.535  1.00 93.80  ? 19  DT  A "C4'"  1 
ATOM   578  O  "O4'"  . DT  A 1 19 ? -11.304 10.412  15.418  1.00 113.71 ? 19  DT  A "O4'"  1 
ATOM   579  C  "C3'"  . DT  A 1 19 ? -11.338 10.370  17.745  1.00 87.32  ? 19  DT  A "C3'"  1 
ATOM   580  O  "O3'"  . DT  A 1 19 ? -10.434 11.431  18.047  1.00 97.68  ? 19  DT  A "O3'"  1 
ATOM   581  C  "C2'"  . DT  A 1 19 ? -12.709 10.862  17.280  1.00 94.19  ? 19  DT  A "C2'"  1 
ATOM   582  C  "C1'"  . DT  A 1 19 ? -12.491 11.109  15.777  1.00 88.99  ? 19  DT  A "C1'"  1 
ATOM   583  N  N1     . DT  A 1 19 ? -13.595 10.633  14.856  1.00 79.40  ? 19  DT  A N1     1 
ATOM   584  C  C2     . DT  A 1 19 ? -13.798 11.313  13.677  1.00 77.57  ? 19  DT  A C2     1 
ATOM   585  O  O2     . DT  A 1 19 ? -13.152 12.297  13.356  1.00 76.12  ? 19  DT  A O2     1 
ATOM   586  N  N3     . DT  A 1 19 ? -14.785 10.806  12.881  1.00 73.93  ? 19  DT  A N3     1 
ATOM   587  C  C4     . DT  A 1 19 ? -15.576 9.702   13.132  1.00 70.53  ? 19  DT  A C4     1 
ATOM   588  O  O4     . DT  A 1 19 ? -16.443 9.327   12.350  1.00 71.37  ? 19  DT  A O4     1 
ATOM   589  C  C5     . DT  A 1 19 ? -15.313 9.021   14.376  1.00 63.71  ? 19  DT  A C5     1 
ATOM   590  C  C7     . DT  A 1 19 ? -16.121 7.812   14.752  1.00 65.94  ? 19  DT  A C7     1 
ATOM   591  C  C6     . DT  A 1 19 ? -14.341 9.507   15.171  1.00 67.36  ? 19  DT  A C6     1 
ATOM   592  H  "H5'"  . DT  A 1 19 ? -12.231 8.225   15.931  1.00 102.47 ? 19  DT  A "H5'"  1 
ATOM   593  H  "H5''" . DT  A 1 19 ? -10.750 7.678   15.866  1.00 102.47 ? 19  DT  A "H5''" 1 
ATOM   594  H  "H4'"  . DT  A 1 19 ? -9.880  9.593   16.540  1.00 112.32 ? 19  DT  A "H4'"  1 
ATOM   595  H  "H3'"  . DT  A 1 19 ? -11.430 9.773   18.504  1.00 104.54 ? 19  DT  A "H3'"  1 
ATOM   596  H  "H2'"  . DT  A 1 19 ? -13.384 10.180  17.422  1.00 112.79 ? 19  DT  A "H2'"  1 
ATOM   597  H  "H2''" . DT  A 1 19 ? -12.949 11.686  17.732  1.00 112.79 ? 19  DT  A "H2''" 1 
ATOM   598  H  "H1'"  . DT  A 1 19 ? -12.353 12.058  15.634  1.00 106.55 ? 19  DT  A "H1'"  1 
ATOM   599  H  H3     . DT  A 1 19 ? -14.930 11.218  12.140  1.00 88.47  ? 19  DT  A H3     1 
ATOM   600  H  H71    . DT  A 1 19 ? -16.773 7.631   14.058  1.00 78.88  ? 19  DT  A H71    1 
ATOM   601  H  H72    . DT  A 1 19 ? -15.531 7.048   14.850  1.00 78.88  ? 19  DT  A H72    1 
ATOM   602  H  H73    . DT  A 1 19 ? -16.579 7.977   15.591  1.00 78.88  ? 19  DT  A H73    1 
ATOM   603  H  H6     . DT  A 1 19 ? -14.171 9.074   15.976  1.00 80.60  ? 19  DT  A H6     1 
ATOM   604  P  P      . DC  A 1 20 ? -10.518 12.226  19.440  1.00 125.14 ? 20  DC  A P      1 
ATOM   605  O  OP1    . DC  A 1 20 ? -9.134  12.423  19.929  1.00 110.20 ? 20  DC  A OP1    1 
ATOM   606  O  OP2    . DC  A 1 20 ? -11.516 11.546  20.296  1.00 141.46 ? 20  DC  A OP2    1 
ATOM   607  O  "O5'"  . DC  A 1 20 ? -11.120 13.646  19.022  1.00 97.81  ? 20  DC  A "O5'"  1 
ATOM   608  C  "C5'"  . DC  A 1 20 ? -10.558 14.367  17.928  1.00 91.03  ? 20  DC  A "C5'"  1 
ATOM   609  C  "C4'"  . DC  A 1 20 ? -11.487 15.480  17.483  1.00 99.11  ? 20  DC  A "C4'"  1 
ATOM   610  O  "O4'"  . DC  A 1 20 ? -12.592 14.916  16.712  1.00 97.82  ? 20  DC  A "O4'"  1 
ATOM   611  C  "C3'"  . DC  A 1 20 ? -12.135 16.260  18.624  1.00 99.55  ? 20  DC  A "C3'"  1 
ATOM   612  O  "O3'"  . DC  A 1 20 ? -12.281 17.630  18.273  1.00 97.39  ? 20  DC  A "O3'"  1 
ATOM   613  C  "C2'"  . DC  A 1 20 ? -13.470 15.552  18.788  1.00 87.93  ? 20  DC  A "C2'"  1 
ATOM   614  C  "C1'"  . DC  A 1 20 ? -13.823 15.232  17.339  1.00 91.20  ? 20  DC  A "C1'"  1 
ATOM   615  N  N1     . DC  A 1 20 ? -14.789 14.084  17.139  1.00 74.98  ? 20  DC  A N1     1 
ATOM   616  C  C2     . DC  A 1 20 ? -15.425 13.944  15.902  1.00 78.29  ? 20  DC  A C2     1 
ATOM   617  O  O2     . DC  A 1 20 ? -15.180 14.758  15.004  1.00 86.47  ? 20  DC  A O2     1 
ATOM   618  N  N3     . DC  A 1 20 ? -16.291 12.918  15.717  1.00 64.24  ? 20  DC  A N3     1 
ATOM   619  C  C4     . DC  A 1 20 ? -16.531 12.062  16.703  1.00 67.27  ? 20  DC  A C4     1 
ATOM   620  N  N4     . DC  A 1 20 ? -17.390 11.066  16.469  1.00 68.11  ? 20  DC  A N4     1 
ATOM   621  C  C5     . DC  A 1 20 ? -15.896 12.180  17.974  1.00 76.96  ? 20  DC  A C5     1 
ATOM   622  C  C6     . DC  A 1 20 ? -15.045 13.198  18.149  1.00 77.49  ? 20  DC  A C6     1 
ATOM   623  H  "H5'"  . DC  A 1 20 ? -10.412 13.759  17.186  1.00 108.99 ? 20  DC  A "H5'"  1 
ATOM   624  H  "H5''" . DC  A 1 20 ? -9.709  14.750  18.199  1.00 108.99 ? 20  DC  A "H5''" 1 
ATOM   625  H  "H4'"  . DC  A 1 20 ? -10.993 16.097  16.920  1.00 118.70 ? 20  DC  A "H4'"  1 
ATOM   626  H  "H3'"  . DC  A 1 20 ? -11.606 16.173  19.433  1.00 119.22 ? 20  DC  A "H3'"  1 
ATOM   627  H  "H2'"  . DC  A 1 20 ? -13.372 14.740  19.308  1.00 105.27 ? 20  DC  A "H2'"  1 
ATOM   628  H  "H2''" . DC  A 1 20 ? -14.131 16.144  19.182  1.00 105.27 ? 20  DC  A "H2''" 1 
ATOM   629  H  "H1'"  . DC  A 1 20 ? -14.191 16.027  16.923  1.00 109.20 ? 20  DC  A "H1'"  1 
ATOM   630  H  H41    . DC  A 1 20 ? -17.566 10.495  17.087  1.00 81.49  ? 20  DC  A H41    1 
ATOM   631  H  H42    . DC  A 1 20 ? -17.766 10.996  15.699  1.00 81.49  ? 20  DC  A H42    1 
ATOM   632  H  H5     . DC  A 1 20 ? -16.071 11.575  18.658  1.00 92.11  ? 20  DC  A H5     1 
ATOM   633  H  H6     . DC  A 1 20 ? -14.615 13.300  18.968  1.00 92.74  ? 20  DC  A H6     1 
ATOM   634  P  P      . DA  A 1 21 ? -12.588 18.741  19.393  1.00 109.38 ? 21  DA  A P      1 
ATOM   635  O  OP1    . DA  A 1 21 ? -11.295 19.253  19.897  1.00 105.60 ? 21  DA  A OP1    1 
ATOM   636  O  OP2    . DA  A 1 21 ? -13.575 18.173  20.334  1.00 95.55  ? 21  DA  A OP2    1 
ATOM   637  O  "O5'"  . DA  A 1 21 ? -13.316 19.906  18.572  1.00 103.20 ? 21  DA  A "O5'"  1 
ATOM   638  C  "C5'"  . DA  A 1 21 ? -12.742 20.380  17.361  1.00 88.58  ? 21  DA  A "C5'"  1 
ATOM   639  C  "C4'"  . DA  A 1 21 ? -13.768 20.390  16.241  1.00 86.84  ? 21  DA  A "C4'"  1 
ATOM   640  O  "O4'"  . DA  A 1 21 ? -14.425 19.090  16.181  1.00 90.89  ? 21  DA  A "O4'"  1 
ATOM   641  C  "C3'"  . DA  A 1 21 ? -14.889 21.419  16.395  1.00 88.94  ? 21  DA  A "C3'"  1 
ATOM   642  O  "O3'"  . DA  A 1 21 ? -15.186 22.028  15.142  1.00 90.74  ? 21  DA  A "O3'"  1 
ATOM   643  C  "C2'"  . DA  A 1 21 ? -16.055 20.598  16.925  1.00 92.46  ? 21  DA  A "C2'"  1 
ATOM   644  C  "C1'"  . DA  A 1 21 ? -15.828 19.253  16.259  1.00 78.16  ? 21  DA  A "C1'"  1 
ATOM   645  N  N9     . DA  A 1 21 ? -16.399 18.120  16.988  1.00 89.19  ? 21  DA  A N9     1 
ATOM   646  C  C8     . DA  A 1 21 ? -16.123 17.742  18.272  1.00 89.66  ? 21  DA  A C8     1 
ATOM   647  N  N7     . DA  A 1 21 ? -16.781 16.676  18.664  1.00 84.80  ? 21  DA  A N7     1 
ATOM   648  C  C5     . DA  A 1 21 ? -17.544 16.331  17.560  1.00 84.53  ? 21  DA  A C5     1 
ATOM   649  C  C6     . DA  A 1 21 ? -18.458 15.286  17.329  1.00 76.34  ? 21  DA  A C6     1 
ATOM   650  N  N6     . DA  A 1 21 ? -18.773 14.367  18.249  1.00 70.15  ? 21  DA  A N6     1 
ATOM   651  N  N1     . DA  A 1 21 ? -19.050 15.229  16.117  1.00 82.05  ? 21  DA  A N1     1 
ATOM   652  C  C2     . DA  A 1 21 ? -18.735 16.154  15.201  1.00 91.98  ? 21  DA  A C2     1 
ATOM   653  N  N3     . DA  A 1 21 ? -17.889 17.179  15.300  1.00 86.60  ? 21  DA  A N3     1 
ATOM   654  C  C4     . DA  A 1 21 ? -17.320 17.211  16.517  1.00 90.57  ? 21  DA  A C4     1 
ATOM   655  H  "H5'"  . DA  A 1 21 ? -12.004 19.802  17.111  1.00 106.06 ? 21  DA  A "H5'"  1 
ATOM   656  H  "H5''" . DA  A 1 21 ? -12.411 21.281  17.497  1.00 106.06 ? 21  DA  A "H5''" 1 
ATOM   657  H  "H4'"  . DA  A 1 21 ? -13.311 20.548  15.401  1.00 103.97 ? 21  DA  A "H4'"  1 
ATOM   658  H  "H3'"  . DA  A 1 21 ? -14.634 22.095  17.043  1.00 106.48 ? 21  DA  A "H3'"  1 
ATOM   659  H  "HO3'" . DA  A 1 21 ? -15.959 21.970  14.820  1.00 108.65 ? 21  DA  A "HO3'" 1 
ATOM   660  H  "H2'"  . DA  A 1 21 ? -16.008 20.517  17.891  1.00 110.71 ? 21  DA  A "H2'"  1 
ATOM   661  H  "H2''" . DA  A 1 21 ? -16.902 20.982  16.649  1.00 110.71 ? 21  DA  A "H2''" 1 
ATOM   662  H  "H1'"  . DA  A 1 21 ? -16.198 19.275  15.362  1.00 93.55  ? 21  DA  A "H1'"  1 
ATOM   663  H  H8     . DA  A 1 21 ? -15.521 18.195  18.817  1.00 107.35 ? 21  DA  A H8     1 
ATOM   664  H  H61    . DA  A 1 21 ? -19.344 13.751  18.065  1.00 83.94  ? 21  DA  A H61    1 
ATOM   665  H  H62    . DA  A 1 21 ? -18.403 14.392  19.025  1.00 83.94  ? 21  DA  A H62    1 
ATOM   666  H  H2     . DA  A 1 21 ? -19.167 16.069  14.381  1.00 110.13 ? 21  DA  A H2     1 
ATOM   667  P  P      . DC  B 2 1  ? -0.724  3.864   10.619  1.00 124.87 ? 0   DC  B P      1 
ATOM   668  O  OP1    . DC  B 2 1  ? 0.605   4.310   10.141  1.00 74.06  ? 0   DC  B OP1    1 
ATOM   669  O  OP2    . DC  B 2 1  ? -0.962  3.683   12.066  1.00 102.51 ? 0   DC  B OP2    1 
ATOM   670  O  "O5'"  . DC  B 2 1  ? -1.832  4.875   10.070  1.00 87.39  ? 0   DC  B "O5'"  1 
ATOM   671  C  "C5'"  . DC  B 2 1  ? -2.500  4.597   8.854   1.00 77.16  ? 0   DC  B "C5'"  1 
ATOM   672  C  "C4'"  . DC  B 2 1  ? -3.635  3.618   9.085   1.00 76.46  ? 0   DC  B "C4'"  1 
ATOM   673  O  "O4'"  . DC  B 2 1  ? -4.892  4.263   8.774   1.00 80.49  ? 0   DC  B "O4'"  1 
ATOM   674  C  "C3'"  . DC  B 2 1  ? -3.567  2.360   8.234   1.00 90.47  ? 0   DC  B "C3'"  1 
ATOM   675  O  "O3'"  . DC  B 2 1  ? -3.038  1.288   9.005   1.00 92.63  ? 0   DC  B "O3'"  1 
ATOM   676  C  "C2'"  . DC  B 2 1  ? -5.011  2.106   7.807   1.00 66.51  ? 0   DC  B "C2'"  1 
ATOM   677  C  "C1'"  . DC  B 2 1  ? -5.675  3.471   7.910   1.00 70.63  ? 0   DC  B "C1'"  1 
ATOM   678  N  N1     . DC  B 2 1  ? -5.815  4.206   6.616   1.00 68.92  ? 0   DC  B N1     1 
ATOM   679  C  C2     . DC  B 2 1  ? -6.808  3.828   5.709   1.00 68.41  ? 0   DC  B C2     1 
ATOM   680  O  O2     . DC  B 2 1  ? -7.528  2.858   5.972   1.00 65.34  ? 0   DC  B O2     1 
ATOM   681  N  N3     . DC  B 2 1  ? -6.942  4.526   4.553   1.00 64.37  ? 0   DC  B N3     1 
ATOM   682  C  C4     . DC  B 2 1  ? -6.143  5.564   4.304   1.00 67.63  ? 0   DC  B C4     1 
ATOM   683  N  N4     . DC  B 2 1  ? -6.312  6.223   3.152   1.00 76.49  ? 0   DC  B N4     1 
ATOM   684  C  C5     . DC  B 2 1  ? -5.137  5.975   5.227   1.00 68.35  ? 0   DC  B C5     1 
ATOM   685  C  C6     . DC  B 2 1  ? -5.015  5.281   6.361   1.00 61.74  ? 0   DC  B C6     1 
ATOM   686  H  "H5'"  . DC  B 2 1  ? -1.869  4.215   8.224   1.00 92.35  ? 0   DC  B "H5'"  1 
ATOM   687  H  "H5''" . DC  B 2 1  ? -2.857  5.421   8.490   1.00 92.35  ? 0   DC  B "H5''" 1 
ATOM   688  H  "H4'"  . DC  B 2 1  ? -3.639  3.361   10.020  1.00 91.52  ? 0   DC  B "H4'"  1 
ATOM   689  H  "H3'"  . DC  B 2 1  ? -3.012  2.515   7.454   1.00 108.32 ? 0   DC  B "H3'"  1 
ATOM   690  H  "H2'"  . DC  B 2 1  ? -5.043  1.782   6.893   1.00 79.57  ? 0   DC  B "H2'"  1 
ATOM   691  H  "H2''" . DC  B 2 1  ? -5.437  1.475   8.408   1.00 79.57  ? 0   DC  B "H2''" 1 
ATOM   692  H  "H1'"  . DC  B 2 1  ? -6.555  3.360   8.302   1.00 84.52  ? 0   DC  B "H1'"  1 
ATOM   693  H  H41    . DC  B 2 1  ? -5.812  6.896   2.964   1.00 91.54  ? 0   DC  B H41    1 
ATOM   694  H  H42    . DC  B 2 1  ? -6.923  5.973   2.600   1.00 91.54  ? 0   DC  B H42    1 
ATOM   695  H  H5     . DC  B 2 1  ? -4.586  6.702   5.045   1.00 81.78  ? 0   DC  B H5     1 
ATOM   696  H  H6     . DC  B 2 1  ? -4.367  5.526   6.980   1.00 73.85  ? 0   DC  B H6     1 
ATOM   697  P  P      . DC  B 2 2  ? -1.842  0.384   8.431   1.00 65.83  ? 1   DC  B P      1 
ATOM   698  O  OP1    . DC  B 2 2  ? -1.166  -0.251  9.584   1.00 72.18  ? 1   DC  B OP1    1 
ATOM   699  O  OP2    . DC  B 2 2  ? -1.049  1.206   7.491   1.00 58.33  ? 1   DC  B OP2    1 
ATOM   700  O  "O5'"  . DC  B 2 2  ? -2.600  -0.731  7.580   1.00 69.13  ? 1   DC  B "O5'"  1 
ATOM   701  C  "C5'"  . DC  B 2 2  ? -3.768  -1.350  8.105   1.00 74.36  ? 1   DC  B "C5'"  1 
ATOM   702  C  "C4'"  . DC  B 2 2  ? -4.630  -1.907  6.991   1.00 78.05  ? 1   DC  B "C4'"  1 
ATOM   703  O  "O4'"  . DC  B 2 2  ? -5.413  -0.847  6.398   1.00 81.49  ? 1   DC  B "O4'"  1 
ATOM   704  C  "C3'"  . DC  B 2 2  ? -3.858  -2.503  5.833   1.00 88.03  ? 1   DC  B "C3'"  1 
ATOM   705  O  "O3'"  . DC  B 2 2  ? -3.495  -3.851  6.104   1.00 79.54  ? 1   DC  B "O3'"  1 
ATOM   706  C  "C2'"  . DC  B 2 2  ? -4.845  -2.380  4.680   1.00 84.20  ? 1   DC  B "C2'"  1 
ATOM   707  C  "C1'"  . DC  B 2 2  ? -5.669  -1.147  5.034   1.00 64.68  ? 1   DC  B "C1'"  1 
ATOM   708  N  N1     . DC  B 2 2  ? -5.353  0.063   4.218   1.00 63.92  ? 1   DC  B N1     1 
ATOM   709  C  C2     . DC  B 2 2  ? -6.124  0.360   3.087   1.00 73.62  ? 1   DC  B C2     1 
ATOM   710  O  O2     . DC  B 2 2  ? -7.043  -0.404  2.765   1.00 70.75  ? 1   DC  B O2     1 
ATOM   711  N  N3     . DC  B 2 2  ? -5.837  1.476   2.372   1.00 71.71  ? 1   DC  B N3     1 
ATOM   712  C  C4     . DC  B 2 2  ? -4.838  2.274   2.752   1.00 67.39  ? 1   DC  B C4     1 
ATOM   713  N  N4     . DC  B 2 2  ? -4.593  3.361   2.016   1.00 70.04  ? 1   DC  B N4     1 
ATOM   714  C  C5     . DC  B 2 2  ? -4.047  1.993   3.905   1.00 68.04  ? 1   DC  B C5     1 
ATOM   715  C  C6     . DC  B 2 2  ? -4.337  0.888   4.600   1.00 67.68  ? 1   DC  B C6     1 
ATOM   716  H  "H5'"  . DC  B 2 2  ? -4.279  -0.695  8.607   1.00 88.99  ? 1   DC  B "H5'"  1 
ATOM   717  H  "H5''" . DC  B 2 2  ? -3.508  -2.072  8.698   1.00 88.99  ? 1   DC  B "H5''" 1 
ATOM   718  H  "H4'"  . DC  B 2 2  ? -5.227  -2.578  7.356   1.00 93.42  ? 1   DC  B "H4'"  1 
ATOM   719  H  "H3'"  . DC  B 2 2  ? -3.066  -1.973  5.651   1.00 105.39 ? 1   DC  B "H3'"  1 
ATOM   720  H  "H2'"  . DC  B 2 2  ? -4.375  -2.246  3.842   1.00 100.80 ? 1   DC  B "H2'"  1 
ATOM   721  H  "H2''" . DC  B 2 2  ? -5.411  -3.167  4.632   1.00 100.80 ? 1   DC  B "H2''" 1 
ATOM   722  H  "H1'"  . DC  B 2 2  ? -6.610  -1.359  4.930   1.00 77.37  ? 1   DC  B "H1'"  1 
ATOM   723  H  H41    . DC  B 2 2  ? -3.955  3.895   2.236   1.00 83.80  ? 1   DC  B H41    1 
ATOM   724  H  H42    . DC  B 2 2  ? -5.072  3.527   1.321   1.00 83.80  ? 1   DC  B H42    1 
ATOM   725  H  H5     . DC  B 2 2  ? -3.353  2.556   4.162   1.00 81.41  ? 1   DC  B H5     1 
ATOM   726  H  H6     . DC  B 2 2  ? -3.840  0.683   5.359   1.00 80.98  ? 1   DC  B H6     1 
ATOM   727  P  P      . DG  B 2 3  ? -2.445  -4.603  5.149   1.00 107.59 ? 2   DG  B P      1 
ATOM   728  O  OP1    . DG  B 2 3  ? -2.159  -5.930  5.737   1.00 116.59 ? 2   DG  B OP1    1 
ATOM   729  O  OP2    . DG  B 2 3  ? -1.329  -3.670  4.879   1.00 92.02  ? 2   DG  B OP2    1 
ATOM   730  O  "O5'"  . DG  B 2 3  ? -3.249  -4.798  3.781   1.00 101.97 ? 2   DG  B "O5'"  1 
ATOM   731  C  "C5'"  . DG  B 2 3  ? -4.486  -5.499  3.775   1.00 85.92  ? 2   DG  B "C5'"  1 
ATOM   732  C  "C4'"  . DG  B 2 3  ? -5.288  -5.173  2.525   1.00 86.97  ? 2   DG  B "C4'"  1 
ATOM   733  O  "O4'"  . DG  B 2 3  ? -5.273  -3.734  2.296   1.00 80.36  ? 2   DG  B "O4'"  1 
ATOM   734  C  "C3'"  . DG  B 2 3  ? -4.750  -5.815  1.244   1.00 108.03 ? 2   DG  B "C3'"  1 
ATOM   735  O  "O3'"  . DG  B 2 3  ? -5.786  -6.483  0.538   1.00 116.06 ? 2   DG  B "O3'"  1 
ATOM   736  C  "C2'"  . DG  B 2 3  ? -4.170  -4.644  0.456   1.00 90.77  ? 2   DG  B "C2'"  1 
ATOM   737  C  "C1'"  . DG  B 2 3  ? -4.987  -3.465  0.942   1.00 70.32  ? 2   DG  B "C1'"  1 
ATOM   738  N  N9     . DG  B 2 3  ? -4.283  -2.182  0.838   1.00 72.30  ? 2   DG  B N9     1 
ATOM   739  C  C8     . DG  B 2 3  ? -3.254  -1.731  1.631   1.00 75.89  ? 2   DG  B C8     1 
ATOM   740  N  N7     . DG  B 2 3  ? -2.815  -0.550  1.295   1.00 69.08  ? 2   DG  B N7     1 
ATOM   741  C  C5     . DG  B 2 3  ? -3.596  -0.194  0.204   1.00 67.93  ? 2   DG  B C5     1 
ATOM   742  C  C6     . DG  B 2 3  ? -3.576  0.980   -0.585  1.00 73.21  ? 2   DG  B C6     1 
ATOM   743  O  O6     . DG  B 2 3  ? -2.840  1.970   -0.470  1.00 71.42  ? 2   DG  B O6     1 
ATOM   744  N  N1     . DG  B 2 3  ? -4.534  0.938   -1.596  1.00 74.68  ? 2   DG  B N1     1 
ATOM   745  C  C2     . DG  B 2 3  ? -5.400  -0.108  -1.814  1.00 78.96  ? 2   DG  B C2     1 
ATOM   746  N  N2     . DG  B 2 3  ? -6.255  0.032   -2.838  1.00 78.63  ? 2   DG  B N2     1 
ATOM   747  N  N3     . DG  B 2 3  ? -5.429  -1.214  -1.081  1.00 70.65  ? 2   DG  B N3     1 
ATOM   748  C  C4     . DG  B 2 3  ? -4.502  -1.189  -0.093  1.00 70.42  ? 2   DG  B C4     1 
ATOM   749  H  "H5'"  . DG  B 2 3  ? -4.999  -5.247  4.558   1.00 102.86 ? 2   DG  B "H5'"  1 
ATOM   750  H  "H5''" . DG  B 2 3  ? -4.311  -6.453  3.802   1.00 102.86 ? 2   DG  B "H5''" 1 
ATOM   751  H  "H4'"  . DG  B 2 3  ? -6.204  -5.460  2.657   1.00 104.12 ? 2   DG  B "H4'"  1 
ATOM   752  H  "H3'"  . DG  B 2 3  ? -4.044  -6.443  1.465   1.00 129.40 ? 2   DG  B "H3'"  1 
ATOM   753  H  "H2'"  . DG  B 2 3  ? -3.232  -4.521  0.666   1.00 108.68 ? 2   DG  B "H2'"  1 
ATOM   754  H  "H2''" . DG  B 2 3  ? -4.295  -4.777  -0.498  1.00 108.68 ? 2   DG  B "H2''" 1 
ATOM   755  H  "H1'"  . DG  B 2 3  ? -5.816  -3.419  0.441   1.00 84.14  ? 2   DG  B "H1'"  1 
ATOM   756  H  H8     . DG  B 2 3  ? -2.910  -2.219  2.344   1.00 90.83  ? 2   DG  B H8     1 
ATOM   757  H  H1     . DG  B 2 3  ? -4.589  1.616   -2.121  1.00 89.38  ? 2   DG  B H1     1 
ATOM   758  H  H21    . DG  B 2 3  ? -6.818  -0.594  -3.017  1.00 94.11  ? 2   DG  B H21    1 
ATOM   759  H  H22    . DG  B 2 3  ? -6.241  0.746   -3.316  1.00 94.11  ? 2   DG  B H22    1 
ATOM   760  P  P      . DT  B 2 4  ? -5.433  -7.336  -0.776  1.00 119.23 ? 3   DT  B P      1 
ATOM   761  O  OP1    . DT  B 2 4  ? -6.450  -8.407  -0.908  1.00 99.72  ? 3   DT  B OP1    1 
ATOM   762  O  OP2    . DT  B 2 4  ? -3.996  -7.685  -0.700  1.00 103.71 ? 3   DT  B OP2    1 
ATOM   763  O  "O5'"  . DT  B 2 4  ? -5.600  -6.283  -1.968  1.00 98.87  ? 3   DT  B "O5'"  1 
ATOM   764  C  "C5'"  . DT  B 2 4  ? -6.573  -6.509  -2.969  1.00 95.63  ? 3   DT  B "C5'"  1 
ATOM   765  C  "C4'"  . DT  B 2 4  ? -6.617  -5.366  -3.971  1.00 99.80  ? 3   DT  B "C4'"  1 
ATOM   766  O  "O4'"  . DT  B 2 4  ? -5.908  -4.200  -3.445  1.00 96.37  ? 3   DT  B "O4'"  1 
ATOM   767  C  "C3'"  . DT  B 2 4  ? -5.958  -5.669  -5.326  1.00 100.02 ? 3   DT  B "C3'"  1 
ATOM   768  O  "O3'"  . DT  B 2 4  ? -6.824  -5.272  -6.395  1.00 105.05 ? 3   DT  B "O3'"  1 
ATOM   769  C  "C2'"  . DT  B 2 4  ? -4.676  -4.843  -5.267  1.00 96.85  ? 3   DT  B "C2'"  1 
ATOM   770  C  "C1'"  . DT  B 2 4  ? -5.158  -3.642  -4.500  1.00 85.08  ? 3   DT  B "C1'"  1 
ATOM   771  N  N1     . DT  B 2 4  ? -4.084  -2.755  -3.953  1.00 81.84  ? 3   DT  B N1     1 
ATOM   772  C  C2     . DT  B 2 4  ? -3.876  -1.529  -4.541  1.00 92.20  ? 3   DT  B C2     1 
ATOM   773  O  O2     . DT  B 2 4  ? -4.518  -1.129  -5.496  1.00 104.48 ? 3   DT  B O2     1 
ATOM   774  N  N3     . DT  B 2 4  ? -2.884  -0.779  -3.973  1.00 86.27  ? 3   DT  B N3     1 
ATOM   775  C  C4     . DT  B 2 4  ? -2.094  -1.123  -2.895  1.00 80.39  ? 3   DT  B C4     1 
ATOM   776  O  O4     . DT  B 2 4  ? -1.225  -0.377  -2.455  1.00 77.21  ? 3   DT  B O4     1 
ATOM   777  C  C5     . DT  B 2 4  ? -2.360  -2.422  -2.322  1.00 78.06  ? 3   DT  B C5     1 
ATOM   778  C  C7     . DT  B 2 4  ? -1.560  -2.898  -1.146  1.00 76.97  ? 3   DT  B C7     1 
ATOM   779  C  C6     . DT  B 2 4  ? -3.335  -3.169  -2.869  1.00 80.13  ? 3   DT  B C6     1 
ATOM   780  H  "H5'"  . DT  B 2 4  ? -7.443  -6.599  -2.551  1.00 114.51 ? 3   DT  B "H5'"  1 
ATOM   781  H  "H5''" . DT  B 2 4  ? -6.359  -7.332  -3.436  1.00 114.51 ? 3   DT  B "H5''" 1 
ATOM   782  H  "H4'"  . DT  B 2 4  ? -7.544  -5.124  -4.122  1.00 119.51 ? 3   DT  B "H4'"  1 
ATOM   783  H  "H3'"  . DT  B 2 4  ? -5.748  -6.613  -5.394  1.00 119.78 ? 3   DT  B "H3'"  1 
ATOM   784  H  "H2'"  . DT  B 2 4  ? -3.981  -5.313  -4.780  1.00 115.98 ? 3   DT  B "H2'"  1 
ATOM   785  H  "H2''" . DT  B 2 4  ? -4.379  -4.594  -6.155  1.00 115.98 ? 3   DT  B "H2''" 1 
ATOM   786  H  "H1'"  . DT  B 2 4  ? -5.746  -3.117  -5.066  1.00 101.85 ? 3   DT  B "H1'"  1 
ATOM   787  H  H3     . DT  B 2 4  ? -2.738  -0.008  -4.325  1.00 103.29 ? 3   DT  B H3     1 
ATOM   788  H  H71    . DT  B 2 4  ? -2.152  -3.060  -0.395  1.00 92.12  ? 3   DT  B H71    1 
ATOM   789  H  H72    . DT  B 2 4  ? -1.101  -3.720  -1.379  1.00 92.12  ? 3   DT  B H72    1 
ATOM   790  H  H73    . DT  B 2 4  ? -0.907  -2.222  -0.903  1.00 92.12  ? 3   DT  B H73    1 
ATOM   791  H  H6     . DT  B 2 4  ? -3.511  -4.006  -2.504  1.00 95.91  ? 3   DT  B H6     1 
ATOM   792  P  P      . DC  B 2 5  ? -6.764  -5.998  -7.829  1.00 121.93 ? 4   DC  B P      1 
ATOM   793  O  OP1    . DC  B 2 5  ? -8.149  -6.398  -8.167  1.00 117.95 ? 4   DC  B OP1    1 
ATOM   794  O  OP2    . DC  B 2 5  ? -5.695  -7.023  -7.794  1.00 106.32 ? 4   DC  B OP2    1 
ATOM   795  O  "O5'"  . DC  B 2 5  ? -6.315  -4.822  -8.821  1.00 75.25  ? 4   DC  B "O5'"  1 
ATOM   796  C  "C5'"  . DC  B 2 5  ? -5.321  -3.903  -8.396  1.00 72.58  ? 4   DC  B "C5'"  1 
ATOM   797  C  "C4'"  . DC  B 2 5  ? -5.117  -2.790  -9.396  1.00 77.19  ? 4   DC  B "C4'"  1 
ATOM   798  O  "O4'"  . DC  B 2 5  ? -4.275  -1.772  -8.798  1.00 87.65  ? 4   DC  B "O4'"  1 
ATOM   799  C  "C3'"  . DC  B 2 5  ? -4.382  -3.187  -10.656 1.00 77.93  ? 4   DC  B "C3'"  1 
ATOM   800  O  "O3'"  . DC  B 2 5  ? -4.645  -2.256  -11.703 1.00 83.57  ? 4   DC  B "O3'"  1 
ATOM   801  C  "C2'"  . DC  B 2 5  ? -2.934  -3.146  -10.189 1.00 69.89  ? 4   DC  B "C2'"  1 
ATOM   802  C  "C1'"  . DC  B 2 5  ? -2.932  -1.943  -9.238  1.00 72.68  ? 4   DC  B "C1'"  1 
ATOM   803  N  N1     . DC  B 2 5  ? -2.047  -2.095  -8.028  1.00 68.28  ? 4   DC  B N1     1 
ATOM   804  C  C2     . DC  B 2 5  ? -1.228  -1.029  -7.632  1.00 68.95  ? 4   DC  B C2     1 
ATOM   805  O  O2     . DC  B 2 5  ? -1.238  0.017   -8.292  1.00 76.74  ? 4   DC  B O2     1 
ATOM   806  N  N3     . DC  B 2 5  ? -0.444  -1.172  -6.537  1.00 66.98  ? 4   DC  B N3     1 
ATOM   807  C  C4     . DC  B 2 5  ? -0.460  -2.313  -5.850  1.00 69.38  ? 4   DC  B C4     1 
ATOM   808  N  N4     . DC  B 2 5  ? 0.330   -2.404  -4.776  1.00 70.26  ? 4   DC  B N4     1 
ATOM   809  C  C5     . DC  B 2 5  ? -1.289  -3.409  -6.231  1.00 62.26  ? 4   DC  B C5     1 
ATOM   810  C  C6     . DC  B 2 5  ? -2.061  -3.257  -7.312  1.00 64.15  ? 4   DC  B C6     1 
ATOM   811  H  "H5'"  . DC  B 2 5  ? -4.483  -4.376  -8.275  1.00 86.86  ? 4   DC  B "H5'"  1 
ATOM   812  H  "H5''" . DC  B 2 5  ? -5.591  -3.518  -7.547  1.00 86.86  ? 4   DC  B "H5''" 1 
ATOM   813  H  "H4'"  . DC  B 2 5  ? -5.975  -2.402  -9.631  1.00 92.39  ? 4   DC  B "H4'"  1 
ATOM   814  H  "H3'"  . DC  B 2 5  ? -4.628  -4.085  -10.925 1.00 93.27  ? 4   DC  B "H3'"  1 
ATOM   815  H  "H2'"  . DC  B 2 5  ? -2.701  -3.960  -9.716  1.00 83.63  ? 4   DC  B "H2'"  1 
ATOM   816  H  "H2''" . DC  B 2 5  ? -2.334  -2.994  -10.937 1.00 83.63  ? 4   DC  B "H2''" 1 
ATOM   817  H  "H1'"  . DC  B 2 5  ? -2.659  -1.153  -9.730  1.00 86.98  ? 4   DC  B "H1'"  1 
ATOM   818  H  H41    . DC  B 2 5  ? 0.342   -3.129  -4.312  1.00 84.07  ? 4   DC  B H41    1 
ATOM   819  H  H42    . DC  B 2 5  ? 0.828   -1.740  -4.551  1.00 84.07  ? 4   DC  B H42    1 
ATOM   820  H  H5     . DC  B 2 5  ? -1.293  -4.202  -5.745  1.00 74.47  ? 4   DC  B H5     1 
ATOM   821  H  H6     . DC  B 2 5  ? -2.609  -3.956  -7.586  1.00 76.74  ? 4   DC  B H6     1 
ATOM   822  P  P      . DA  B 2 6  ? -4.821  -2.745  -13.223 1.00 76.86  ? 5   DA  B P      1 
ATOM   823  O  OP1    . DA  B 2 6  ? -6.088  -2.179  -13.732 1.00 129.47 ? 5   DA  B OP1    1 
ATOM   824  O  OP2    . DA  B 2 6  ? -4.591  -4.205  -13.277 1.00 99.20  ? 5   DA  B OP2    1 
ATOM   825  O  "O5'"  . DA  B 2 6  ? -3.607  -2.043  -13.985 1.00 89.44  ? 5   DA  B "O5'"  1 
ATOM   826  C  "C5'"  . DA  B 2 6  ? -2.298  -2.567  -13.844 1.00 89.68  ? 5   DA  B "C5'"  1 
ATOM   827  C  "C4'"  . DA  B 2 6  ? -1.297  -1.474  -13.513 1.00 91.08  ? 5   DA  B "C4'"  1 
ATOM   828  O  "O4'"  . DA  B 2 6  ? -0.973  -1.541  -12.106 1.00 83.32  ? 5   DA  B "O4'"  1 
ATOM   829  C  "C3'"  . DA  B 2 6  ? 0.024   -1.583  -14.274 1.00 81.09  ? 5   DA  B "C3'"  1 
ATOM   830  O  "O3'"  . DA  B 2 6  ? 0.151   -0.515  -15.214 1.00 61.98  ? 5   DA  B "O3'"  1 
ATOM   831  C  "C2'"  . DA  B 2 6  ? 1.119   -1.543  -13.204 1.00 82.86  ? 5   DA  B "C2'"  1 
ATOM   832  C  "C1'"  . DA  B 2 6  ? 0.388   -1.251  -11.901 1.00 75.58  ? 5   DA  B "C1'"  1 
ATOM   833  N  N9     . DA  B 2 6  ? 0.856   -2.061  -10.781 1.00 73.30  ? 5   DA  B N9     1 
ATOM   834  C  C8     . DA  B 2 6  ? 0.512   -3.354  -10.501 1.00 68.13  ? 5   DA  B C8     1 
ATOM   835  N  N7     . DA  B 2 6  ? 1.085   -3.832  -9.423  1.00 66.98  ? 5   DA  B N7     1 
ATOM   836  C  C5     . DA  B 2 6  ? 1.857   -2.778  -8.962  1.00 69.30  ? 5   DA  B C5     1 
ATOM   837  C  C6     . DA  B 2 6  ? 2.709   -2.642  -7.849  1.00 74.01  ? 5   DA  B C6     1 
ATOM   838  N  N6     . DA  B 2 6  ? 2.934   -3.623  -6.970  1.00 75.60  ? 5   DA  B N6     1 
ATOM   839  N  N1     . DA  B 2 6  ? 3.332   -1.458  -7.681  1.00 77.97  ? 5   DA  B N1     1 
ATOM   840  C  C2     . DA  B 2 6  ? 3.108   -0.479  -8.566  1.00 80.18  ? 5   DA  B C2     1 
ATOM   841  N  N3     . DA  B 2 6  ? 2.330   -0.489  -9.646  1.00 76.55  ? 5   DA  B N3     1 
ATOM   842  C  C4     . DA  B 2 6  ? 1.728   -1.679  -9.788  1.00 74.46  ? 5   DA  B C4     1 
ATOM   843  H  "H5'"  . DA  B 2 6  ? -2.038  -2.995  -14.674 1.00 107.38 ? 5   DA  B "H5'"  1 
ATOM   844  H  "H5''" . DA  B 2 6  ? -2.295  -3.226  -13.132 1.00 107.38 ? 5   DA  B "H5''" 1 
ATOM   845  H  "H4'"  . DA  B 2 6  ? -1.699  -0.612  -13.703 1.00 109.05 ? 5   DA  B "H4'"  1 
ATOM   846  H  "H3'"  . DA  B 2 6  ? 0.059   -2.432  -14.741 1.00 97.06  ? 5   DA  B "H3'"  1 
ATOM   847  H  "HO3'" . DA  B 2 6  ? 0.784   0.031   -15.146 1.00 74.13  ? 5   DA  B "HO3'" 1 
ATOM   848  H  "H2'"  . DA  B 2 6  ? 1.571   -2.401  -13.152 1.00 99.19  ? 5   DA  B "H2'"  1 
ATOM   849  H  "H2''" . DA  B 2 6  ? 1.755   -0.838  -13.399 1.00 99.19  ? 5   DA  B "H2''" 1 
ATOM   850  H  "H1'"  . DA  B 2 6  ? 0.486   -0.312  -11.681 1.00 90.46  ? 5   DA  B "H1'"  1 
ATOM   851  H  H8     . DA  B 2 6  ? -0.074  -3.849  -11.027 1.00 81.51  ? 5   DA  B H8     1 
ATOM   852  H  H61    . DA  B 2 6  ? 3.471   -3.494  -6.309  1.00 90.48  ? 5   DA  B H61    1 
ATOM   853  H  H62    . DA  B 2 6  ? 2.544   -4.383  -7.064  1.00 90.48  ? 5   DA  B H62    1 
ATOM   854  H  H2     . DA  B 2 6  ? 3.559   0.318   -8.404  1.00 95.97  ? 5   DA  B H2     1 
ATOM   855  O  "O5'"  . DT  C 3 1  ? -26.638 11.387  25.244  1.00 124.53 ? 1   DT  C "O5'"  1 
ATOM   856  C  "C5'"  . DT  C 3 1  ? -27.898 11.784  24.710  1.00 126.93 ? 1   DT  C "C5'"  1 
ATOM   857  C  "C4'"  . DT  C 3 1  ? -27.827 11.927  23.204  1.00 125.70 ? 1   DT  C "C4'"  1 
ATOM   858  O  "O4'"  . DT  C 3 1  ? -27.179 13.189  22.859  1.00 115.94 ? 1   DT  C "O4'"  1 
ATOM   859  C  "C3'"  . DT  C 3 1  ? -27.015 10.840  22.496  1.00 97.93  ? 1   DT  C "C3'"  1 
ATOM   860  O  "O3'"  . DT  C 3 1  ? -27.646 10.451  21.287  1.00 94.60  ? 1   DT  C "O3'"  1 
ATOM   861  C  "C2'"  . DT  C 3 1  ? -25.692 11.533  22.243  1.00 97.59  ? 1   DT  C "C2'"  1 
ATOM   862  C  "C1'"  . DT  C 3 1  ? -26.176 12.928  21.905  1.00 96.36  ? 1   DT  C "C1'"  1 
ATOM   863  N  N1     . DT  C 3 1  ? -25.131 13.993  21.963  1.00 102.54 ? 1   DT  C N1     1 
ATOM   864  C  C2     . DT  C 3 1  ? -25.116 14.953  20.980  1.00 109.16 ? 1   DT  C C2     1 
ATOM   865  O  O2     . DT  C 3 1  ? -25.919 14.983  20.064  1.00 108.34 ? 1   DT  C O2     1 
ATOM   866  N  N3     . DT  C 3 1  ? -24.126 15.886  21.102  1.00 105.65 ? 1   DT  C N3     1 
ATOM   867  C  C4     . DT  C 3 1  ? -23.162 15.956  22.090  1.00 114.34 ? 1   DT  C C4     1 
ATOM   868  O  O4     . DT  C 3 1  ? -22.311 16.841  22.113  1.00 106.16 ? 1   DT  C O4     1 
ATOM   869  C  C5     . DT  C 3 1  ? -23.229 14.919  23.095  1.00 113.46 ? 1   DT  C C5     1 
ATOM   870  C  C7     . DT  C 3 1  ? -22.234 14.893  24.220  1.00 111.15 ? 1   DT  C C7     1 
ATOM   871  C  C6     . DT  C 3 1  ? -24.200 13.995  22.986  1.00 104.23 ? 1   DT  C C6     1 
ATOM   872  H  "H5'"  . DT  C 3 1  ? -28.155 12.635  25.099  1.00 152.07 ? 1   DT  C "H5'"  1 
ATOM   873  H  "H5''" . DT  C 3 1  ? -28.565 11.117  24.936  1.00 152.07 ? 1   DT  C "H5''" 1 
ATOM   874  H  "H4'"  . DT  C 3 1  ? -28.730 11.929  22.846  1.00 150.60 ? 1   DT  C "H4'"  1 
ATOM   875  H  "H3'"  . DT  C 3 1  ? -26.891 10.074  23.079  1.00 117.27 ? 1   DT  C "H3'"  1 
ATOM   876  H  "H2'"  . DT  C 3 1  ? -25.140 11.538  23.040  1.00 116.87 ? 1   DT  C "H2'"  1 
ATOM   877  H  "H2''" . DT  C 3 1  ? -25.225 11.134  21.491  1.00 116.87 ? 1   DT  C "H2''" 1 
ATOM   878  H  "H1'"  . DT  C 3 1  ? -26.573 12.920  21.021  1.00 115.39 ? 1   DT  C "H1'"  1 
ATOM   879  H  H3     . DT  C 3 1  ? -24.099 16.498  20.499  1.00 126.54 ? 1   DT  C H3     1 
ATOM   880  H  H71    . DT  C 3 1  ? -22.703 14.965  25.067  1.00 133.14 ? 1   DT  C H71    1 
ATOM   881  H  H72    . DT  C 3 1  ? -21.740 14.060  24.195  1.00 133.14 ? 1   DT  C H72    1 
ATOM   882  H  H73    . DT  C 3 1  ? -21.620 15.637  24.126  1.00 133.14 ? 1   DT  C H73    1 
ATOM   883  H  H6     . DT  C 3 1  ? -24.247 13.324  23.628  1.00 124.84 ? 1   DT  C H6     1 
ATOM   884  H  "HO5'" . DT  C 3 1  ? -26.530 10.602  25.526  1.00 149.19 ? 1   DT  C "HO5'" 1 
ATOM   885  P  P      . DC  C 3 2  ? -28.311 8.997   21.143  1.00 120.14 ? 2   DC  C P      1 
ATOM   886  O  OP1    . DC  C 3 2  ? -29.532 8.971   21.977  1.00 127.65 ? 2   DC  C OP1    1 
ATOM   887  O  OP2    . DC  C 3 2  ? -27.246 7.994   21.368  1.00 108.46 ? 2   DC  C OP2    1 
ATOM   888  O  "O5'"  . DC  C 3 2  ? -28.766 8.946   19.609  1.00 109.17 ? 2   DC  C "O5'"  1 
ATOM   889  C  "C5'"  . DC  C 3 2  ? -27.789 8.993   18.578  1.00 97.29  ? 2   DC  C "C5'"  1 
ATOM   890  C  "C4'"  . DC  C 3 2  ? -28.021 10.179  17.656  1.00 102.59 ? 2   DC  C "C4'"  1 
ATOM   891  O  "O4'"  . DC  C 3 2  ? -27.315 11.348  18.178  1.00 95.58  ? 2   DC  C "O4'"  1 
ATOM   892  C  "C3'"  . DC  C 3 2  ? -27.503 9.994   16.232  1.00 105.82 ? 2   DC  C "C3'"  1 
ATOM   893  O  "O3'"  . DC  C 3 2  ? -28.357 10.638  15.295  1.00 108.82 ? 2   DC  C "O3'"  1 
ATOM   894  C  "C2'"  . DC  C 3 2  ? -26.133 10.639  16.300  1.00 104.31 ? 2   DC  C "C2'"  1 
ATOM   895  C  "C1'"  . DC  C 3 2  ? -26.413 11.828  17.195  1.00 94.36  ? 2   DC  C "C1'"  1 
ATOM   896  N  N1     . DC  C 3 2  ? -25.204 12.382  17.863  1.00 89.16  ? 2   DC  C N1     1 
ATOM   897  C  C2     . DC  C 3 2  ? -24.568 13.511  17.329  1.00 91.29  ? 2   DC  C C2     1 
ATOM   898  O  O2     . DC  C 3 2  ? -25.027 14.041  16.308  1.00 88.86  ? 2   DC  C O2     1 
ATOM   899  N  N3     . DC  C 3 2  ? -23.465 13.995  17.951  1.00 86.55  ? 2   DC  C N3     1 
ATOM   900  C  C4     . DC  C 3 2  ? -23.001 13.395  19.049  1.00 84.68  ? 2   DC  C C4     1 
ATOM   901  N  N4     . DC  C 3 2  ? -21.913 13.906  19.630  1.00 82.90  ? 2   DC  C N4     1 
ATOM   902  C  C5     . DC  C 3 2  ? -23.634 12.245  19.602  1.00 82.71  ? 2   DC  C C5     1 
ATOM   903  C  C6     . DC  C 3 2  ? -24.718 11.776  18.980  1.00 87.70  ? 2   DC  C C6     1 
ATOM   904  H  "H5'"  . DC  C 3 2  ? -27.834 8.175   18.059  1.00 116.50 ? 2   DC  C "H5'"  1 
ATOM   905  H  "H5''" . DC  C 3 2  ? -26.907 9.069   18.977  1.00 116.50 ? 2   DC  C "H5''" 1 
ATOM   906  H  "H4'"  . DC  C 3 2  ? -28.970 10.373  17.624  1.00 122.86 ? 2   DC  C "H4'"  1 
ATOM   907  H  "H3'"  . DC  C 3 2  ? -27.421 9.050   16.024  1.00 126.74 ? 2   DC  C "H3'"  1 
ATOM   908  H  "H2'"  . DC  C 3 2  ? -25.486 10.042  16.708  1.00 124.93 ? 2   DC  C "H2'"  1 
ATOM   909  H  "H2''" . DC  C 3 2  ? -25.840 10.927  15.421  1.00 124.93 ? 2   DC  C "H2''" 1 
ATOM   910  H  "H1'"  . DC  C 3 2  ? -26.843 12.527  16.677  1.00 112.99 ? 2   DC  C "H1'"  1 
ATOM   911  H  H41    . DC  C 3 2  ? -21.592 13.539  20.340  1.00 99.24  ? 2   DC  C H41    1 
ATOM   912  H  H42    . DC  C 3 2  ? -21.534 14.601  19.297  1.00 99.24  ? 2   DC  C H42    1 
ATOM   913  H  H5     . DC  C 3 2  ? -23.302 11.834  20.367  1.00 99.01  ? 2   DC  C H5     1 
ATOM   914  H  H6     . DC  C 3 2  ? -25.152 11.027  19.319  1.00 104.99 ? 2   DC  C H6     1 
ATOM   915  P  P      . DT  C 3 3  ? -28.210 10.334  13.725  1.00 127.12 ? 3   DT  C P      1 
ATOM   916  O  OP1    . DT  C 3 3  ? -29.365 10.965  13.045  1.00 117.51 ? 3   DT  C OP1    1 
ATOM   917  O  OP2    . DT  C 3 3  ? -27.965 8.882   13.576  1.00 104.07 ? 3   DT  C OP2    1 
ATOM   918  O  "O5'"  . DT  C 3 3  ? -26.890 11.133  13.297  1.00 103.99 ? 3   DT  C "O5'"  1 
ATOM   919  C  "C5'"  . DT  C 3 3  ? -26.800 12.534  13.532  1.00 100.80 ? 3   DT  C "C5'"  1 
ATOM   920  C  "C4'"  . DT  C 3 3  ? -26.260 13.265  12.317  1.00 106.98 ? 3   DT  C "C4'"  1 
ATOM   921  O  "O4'"  . DT  C 3 3  ? -25.048 13.971  12.690  1.00 114.62 ? 3   DT  C "O4'"  1 
ATOM   922  C  "C3'"  . DT  C 3 3  ? -25.854 12.384  11.150  1.00 103.23 ? 3   DT  C "C3'"  1 
ATOM   923  O  "O3'"  . DT  C 3 3  ? -25.947 13.118  9.918   1.00 104.70 ? 3   DT  C "O3'"  1 
ATOM   924  C  "C2'"  . DT  C 3 3  ? -24.426 12.001  11.529  1.00 96.69  ? 3   DT  C "C2'"  1 
ATOM   925  C  "C1'"  . DT  C 3 3  ? -23.908 13.282  12.194  1.00 104.38 ? 3   DT  C "C1'"  1 
ATOM   926  N  N1     . DT  C 3 3  ? -22.948 13.079  13.345  1.00 93.88  ? 3   DT  C N1     1 
ATOM   927  C  C2     . DT  C 3 3  ? -21.966 14.020  13.558  1.00 94.40  ? 3   DT  C C2     1 
ATOM   928  O  O2     . DT  C 3 3  ? -21.819 15.005  12.853  1.00 93.89  ? 3   DT  C O2     1 
ATOM   929  N  N3     . DT  C 3 3  ? -21.153 13.771  14.631  1.00 84.69  ? 3   DT  C N3     1 
ATOM   930  C  C4     . DT  C 3 3  ? -21.221 12.701  15.498  1.00 75.53  ? 3   DT  C C4     1 
ATOM   931  O  O4     . DT  C 3 3  ? -20.440 12.567  16.434  1.00 66.96  ? 3   DT  C O4     1 
ATOM   932  C  C5     . DT  C 3 3  ? -22.274 11.752  15.229  1.00 73.36  ? 3   DT  C C5     1 
ATOM   933  C  C7     . DT  C 3 3  ? -22.440 10.552  16.110  1.00 64.87  ? 3   DT  C C7     1 
ATOM   934  C  C6     . DT  C 3 3  ? -23.085 11.984  14.182  1.00 81.98  ? 3   DT  C C6     1 
ATOM   935  H  "H5'"  . DT  C 3 3  ? -26.210 12.693  14.286  1.00 120.72 ? 3   DT  C "H5'"  1 
ATOM   936  H  "H5''" . DT  C 3 3  ? -27.683 12.878  13.742  1.00 120.72 ? 3   DT  C "H5''" 1 
ATOM   937  H  "H4'"  . DT  C 3 3  ? -26.921 13.907  12.015  1.00 128.14 ? 3   DT  C "H4'"  1 
ATOM   938  H  "H3'"  . DT  C 3 3  ? -26.416 11.594  11.115  1.00 123.64 ? 3   DT  C "H3'"  1 
ATOM   939  H  "H2'"  . DT  C 3 3  ? -24.423 11.261  12.157  1.00 115.78 ? 3   DT  C "H2'"  1 
ATOM   940  H  "H2''" . DT  C 3 3  ? -23.905 11.788  10.739  1.00 115.78 ? 3   DT  C "H2''" 1 
ATOM   941  H  "H1'"  . DT  C 3 3  ? -23.477 13.832  11.522  1.00 125.02 ? 3   DT  C "H1'"  1 
ATOM   942  H  H3     . DT  C 3 3  ? -20.530 14.345  14.780  1.00 101.39 ? 3   DT  C H3     1 
ATOM   943  H  H71    . DT  C 3 3  ? -21.764 10.564  16.804  1.00 77.60  ? 3   DT  C H71    1 
ATOM   944  H  H72    . DT  C 3 3  ? -23.321 10.569  16.517  1.00 77.60  ? 3   DT  C H72    1 
ATOM   945  H  H73    . DT  C 3 3  ? -22.346 9.745   15.580  1.00 77.60  ? 3   DT  C H73    1 
ATOM   946  H  H6     . DT  C 3 3  ? -23.763 11.374  14.004  1.00 98.14  ? 3   DT  C H6     1 
ATOM   947  P  P      . DG  C 3 4  ? -25.106 12.686  8.618   1.00 100.44 ? 4   DG  C P      1 
ATOM   948  O  OP1    . DG  C 3 4  ? -25.766 13.295  7.440   1.00 90.36  ? 4   DG  C OP1    1 
ATOM   949  O  OP2    . DG  C 3 4  ? -24.904 11.220  8.660   1.00 104.04 ? 4   DG  C OP2    1 
ATOM   950  O  "O5'"  . DG  C 3 4  ? -23.694 13.401  8.838   1.00 93.89  ? 4   DG  C "O5'"  1 
ATOM   951  C  "C5'"  . DG  C 3 4  ? -23.623 14.825  8.899   1.00 90.65  ? 4   DG  C "C5'"  1 
ATOM   952  C  "C4'"  . DG  C 3 4  ? -22.234 15.311  8.531   1.00 98.37  ? 4   DG  C "C4'"  1 
ATOM   953  O  "O4'"  . DG  C 3 4  ? -21.286 14.881  9.545   1.00 99.38  ? 4   DG  C "O4'"  1 
ATOM   954  C  "C3'"  . DG  C 3 4  ? -21.701 14.765  7.217   1.00 102.61 ? 4   DG  C "C3'"  1 
ATOM   955  O  "O3'"  . DG  C 3 4  ? -20.835 15.700  6.589   1.00 105.17 ? 4   DG  C "O3'"  1 
ATOM   956  C  "C2'"  . DG  C 3 4  ? -20.975 13.496  7.642   1.00 85.25  ? 4   DG  C "C2'"  1 
ATOM   957  C  "C1'"  . DG  C 3 4  ? -20.464 13.836  9.047   1.00 85.74  ? 4   DG  C "C1'"  1 
ATOM   958  N  N9     . DG  C 3 4  ? -20.510 12.717  9.993   1.00 86.97  ? 4   DG  C N9     1 
ATOM   959  C  C8     . DG  C 3 4  ? -21.344 11.625  9.954   1.00 93.18  ? 4   DG  C C8     1 
ATOM   960  N  N7     . DG  C 3 4  ? -21.157 10.788  10.938  1.00 90.67  ? 4   DG  C N7     1 
ATOM   961  C  C5     . DG  C 3 4  ? -20.135 11.361  11.680  1.00 82.76  ? 4   DG  C C5     1 
ATOM   962  C  C6     . DG  C 3 4  ? -19.505 10.910  12.864  1.00 72.81  ? 4   DG  C C6     1 
ATOM   963  O  O6     . DG  C 3 4  ? -19.733 9.878   13.511  1.00 67.83  ? 4   DG  C O6     1 
ATOM   964  N  N1     . DG  C 3 4  ? -18.516 11.792  13.290  1.00 71.18  ? 4   DG  C N1     1 
ATOM   965  C  C2     . DG  C 3 4  ? -18.179 12.963  12.648  1.00 80.36  ? 4   DG  C C2     1 
ATOM   966  N  N2     . DG  C 3 4  ? -17.198 13.687  13.200  1.00 82.92  ? 4   DG  C N2     1 
ATOM   967  N  N3     . DG  C 3 4  ? -18.762 13.395  11.539  1.00 80.06  ? 4   DG  C N3     1 
ATOM   968  C  C4     . DG  C 3 4  ? -19.727 12.549  11.114  1.00 84.46  ? 4   DG  C C4     1 
ATOM   969  H  "H5'"  . DG  C 3 4  ? -23.835 15.116  9.800   1.00 108.54 ? 4   DG  C "H5'"  1 
ATOM   970  H  "H5''" . DG  C 3 4  ? -24.268 15.203  8.281   1.00 108.54 ? 4   DG  C "H5''" 1 
ATOM   971  H  "H4'"  . DG  C 3 4  ? -22.238 16.280  8.493   1.00 117.80 ? 4   DG  C "H4'"  1 
ATOM   972  H  "H3'"  . DG  C 3 4  ? -22.438 14.545  6.627   1.00 122.89 ? 4   DG  C "H3'"  1 
ATOM   973  H  "H2'"  . DG  C 3 4  ? -21.589 12.745  7.674   1.00 102.06 ? 4   DG  C "H2'"  1 
ATOM   974  H  "H2''" . DG  C 3 4  ? -20.234 13.310  7.044   1.00 102.06 ? 4   DG  C "H2''" 1 
ATOM   975  H  "H1'"  . DG  C 3 4  ? -19.550 14.157  8.980   1.00 102.64 ? 4   DG  C "H1'"  1 
ATOM   976  H  H8     . DG  C 3 4  ? -21.981 11.493  9.288   1.00 111.57 ? 4   DG  C H8     1 
ATOM   977  H  H1     . DG  C 3 4  ? -18.081 11.591  14.004  1.00 85.17  ? 4   DG  C H1     1 
ATOM   978  H  H21    . DG  C 3 4  ? -16.950 14.424  12.835  1.00 99.26  ? 4   DG  C H21    1 
ATOM   979  H  H22    . DG  C 3 4  ? -16.815 13.413  13.920  1.00 99.26  ? 4   DG  C H22    1 
ATOM   980  P  P      . DA  C 3 5  ? -20.502 15.564  5.024   1.00 124.89 ? 5   DA  C P      1 
ATOM   981  O  OP1    . DA  C 3 5  ? -21.281 16.599  4.309   1.00 122.15 ? 5   DA  C OP1    1 
ATOM   982  O  OP2    . DA  C 3 5  ? -20.660 14.140  4.657   1.00 109.71 ? 5   DA  C OP2    1 
ATOM   983  O  "O5'"  . DA  C 3 5  ? -18.945 15.925  4.925   1.00 111.14 ? 5   DA  C "O5'"  1 
ATOM   984  C  "C5'"  . DA  C 3 5  ? -18.519 17.276  5.079   1.00 113.73 ? 5   DA  C "C5'"  1 
ATOM   985  C  "C4'"  . DA  C 3 5  ? -17.304 17.365  5.982   1.00 107.44 ? 5   DA  C "C4'"  1 
ATOM   986  O  "O4'"  . DA  C 3 5  ? -17.417 16.375  7.047   1.00 106.56 ? 5   DA  C "O4'"  1 
ATOM   987  C  "C3'"  . DA  C 3 5  ? -15.965 17.086  5.301   1.00 98.42  ? 5   DA  C "C3'"  1 
ATOM   988  O  "O3'"  . DA  C 3 5  ? -14.950 17.948  5.825   1.00 98.69  ? 5   DA  C "O3'"  1 
ATOM   989  C  "C2'"  . DA  C 3 5  ? -15.719 15.621  5.635   1.00 96.35  ? 5   DA  C "C2'"  1 
ATOM   990  C  "C1'"  . DA  C 3 5  ? -16.274 15.540  7.045   1.00 90.73  ? 5   DA  C "C1'"  1 
ATOM   991  N  N9     . DA  C 3 5  ? -16.663 14.200  7.480   1.00 88.56  ? 5   DA  C N9     1 
ATOM   992  C  C8     . DA  C 3 5  ? -17.466 13.308  6.822   1.00 88.80  ? 5   DA  C C8     1 
ATOM   993  N  N7     . DA  C 3 5  ? -17.647 12.180  7.471   1.00 86.39  ? 5   DA  C N7     1 
ATOM   994  C  C5     . DA  C 3 5  ? -16.916 12.347  8.637   1.00 81.42  ? 5   DA  C C5     1 
ATOM   995  C  C6     . DA  C 3 5  ? -16.700 11.511  9.750   1.00 75.67  ? 5   DA  C C6     1 
ATOM   996  N  N6     . DA  C 3 5  ? -17.226 10.288  9.864   1.00 76.60  ? 5   DA  C N6     1 
ATOM   997  N  N1     . DA  C 3 5  ? -15.917 11.983  10.745  1.00 65.90  ? 5   DA  C N1     1 
ATOM   998  C  C2     . DA  C 3 5  ? -15.392 13.208  10.625  1.00 74.24  ? 5   DA  C C2     1 
ATOM   999  N  N3     . DA  C 3 5  ? -15.526 14.083  9.630   1.00 88.26  ? 5   DA  C N3     1 
ATOM   1000 C  C4     . DA  C 3 5  ? -16.307 13.585  8.658   1.00 85.47  ? 5   DA  C C4     1 
ATOM   1001 H  "H5'"  . DA  C 3 5  ? -19.242 17.795  5.465   1.00 136.23 ? 5   DA  C "H5'"  1 
ATOM   1002 H  "H5''" . DA  C 3 5  ? -18.296 17.639  4.208   1.00 136.23 ? 5   DA  C "H5''" 1 
ATOM   1003 H  "H4'"  . DA  C 3 5  ? -17.274 18.249  6.379   1.00 128.69 ? 5   DA  C "H4'"  1 
ATOM   1004 H  "H3'"  . DA  C 3 5  ? -16.045 17.203  4.341   1.00 117.86 ? 5   DA  C "H3'"  1 
ATOM   1005 H  "H2'"  . DA  C 3 5  ? -16.213 15.041  5.034   1.00 115.38 ? 5   DA  C "H2'"  1 
ATOM   1006 H  "H2''" . DA  C 3 5  ? -14.772 15.415  5.621   1.00 115.38 ? 5   DA  C "H2''" 1 
ATOM   1007 H  "H1'"  . DA  C 3 5  ? -15.619 15.898  7.664   1.00 108.64 ? 5   DA  C "H1'"  1 
ATOM   1008 H  H8     . DA  C 3 5  ? -17.844 13.482  5.990   1.00 106.32 ? 5   DA  C H8     1 
ATOM   1009 H  H61    . DA  C 3 5  ? -17.066 9.814   10.562  1.00 91.68  ? 5   DA  C H61    1 
ATOM   1010 H  H62    . DA  C 3 5  ? -17.727 9.977   9.238   1.00 91.68  ? 5   DA  C H62    1 
ATOM   1011 H  H2     . DA  C 3 5  ? -14.862 13.487  11.337  1.00 88.85  ? 5   DA  C H2     1 
ATOM   1012 P  P      . DG  C 3 6  ? -13.546 18.125  5.065   1.00 114.52 ? 6   DG  C P      1 
ATOM   1013 O  OP1    . DG  C 3 6  ? -13.363 19.570  4.798   1.00 140.15 ? 6   DG  C OP1    1 
ATOM   1014 O  OP2    . DG  C 3 6  ? -13.512 17.155  3.948   1.00 118.19 ? 6   DG  C OP2    1 
ATOM   1015 O  "O5'"  . DG  C 3 6  ? -12.469 17.661  6.155   1.00 110.59 ? 6   DG  C "O5'"  1 
ATOM   1016 C  "C5'"  . DG  C 3 6  ? -12.654 16.433  6.835   1.00 103.48 ? 6   DG  C "C5'"  1 
ATOM   1017 C  "C4'"  . DG  C 3 6  ? -11.717 16.304  8.017   1.00 95.30  ? 6   DG  C "C4'"  1 
ATOM   1018 O  "O4'"  . DG  C 3 6  ? -12.170 15.212  8.855   1.00 97.83  ? 6   DG  C "O4'"  1 
ATOM   1019 C  "C3'"  . DG  C 3 6  ? -10.277 15.968  7.659   1.00 86.01  ? 6   DG  C "C3'"  1 
ATOM   1020 O  "O3'"  . DG  C 3 6  ? -9.367  16.486  8.623   1.00 84.15  ? 6   DG  C "O3'"  1 
ATOM   1021 C  "C2'"  . DG  C 3 6  ? -10.283 14.447  7.628   1.00 83.99  ? 6   DG  C "C2'"  1 
ATOM   1022 C  "C1'"  . DG  C 3 6  ? -11.358 14.069  8.651   1.00 86.18  ? 6   DG  C "C1'"  1 
ATOM   1023 N  N9     . DG  C 3 6  ? -12.204 12.956  8.218   1.00 77.90  ? 6   DG  C N9     1 
ATOM   1024 C  C8     . DG  C 3 6  ? -12.865 12.838  7.018   1.00 75.18  ? 6   DG  C C8     1 
ATOM   1025 N  N7     . DG  C 3 6  ? -13.536 11.726  6.902   1.00 68.37  ? 6   DG  C N7     1 
ATOM   1026 C  C5     . DG  C 3 6  ? -13.304 11.062  8.101   1.00 67.94  ? 6   DG  C C5     1 
ATOM   1027 C  C6     . DG  C 3 6  ? -13.773 9.806   8.553   1.00 74.00  ? 6   DG  C C6     1 
ATOM   1028 O  O6     . DG  C 3 6  ? -14.510 9.004   7.965   1.00 79.87  ? 6   DG  C O6     1 
ATOM   1029 N  N1     . DG  C 3 6  ? -13.300 9.507   9.830   1.00 62.77  ? 6   DG  C N1     1 
ATOM   1030 C  C2     . DG  C 3 6  ? -12.479 10.320  10.573  1.00 65.37  ? 6   DG  C C2     1 
ATOM   1031 N  N2     . DG  C 3 6  ? -12.124 9.861   11.779  1.00 57.15  ? 6   DG  C N2     1 
ATOM   1032 N  N3     . DG  C 3 6  ? -12.032 11.500  10.161  1.00 65.45  ? 6   DG  C N3     1 
ATOM   1033 C  C4     . DG  C 3 6  ? -12.484 11.806  8.920   1.00 67.77  ? 6   DG  C C4     1 
ATOM   1034 H  "H5'"  . DG  C 3 6  ? -12.489 15.702  6.219   1.00 123.93 ? 6   DG  C "H5'"  1 
ATOM   1035 H  "H5''" . DG  C 3 6  ? -13.570 16.380  7.150   1.00 123.93 ? 6   DG  C "H5''" 1 
ATOM   1036 H  "H4'"  . DG  C 3 6  ? -11.735 17.127  8.530   1.00 114.12 ? 6   DG  C "H4'"  1 
ATOM   1037 H  "H3'"  . DG  C 3 6  ? -10.065 16.316  6.779   1.00 102.97 ? 6   DG  C "H3'"  1 
ATOM   1038 H  "H2'"  . DG  C 3 6  ? -10.524 14.124  6.745   1.00 100.55 ? 6   DG  C "H2'"  1 
ATOM   1039 H  "H2''" . DG  C 3 6  ? -9.419  14.097  7.897   1.00 100.55 ? 6   DG  C "H2''" 1 
ATOM   1040 H  "H1'"  . DG  C 3 6  ? -10.929 13.832  9.488   1.00 103.18 ? 6   DG  C "H1'"  1 
ATOM   1041 H  H8     . DG  C 3 6  ? -12.836 13.488  6.354   1.00 89.97  ? 6   DG  C H8     1 
ATOM   1042 H  H1     . DG  C 3 6  ? -13.540 8.758   10.177  1.00 75.08  ? 6   DG  C H1     1 
ATOM   1043 H  H21    . DG  C 3 6  ? -11.608 10.329  12.284  1.00 68.34  ? 6   DG  C H21    1 
ATOM   1044 H  H22    . DG  C 3 6  ? -12.412 9.097   12.050  1.00 68.34  ? 6   DG  C H22    1 
ATOM   1045 P  P      . DT  C 3 7  ? -7.789  16.208  8.476   1.00 98.10  ? 7   DT  C P      1 
ATOM   1046 O  OP1    . DT  C 3 7  ? -7.080  17.324  9.139   1.00 86.39  ? 7   DT  C OP1    1 
ATOM   1047 O  OP2    . DT  C 3 7  ? -7.508  15.911  7.054   1.00 87.71  ? 7   DT  C OP2    1 
ATOM   1048 O  "O5'"  . DT  C 3 7  ? -7.559  14.867  9.324   1.00 94.46  ? 7   DT  C "O5'"  1 
ATOM   1049 C  "C5'"  . DT  C 3 7  ? -7.943  14.829  10.694  1.00 85.94  ? 7   DT  C "C5'"  1 
ATOM   1050 C  "C4'"  . DT  C 3 7  ? -7.771  13.438  11.285  1.00 74.06  ? 7   DT  C "C4'"  1 
ATOM   1051 O  "O4'"  . DT  C 3 7  ? -8.740  12.529  10.695  1.00 72.66  ? 7   DT  C "O4'"  1 
ATOM   1052 C  "C3'"  . DT  C 3 7  ? -6.396  12.797  11.057  1.00 75.20  ? 7   DT  C "C3'"  1 
ATOM   1053 O  "O3'"  . DT  C 3 7  ? -5.850  12.357  12.296  1.00 84.37  ? 7   DT  C "O3'"  1 
ATOM   1054 C  "C2'"  . DT  C 3 7  ? -6.689  11.632  10.107  1.00 70.49  ? 7   DT  C "C2'"  1 
ATOM   1055 C  "C1'"  . DT  C 3 7  ? -8.116  11.287  10.475  1.00 75.19  ? 7   DT  C "C1'"  1 
ATOM   1056 N  N1     . DT  C 3 7  ? -8.884  10.542  9.432   1.00 68.03  ? 7   DT  C N1     1 
ATOM   1057 C  C2     . DT  C 3 7  ? -9.410  9.306   9.742   1.00 69.72  ? 7   DT  C C2     1 
ATOM   1058 O  O2     . DT  C 3 7  ? -9.266  8.768   10.826  1.00 72.12  ? 7   DT  C O2     1 
ATOM   1059 N  N3     . DT  C 3 7  ? -10.111 8.712   8.729   1.00 63.17  ? 7   DT  C N3     1 
ATOM   1060 C  C4     . DT  C 3 7  ? -10.342 9.220   7.465   1.00 60.03  ? 7   DT  C C4     1 
ATOM   1061 O  O4     . DT  C 3 7  ? -10.986 8.608   6.620   1.00 61.04  ? 7   DT  C O4     1 
ATOM   1062 C  C5     . DT  C 3 7  ? -9.770  10.521  7.207   1.00 55.35  ? 7   DT  C C5     1 
ATOM   1063 C  C7     . DT  C 3 7  ? -9.955  11.171  5.868   1.00 59.56  ? 7   DT  C C7     1 
ATOM   1064 C  C6     . DT  C 3 7  ? -9.080  11.116  8.193   1.00 60.06  ? 7   DT  C C6     1 
ATOM   1065 H  "H5'"  . DT  C 3 7  ? -8.874  15.092  10.770  1.00 102.89 ? 7   DT  C "H5'"  1 
ATOM   1066 H  "H5''" . DT  C 3 7  ? -7.396  15.455  11.194  1.00 102.89 ? 7   DT  C "H5''" 1 
ATOM   1067 H  "H4'"  . DT  C 3 7  ? -7.935  13.487  12.240  1.00 88.63  ? 7   DT  C "H4'"  1 
ATOM   1068 H  "H3'"  . DT  C 3 7  ? -5.798  13.432  10.632  1.00 90.00  ? 7   DT  C "H3'"  1 
ATOM   1069 H  "H2'"  . DT  C 3 7  ? -6.629  11.917  9.182   1.00 84.34  ? 7   DT  C "H2'"  1 
ATOM   1070 H  "H2''" . DT  C 3 7  ? -6.095  10.885  10.283  1.00 84.34  ? 7   DT  C "H2''" 1 
ATOM   1071 H  "H1'"  . DT  C 3 7  ? -8.121  10.777  11.301  1.00 89.98  ? 7   DT  C "H1'"  1 
ATOM   1072 H  H3     . DT  C 3 7  ? -10.447 7.939   8.899   1.00 75.56  ? 7   DT  C H3     1 
ATOM   1073 H  H71    . DT  C 3 7  ? -10.414 12.018  5.981   1.00 71.23  ? 7   DT  C H71    1 
ATOM   1074 H  H72    . DT  C 3 7  ? -9.088  11.324  5.460   1.00 71.23  ? 7   DT  C H72    1 
ATOM   1075 H  H73    . DT  C 3 7  ? -10.482 10.591  5.296   1.00 71.23  ? 7   DT  C H73    1 
ATOM   1076 H  H6     . DT  C 3 7  ? -8.709  11.953  8.030   1.00 71.84  ? 7   DT  C H6     1 
ATOM   1077 P  P      . DC  C 3 8  ? -4.269  12.125  12.464  1.00 76.47  ? 8   DC  C P      1 
ATOM   1078 O  OP1    . DC  C 3 8  ? -3.844  12.872  13.670  1.00 90.65  ? 8   DC  C OP1    1 
ATOM   1079 O  OP2    . DC  C 3 8  ? -3.618  12.394  11.162  1.00 72.90  ? 8   DC  C OP2    1 
ATOM   1080 O  "O5'"  . DC  C 3 8  ? -4.142  10.560  12.778  1.00 78.38  ? 8   DC  C "O5'"  1 
ATOM   1081 C  "C5'"  . DC  C 3 8  ? -3.906  9.632   11.723  1.00 88.79  ? 8   DC  C "C5'"  1 
ATOM   1082 C  "C4'"  . DC  C 3 8  ? -4.784  8.402   11.878  1.00 84.64  ? 8   DC  C "C4'"  1 
ATOM   1083 O  "O4'"  . DC  C 3 8  ? -5.841  8.447   10.890  1.00 85.90  ? 8   DC  C "O4'"  1 
ATOM   1084 C  "C3'"  . DC  C 3 8  ? -4.062  7.063   11.675  1.00 63.96  ? 8   DC  C "C3'"  1 
ATOM   1085 O  "O3'"  . DC  C 3 8  ? -4.093  6.285   12.867  1.00 67.43  ? 8   DC  C "O3'"  1 
ATOM   1086 C  "C2'"  . DC  C 3 8  ? -4.814  6.382   10.531  1.00 65.14  ? 8   DC  C "C2'"  1 
ATOM   1087 C  "C1'"  . DC  C 3 8  ? -6.121  7.144   10.445  1.00 69.44  ? 8   DC  C "C1'"  1 
ATOM   1088 N  N1     . DC  C 3 8  ? -6.685  7.221   9.067   1.00 66.40  ? 8   DC  C N1     1 
ATOM   1089 C  C2     . DC  C 3 8  ? -7.535  6.209   8.607   1.00 64.08  ? 8   DC  C C2     1 
ATOM   1090 O  O2     . DC  C 3 8  ? -7.805  5.261   9.354   1.00 61.27  ? 8   DC  C O2     1 
ATOM   1091 N  N3     . DC  C 3 8  ? -8.042  6.299   7.352   1.00 65.49  ? 8   DC  C N3     1 
ATOM   1092 C  C4     . DC  C 3 8  ? -7.731  7.341   6.580   1.00 62.74  ? 8   DC  C C4     1 
ATOM   1093 N  N4     . DC  C 3 8  ? -8.255  7.388   5.352   1.00 61.62  ? 8   DC  C N4     1 
ATOM   1094 C  C5     . DC  C 3 8  ? -6.866  8.381   7.031   1.00 56.21  ? 8   DC  C C5     1 
ATOM   1095 C  C6     . DC  C 3 8  ? -6.371  8.281   8.269   1.00 63.43  ? 8   DC  C C6     1 
ATOM   1096 H  "H5'"  . DC  C 3 8  ? -2.974  9.364   11.738  1.00 106.31 ? 8   DC  C "H5'"  1 
ATOM   1097 H  "H5''" . DC  C 3 8  ? -4.101  10.059  10.874  1.00 106.31 ? 8   DC  C "H5''" 1 
ATOM   1098 H  "H4'"  . DC  C 3 8  ? -5.181  8.411   12.763  1.00 101.33 ? 8   DC  C "H4'"  1 
ATOM   1099 H  "H3'"  . DC  C 3 8  ? -3.142  7.223   11.411  1.00 76.51  ? 8   DC  C "H3'"  1 
ATOM   1100 H  "HO3'" . DC  C 3 8  ? -4.454  5.526   12.864  1.00 80.68  ? 8   DC  C "HO3'" 1 
ATOM   1101 H  "H2'"  . DC  C 3 8  ? -4.317  6.464   9.702   1.00 77.93  ? 8   DC  C "H2'"  1 
ATOM   1102 H  "H2''" . DC  C 3 8  ? -4.977  5.449   10.740  1.00 77.93  ? 8   DC  C "H2''" 1 
ATOM   1103 H  "H1'"  . DC  C 3 8  ? -6.771  6.735   11.037  1.00 83.09  ? 8   DC  C "H1'"  1 
ATOM   1104 H  H41    . DC  C 3 8  ? -8.072  8.047   4.831   1.00 73.70  ? 8   DC  C H41    1 
ATOM   1105 H  H42    . DC  C 3 8  ? -8.774  6.758   5.082   1.00 73.70  ? 8   DC  C H42    1 
ATOM   1106 H  H5     . DC  C 3 8  ? -6.654  9.102   6.485   1.00 67.22  ? 8   DC  C H5     1 
ATOM   1107 H  H6     . DC  C 3 8  ? -5.806  8.946   8.591   1.00 75.88  ? 8   DC  C H6     1 
ATOM   1108 P  P      . DG  D 4 1  ? 5.468   -5.570  -14.227 1.00 104.18 ? 10  DG  D P      1 
ATOM   1109 O  OP1    . DG  D 4 1  ? 6.499   -6.230  -15.060 1.00 135.70 ? 10  DG  D OP1    1 
ATOM   1110 O  OP2    . DG  D 4 1  ? 4.320   -6.348  -13.705 1.00 94.95  ? 10  DG  D OP2    1 
ATOM   1111 O  "O5'"  . DG  D 4 1  ? 4.893   -4.299  -15.010 1.00 64.72  ? 10  DG  D "O5'"  1 
ATOM   1112 C  "C5'"  . DG  D 4 1  ? 3.917   -3.468  -14.394 1.00 80.93  ? 10  DG  D "C5'"  1 
ATOM   1113 C  "C4'"  . DG  D 4 1  ? 4.533   -2.174  -13.898 1.00 89.19  ? 10  DG  D "C4'"  1 
ATOM   1114 O  "O4'"  . DG  D 4 1  ? 3.953   -1.828  -12.612 1.00 83.53  ? 10  DG  D "O4'"  1 
ATOM   1115 C  "C3'"  . DG  D 4 1  ? 6.044   -2.221  -13.685 1.00 88.05  ? 10  DG  D "C3'"  1 
ATOM   1116 O  "O3'"  . DG  D 4 1  ? 6.721   -1.726  -14.836 1.00 86.15  ? 10  DG  D "O3'"  1 
ATOM   1117 C  "C2'"  . DG  D 4 1  ? 6.257   -1.343  -12.458 1.00 92.91  ? 10  DG  D "C2'"  1 
ATOM   1118 C  "C1'"  . DG  D 4 1  ? 4.965   -1.522  -11.674 1.00 77.60  ? 10  DG  D "C1'"  1 
ATOM   1119 N  N9     . DG  D 4 1  ? 5.009   -2.592  -10.682 1.00 70.62  ? 10  DG  D N9     1 
ATOM   1120 C  C8     . DG  D 4 1  ? 4.354   -3.799  -10.737 1.00 74.74  ? 10  DG  D C8     1 
ATOM   1121 N  N7     . DG  D 4 1  ? 4.573   -4.556  -9.699  1.00 81.87  ? 10  DG  D N7     1 
ATOM   1122 C  C5     . DG  D 4 1  ? 5.428   -3.805  -8.903  1.00 76.73  ? 10  DG  D C5     1 
ATOM   1123 C  C6     . DG  D 4 1  ? 6.007   -4.106  -7.646  1.00 75.18  ? 10  DG  D C6     1 
ATOM   1124 O  O6     . DG  D 4 1  ? 5.878   -5.134  -6.967  1.00 74.57  ? 10  DG  D O6     1 
ATOM   1125 N  N1     . DG  D 4 1  ? 6.810   -3.063  -7.187  1.00 77.02  ? 10  DG  D N1     1 
ATOM   1126 C  C2     . DG  D 4 1  ? 7.024   -1.881  -7.859  1.00 82.78  ? 10  DG  D C2     1 
ATOM   1127 N  N2     . DG  D 4 1  ? 7.827   -0.991  -7.261  1.00 87.48  ? 10  DG  D N2     1 
ATOM   1128 N  N3     . DG  D 4 1  ? 6.484   -1.588  -9.034  1.00 74.91  ? 10  DG  D N3     1 
ATOM   1129 C  C4     . DG  D 4 1  ? 5.700   -2.590  -9.493  1.00 73.45  ? 10  DG  D C4     1 
ATOM   1130 H  "H5'"  . DG  D 4 1  ? 3.525   -3.941  -13.644 1.00 96.88  ? 10  DG  D "H5'"  1 
ATOM   1131 H  "H5''" . DG  D 4 1  ? 3.222   -3.262  -15.039 1.00 96.88  ? 10  DG  D "H5''" 1 
ATOM   1132 H  "H4'"  . DG  D 4 1  ? 4.330   -1.468  -14.532 1.00 106.79 ? 10  DG  D "H4'"  1 
ATOM   1133 H  "H3'"  . DG  D 4 1  ? 6.325   -3.130  -13.496 1.00 105.42 ? 10  DG  D "H3'"  1 
ATOM   1134 H  "H2'"  . DG  D 4 1  ? 7.016   -1.656  -11.941 1.00 111.25 ? 10  DG  D "H2'"  1 
ATOM   1135 H  "H2''" . DG  D 4 1  ? 6.375   -0.415  -12.716 1.00 111.25 ? 10  DG  D "H2''" 1 
ATOM   1136 H  "H1'"  . DG  D 4 1  ? 4.744   -0.687  -11.231 1.00 92.88  ? 10  DG  D "H1'"  1 
ATOM   1137 H  H8     . DG  D 4 1  ? 3.809   -4.051  -11.447 1.00 89.45  ? 10  DG  D H8     1 
ATOM   1138 H  H1     . DG  D 4 1  ? 7.201   -3.167  -6.427  1.00 92.18  ? 10  DG  D H1     1 
ATOM   1139 H  H21    . DG  D 4 1  ? 7.989   -0.236  -7.638  1.00 104.74 ? 10  DG  D H21    1 
ATOM   1140 H  H22    . DG  D 4 1  ? 8.180   -1.174  -6.498  1.00 104.74 ? 10  DG  D H22    1 
ATOM   1141 P  P      . DG  D 4 2  ? 8.244   -2.146  -15.124 1.00 101.25 ? 11  DG  D P      1 
ATOM   1142 O  OP1    . DG  D 4 2  ? 8.743   -1.269  -16.208 1.00 86.29  ? 11  DG  D OP1    1 
ATOM   1143 O  OP2    . DG  D 4 2  ? 8.299   -3.616  -15.288 1.00 104.07 ? 11  DG  D OP2    1 
ATOM   1144 O  "O5'"  . DG  D 4 2  ? 9.002   -1.784  -13.766 1.00 81.81  ? 11  DG  D "O5'"  1 
ATOM   1145 C  "C5'"  . DG  D 4 2  ? 9.250   -0.427  -13.428 1.00 76.72  ? 11  DG  D "C5'"  1 
ATOM   1146 C  "C4'"  . DG  D 4 2  ? 10.030  -0.332  -12.131 1.00 87.87  ? 11  DG  D "C4'"  1 
ATOM   1147 O  "O4'"  . DG  D 4 2  ? 9.293   -0.986  -11.078 1.00 84.99  ? 11  DG  D "O4'"  1 
ATOM   1148 C  "C3'"  . DG  D 4 2  ? 11.386  -1.015  -12.163 1.00 100.47 ? 11  DG  D "C3'"  1 
ATOM   1149 O  "O3'"  . DG  D 4 2  ? 12.396  -0.078  -12.527 1.00 102.58 ? 11  DG  D "O3'"  1 
ATOM   1150 C  "C2'"  . DG  D 4 2  ? 11.575  -1.565  -10.741 1.00 95.86  ? 11  DG  D "C2'"  1 
ATOM   1151 C  "C1'"  . DG  D 4 2  ? 10.180  -1.514  -10.114 1.00 76.75  ? 11  DG  D "C1'"  1 
ATOM   1152 N  N9     . DG  D 4 2  ? 9.652   -2.811  -9.693  1.00 79.27  ? 11  DG  D N9     1 
ATOM   1153 C  C8     . DG  D 4 2  ? 8.788   -3.609  -10.401 1.00 87.41  ? 11  DG  D C8     1 
ATOM   1154 N  N7     . DG  D 4 2  ? 8.456   -4.704  -9.773  1.00 87.60  ? 11  DG  D N7     1 
ATOM   1155 C  C5     . DG  D 4 2  ? 9.135   -4.623  -8.566  1.00 86.66  ? 11  DG  D C5     1 
ATOM   1156 C  C6     . DG  D 4 2  ? 9.159   -5.526  -7.474  1.00 89.17  ? 11  DG  D C6     1 
ATOM   1157 O  O6     . DG  D 4 2  ? 8.568   -6.609  -7.358  1.00 84.61  ? 11  DG  D O6     1 
ATOM   1158 N  N1     . DG  D 4 2  ? 9.974   -5.064  -6.444  1.00 93.34  ? 11  DG  D N1     1 
ATOM   1159 C  C2     . DG  D 4 2  ? 10.675  -3.879  -6.467  1.00 93.35  ? 11  DG  D C2     1 
ATOM   1160 N  N2     . DG  D 4 2  ? 11.408  -3.602  -5.379  1.00 97.04  ? 11  DG  D N2     1 
ATOM   1161 N  N3     . DG  D 4 2  ? 10.659  -3.024  -7.484  1.00 89.36  ? 11  DG  D N3     1 
ATOM   1162 C  C4     . DG  D 4 2  ? 9.871   -3.459  -8.495  1.00 87.95  ? 11  DG  D C4     1 
ATOM   1163 H  "H5'"  . DG  D 4 2  ? 8.404   0.037   -13.327 1.00 91.82  ? 11  DG  D "H5'"  1 
ATOM   1164 H  "H5''" . DG  D 4 2  ? 9.761   -0.009  -14.140 1.00 91.82  ? 11  DG  D "H5''" 1 
ATOM   1165 H  "H4'"  . DG  D 4 2  ? 10.151  0.603   -11.900 1.00 105.21 ? 11  DG  D "H4'"  1 
ATOM   1166 H  "H3'"  . DG  D 4 2  ? 11.370  -1.747  -12.800 1.00 120.32 ? 11  DG  D "H3'"  1 
ATOM   1167 H  "H2'"  . DG  D 4 2  ? 11.897  -2.480  -10.774 1.00 114.79 ? 11  DG  D "H2'"  1 
ATOM   1168 H  "H2''" . DG  D 4 2  ? 12.191  -1.006  -10.243 1.00 114.79 ? 11  DG  D "H2''" 1 
ATOM   1169 H  "H1'"  . DG  D 4 2  ? 10.202  -0.920  -9.347  1.00 91.86  ? 11  DG  D "H1'"  1 
ATOM   1170 H  H8     . DG  D 4 2  ? 8.476   -3.395  -11.251 1.00 104.65 ? 11  DG  D H8     1 
ATOM   1171 H  H1     . DG  D 4 2  ? 10.043  -5.554  -5.741  1.00 111.76 ? 11  DG  D H1     1 
ATOM   1172 H  H21    . DG  D 4 2  ? 11.865  -2.875  -5.342  1.00 116.21 ? 11  DG  D H21    1 
ATOM   1173 H  H22    . DG  D 4 2  ? 11.421  -4.153  -4.718  1.00 116.21 ? 11  DG  D H22    1 
ATOM   1174 P  P      . DT  D 4 3  ? 13.945  -0.494  -12.486 1.00 116.65 ? 12  DT  D P      1 
ATOM   1175 O  OP1    . DT  D 4 3  ? 14.702  0.480   -13.307 1.00 98.04  ? 12  DT  D OP1    1 
ATOM   1176 O  OP2    . DT  D 4 3  ? 14.028  -1.940  -12.787 1.00 122.49 ? 12  DT  D OP2    1 
ATOM   1177 O  "O5'"  . DT  D 4 3  ? 14.344  -0.316  -10.951 1.00 101.93 ? 12  DT  D "O5'"  1 
ATOM   1178 C  "C5'"  . DT  D 4 3  ? 15.700  -0.370  -10.570 1.00 103.75 ? 12  DT  D "C5'"  1 
ATOM   1179 C  "C4'"  . DT  D 4 3  ? 15.842  -0.791  -9.120  1.00 99.23  ? 12  DT  D "C4'"  1 
ATOM   1180 O  "O4'"  . DT  D 4 3  ? 14.730  -1.665  -8.749  1.00 84.03  ? 12  DT  D "O4'"  1 
ATOM   1181 C  "C3'"  . DT  D 4 3  ? 17.120  -1.582  -8.814  1.00 117.85 ? 12  DT  D "C3'"  1 
ATOM   1182 O  "O3'"  . DT  D 4 3  ? 17.750  -1.101  -7.626  1.00 133.25 ? 12  DT  D "O3'"  1 
ATOM   1183 C  "C2'"  . DT  D 4 3  ? 16.608  -3.009  -8.668  1.00 115.01 ? 12  DT  D "C2'"  1 
ATOM   1184 C  "C1'"  . DT  D 4 3  ? 15.246  -2.779  -8.055  1.00 93.16  ? 12  DT  D "C1'"  1 
ATOM   1185 N  N1     . DT  D 4 3  ? 14.304  -3.943  -8.177  1.00 103.82 ? 12  DT  D N1     1 
ATOM   1186 C  C2     . DT  D 4 3  ? 14.137  -4.774  -7.093  1.00 118.72 ? 12  DT  D C2     1 
ATOM   1187 O  O2     . DT  D 4 3  ? 14.714  -4.612  -6.032  1.00 125.81 ? 12  DT  D O2     1 
ATOM   1188 N  N3     . DT  D 4 3  ? 13.266  -5.808  -7.290  1.00 119.62 ? 12  DT  D N3     1 
ATOM   1189 C  C4     . DT  D 4 3  ? 12.557  -6.095  -8.439  1.00 110.79 ? 12  DT  D C4     1 
ATOM   1190 O  O4     . DT  D 4 3  ? 11.796  -7.054  -8.515  1.00 111.40 ? 12  DT  D O4     1 
ATOM   1191 C  C5     . DT  D 4 3  ? 12.775  -5.190  -9.545  1.00 104.31 ? 12  DT  D C5     1 
ATOM   1192 C  C7     . DT  D 4 3  ? 12.054  -5.409  -10.845 1.00 102.31 ? 12  DT  D C7     1 
ATOM   1193 C  C6     . DT  D 4 3  ? 13.632  -4.166  -9.366  1.00 101.48 ? 12  DT  D C6     1 
ATOM   1194 H  "H5'"  . DT  D 4 3  ? 16.099  0.506   -10.688 1.00 124.26 ? 12  DT  D "H5'"  1 
ATOM   1195 H  "H5''" . DT  D 4 3  ? 16.164  -1.009  -11.134 1.00 124.26 ? 12  DT  D "H5''" 1 
ATOM   1196 H  "H4'"  . DT  D 4 3  ? 15.821  0.001   -8.560  1.00 118.83 ? 12  DT  D "H4'"  1 
ATOM   1197 H  "H3'"  . DT  D 4 3  ? 17.733  -1.524  -9.564  1.00 141.17 ? 12  DT  D "H3'"  1 
ATOM   1198 H  "H2'"  . DT  D 4 3  ? 16.530  -3.440  -9.534  1.00 137.77 ? 12  DT  D "H2'"  1 
ATOM   1199 H  "H2''" . DT  D 4 3  ? 17.175  -3.522  -8.071  1.00 137.77 ? 12  DT  D "H2''" 1 
ATOM   1200 H  "H1'"  . DT  D 4 3  ? 15.352  -2.550  -7.119  1.00 111.54 ? 12  DT  D "H1'"  1 
ATOM   1201 H  H3     . DT  D 4 3  ? 13.146  -6.339  -6.624  1.00 143.31 ? 12  DT  D H3     1 
ATOM   1202 H  H71    . DT  D 4 3  ? 11.476  -6.184  -10.769 1.00 122.53 ? 12  DT  D H71    1 
ATOM   1203 H  H72    . DT  D 4 3  ? 11.520  -4.627  -11.054 1.00 122.53 ? 12  DT  D H72    1 
ATOM   1204 H  H73    . DT  D 4 3  ? 12.701  -5.557  -11.552 1.00 122.53 ? 12  DT  D H73    1 
ATOM   1205 H  H6     . DT  D 4 3  ? 13.776  -3.580  -10.073 1.00 121.53 ? 12  DT  D H6     1 
ATOM   1206 P  P      . DC  D 4 4  ? 19.318  -1.357  -7.375  1.00 154.52 ? 13  DC  D P      1 
ATOM   1207 O  OP1    . DC  D 4 4  ? 19.947  -0.053  -7.066  1.00 134.23 ? 13  DC  D OP1    1 
ATOM   1208 O  OP2    . DC  D 4 4  ? 19.827  -2.172  -8.500  1.00 145.49 ? 13  DC  D OP2    1 
ATOM   1209 O  "O5'"  . DC  D 4 4  ? 19.357  -2.259  -6.055  1.00 121.30 ? 13  DC  D "O5'"  1 
ATOM   1210 C  "C5'"  . DC  D 4 4  ? 18.651  -3.489  -6.012  1.00 115.62 ? 13  DC  D "C5'"  1 
ATOM   1211 C  "C4'"  . DC  D 4 4  ? 19.129  -4.347  -4.863  1.00 133.32 ? 13  DC  D "C4'"  1 
ATOM   1212 O  "O4'"  . DC  D 4 4  ? 18.093  -5.289  -4.498  1.00 143.14 ? 13  DC  D "O4'"  1 
ATOM   1213 C  "C3'"  . DC  D 4 4  ? 20.374  -5.165  -5.166  1.00 159.65 ? 13  DC  D "C3'"  1 
ATOM   1214 O  "O3'"  . DC  D 4 4  ? 21.276  -5.114  -4.076  1.00 178.08 ? 13  DC  D "O3'"  1 
ATOM   1215 C  "C2'"  . DC  D 4 4  ? 19.863  -6.584  -5.433  1.00 157.66 ? 13  DC  D "C2'"  1 
ATOM   1216 C  "C1'"  . DC  D 4 4  ? 18.436  -6.605  -4.883  1.00 148.24 ? 13  DC  D "C1'"  1 
ATOM   1217 N  N1     . DC  D 4 4  ? 17.419  -7.080  -5.869  1.00 141.81 ? 13  DC  D N1     1 
ATOM   1218 C  C2     . DC  D 4 4  ? 16.516  -8.087  -5.509  1.00 128.39 ? 13  DC  D C2     1 
ATOM   1219 O  O2     . DC  D 4 4  ? 16.575  -8.576  -4.374  1.00 118.58 ? 13  DC  D O2     1 
ATOM   1220 N  N3     . DC  D 4 4  ? 15.598  -8.500  -6.417  1.00 124.93 ? 13  DC  D N3     1 
ATOM   1221 C  C4     . DC  D 4 4  ? 15.562  -7.947  -7.629  1.00 130.88 ? 13  DC  D C4     1 
ATOM   1222 N  N4     . DC  D 4 4  ? 14.640  -8.388  -8.490  1.00 129.26 ? 13  DC  D N4     1 
ATOM   1223 C  C5     . DC  D 4 4  ? 16.473  -6.919  -8.015  1.00 128.24 ? 13  DC  D C5     1 
ATOM   1224 C  C6     . DC  D 4 4  ? 17.371  -6.519  -7.112  1.00 132.01 ? 13  DC  D C6     1 
ATOM   1225 H  "H5'"  . DC  D 4 4  ? 18.790  -3.966  -6.846  1.00 138.50 ? 13  DC  D "H5'"  1 
ATOM   1226 H  "H5''" . DC  D 4 4  ? 17.704  -3.309  -5.903  1.00 138.50 ? 13  DC  D "H5''" 1 
ATOM   1227 H  "H4'"  . DC  D 4 4  ? 19.311  -3.774  -4.103  1.00 159.74 ? 13  DC  D "H4'"  1 
ATOM   1228 H  "H3'"  . DC  D 4 4  ? 20.805  -4.819  -5.961  1.00 191.34 ? 13  DC  D "H3'"  1 
ATOM   1229 H  "H2'"  . DC  D 4 4  ? 19.858  -6.765  -6.387  1.00 188.95 ? 13  DC  D "H2'"  1 
ATOM   1230 H  "H2''" . DC  D 4 4  ? 20.414  -7.233  -4.968  1.00 188.95 ? 13  DC  D "H2''" 1 
ATOM   1231 H  "H1'"  . DC  D 4 4  ? 18.409  -7.179  -4.102  1.00 177.65 ? 13  DC  D "H1'"  1 
ATOM   1232 H  H41    . DC  D 4 4  ? 14.592  -8.051  -9.280  1.00 154.87 ? 13  DC  D H41    1 
ATOM   1233 H  H42    . DC  D 4 4  ? 14.094  -9.010  -8.255  1.00 154.87 ? 13  DC  D H42    1 
ATOM   1234 H  H5     . DC  D 4 4  ? 16.440  -6.540  -8.864  1.00 153.65 ? 13  DC  D H5     1 
ATOM   1235 H  H6     . DC  D 4 4  ? 17.979  -5.852  -7.337  1.00 158.17 ? 13  DC  D H6     1 
ATOM   1236 P  P      . DT  D 4 5  ? 22.744  -5.746  -4.222  1.00 184.12 ? 14  DT  D P      1 
ATOM   1237 O  OP1    . DT  D 4 5  ? 23.623  -5.062  -3.248  1.00 183.38 ? 14  DT  D OP1    1 
ATOM   1238 O  OP2    . DT  D 4 5  ? 23.089  -5.735  -5.661  1.00 161.51 ? 14  DT  D OP2    1 
ATOM   1239 O  "O5'"  . DT  D 4 5  ? 22.543  -7.268  -3.775  1.00 157.40 ? 14  DT  D "O5'"  1 
ATOM   1240 C  "C5'"  . DT  D 4 5  ? 21.845  -7.562  -2.571  1.00 161.79 ? 14  DT  D "C5'"  1 
ATOM   1241 C  "C4'"  . DT  D 4 5  ? 21.629  -9.055  -2.412  1.00 169.60 ? 14  DT  D "C4'"  1 
ATOM   1242 O  "O4'"  . DT  D 4 5  ? 20.547  -9.486  -3.278  1.00 168.75 ? 14  DT  D "O4'"  1 
ATOM   1243 C  "C3'"  . DT  D 4 5  ? 22.841  -9.918  -2.764  1.00 169.82 ? 14  DT  D "C3'"  1 
ATOM   1244 O  "O3'"  . DT  D 4 5  ? 23.161  -10.771 -1.671  1.00 172.83 ? 14  DT  D "O3'"  1 
ATOM   1245 C  "C2'"  . DT  D 4 5  ? 22.414  -10.694 -4.018  1.00 161.25 ? 14  DT  D "C2'"  1 
ATOM   1246 C  "C1'"  . DT  D 4 5  ? 20.892  -10.684 -3.932  1.00 160.39 ? 14  DT  D "C1'"  1 
ATOM   1247 N  N1     . DT  D 4 5  ? 20.171  -10.706 -5.255  1.00 156.19 ? 14  DT  D N1     1 
ATOM   1248 C  C2     . DT  D 4 5  ? 19.081  -11.537 -5.408  1.00 144.66 ? 14  DT  D C2     1 
ATOM   1249 O  O2     . DT  D 4 5  ? 18.687  -12.290 -4.537  1.00 131.62 ? 14  DT  D O2     1 
ATOM   1250 N  N3     . DT  D 4 5  ? 18.473  -11.464 -6.633  1.00 138.76 ? 14  DT  D N3     1 
ATOM   1251 C  C4     . DT  D 4 5  ? 18.826  -10.654 -7.695  1.00 133.77 ? 14  DT  D C4     1 
ATOM   1252 O  O4     . DT  D 4 5  ? 18.212  -10.663 -8.757  1.00 124.38 ? 14  DT  D O4     1 
ATOM   1253 C  C5     . DT  D 4 5  ? 19.965  -9.795  -7.467  1.00 133.11 ? 14  DT  D C5     1 
ATOM   1254 C  C7     . DT  D 4 5  ? 20.441  -8.874  -8.552  1.00 121.52 ? 14  DT  D C7     1 
ATOM   1255 C  C6     . DT  D 4 5  ? 20.573  -9.856  -6.269  1.00 147.21 ? 14  DT  D C6     1 
ATOM   1256 H  "H5'"  . DT  D 4 5  ? 20.984  -7.115  -2.586  1.00 193.90 ? 14  DT  D "H5'"  1 
ATOM   1257 H  "H5''" . DT  D 4 5  ? 22.360  -7.233  -1.818  1.00 193.90 ? 14  DT  D "H5''" 1 
ATOM   1258 H  "H4'"  . DT  D 4 5  ? 21.379  -9.234  -1.492  1.00 203.27 ? 14  DT  D "H4'"  1 
ATOM   1259 H  "H3'"  . DT  D 4 5  ? 23.600  -9.349  -2.972  1.00 203.54 ? 14  DT  D "H3'"  1 
ATOM   1260 H  "H2'"  . DT  D 4 5  ? 22.714  -10.238 -4.821  1.00 193.25 ? 14  DT  D "H2'"  1 
ATOM   1261 H  "H2''" . DT  D 4 5  ? 22.753  -11.602 -3.990  1.00 193.25 ? 14  DT  D "H2''" 1 
ATOM   1262 H  "H1'"  . DT  D 4 5  ? 20.599  -11.437 -3.396  1.00 192.22 ? 14  DT  D "H1'"  1 
ATOM   1263 H  H3     . DT  D 4 5  ? 17.795  -11.978 -6.753  1.00 166.26 ? 14  DT  D H3     1 
ATOM   1264 H  H71    . DT  D 4 5  ? 20.357  -7.955  -8.253  1.00 145.58 ? 14  DT  D H71    1 
ATOM   1265 H  H72    . DT  D 4 5  ? 21.370  -9.065  -8.753  1.00 145.58 ? 14  DT  D H72    1 
ATOM   1266 H  H73    . DT  D 4 5  ? 19.903  -9.007  -9.347  1.00 145.58 ? 14  DT  D H73    1 
ATOM   1267 H  H6     . DT  D 4 5  ? 21.309  -9.305  -6.119  1.00 176.41 ? 14  DT  D H6     1 
ATOM   1268 P  P      . DG  D 4 6  ? 24.594  -11.488 -1.584  1.00 184.34 ? 15  DG  D P      1 
ATOM   1269 O  OP1    . DG  D 4 6  ? 24.906  -11.704 -0.153  1.00 176.22 ? 15  DG  D OP1    1 
ATOM   1270 O  OP2    . DG  D 4 6  ? 25.537  -10.730 -2.436  1.00 159.92 ? 15  DG  D OP2    1 
ATOM   1271 O  "O5'"  . DG  D 4 6  ? 24.330  -12.916 -2.246  1.00 176.54 ? 15  DG  D "O5'"  1 
ATOM   1272 C  "C5'"  . DG  D 4 6  ? 23.152  -13.636 -1.917  1.00 154.14 ? 15  DG  D "C5'"  1 
ATOM   1273 C  "C4'"  . DG  D 4 6  ? 22.824  -14.660 -2.988  1.00 154.17 ? 15  DG  D "C4'"  1 
ATOM   1274 O  "O4'"  . DG  D 4 6  ? 22.197  -14.013 -4.116  1.00 155.82 ? 15  DG  D "O4'"  1 
ATOM   1275 C  "C3'"  . DG  D 4 6  ? 24.026  -15.372 -3.591  1.00 156.45 ? 15  DG  D "C3'"  1 
ATOM   1276 O  "O3'"  . DG  D 4 6  ? 24.391  -16.539 -2.813  1.00 149.93 ? 15  DG  D "O3'"  1 
ATOM   1277 C  "C2'"  . DG  D 4 6  ? 23.565  -15.701 -5.029  1.00 146.51 ? 15  DG  D "C2'"  1 
ATOM   1278 C  "C1'"  . DG  D 4 6  ? 22.268  -14.902 -5.207  1.00 152.88 ? 15  DG  D "C1'"  1 
ATOM   1279 N  N9     . DG  D 4 6  ? 22.217  -14.151 -6.462  1.00 151.67 ? 15  DG  D N9     1 
ATOM   1280 C  C8     . DG  D 4 6  ? 23.129  -13.227 -6.918  1.00 148.59 ? 15  DG  D C8     1 
ATOM   1281 N  N7     . DG  D 4 6  ? 22.829  -12.733 -8.086  1.00 148.79 ? 15  DG  D N7     1 
ATOM   1282 C  C5     . DG  D 4 6  ? 21.647  -13.376 -8.437  1.00 141.68 ? 15  DG  D C5     1 
ATOM   1283 C  C6     . DG  D 4 6  ? 20.848  -13.247 -9.599  1.00 131.21 ? 15  DG  D C6     1 
ATOM   1284 O  O6     . DG  D 4 6  ? 21.033  -12.514 -10.582 1.00 137.28 ? 15  DG  D O6     1 
ATOM   1285 N  N1     . DG  D 4 6  ? 19.733  -14.082 -9.554  1.00 122.82 ? 15  DG  D N1     1 
ATOM   1286 C  C2     . DG  D 4 6  ? 19.431  -14.933 -8.516  1.00 127.13 ? 15  DG  D C2     1 
ATOM   1287 N  N2     . DG  D 4 6  ? 18.318  -15.666 -8.655  1.00 118.37 ? 15  DG  D N2     1 
ATOM   1288 N  N3     . DG  D 4 6  ? 20.171  -15.063 -7.423  1.00 134.54 ? 15  DG  D N3     1 
ATOM   1289 C  C4     . DG  D 4 6  ? 21.261  -14.256 -7.452  1.00 144.24 ? 15  DG  D C4     1 
ATOM   1290 H  "H5'"  . DG  D 4 6  ? 22.411  -13.016 -1.834  1.00 184.72 ? 15  DG  D "H5'"  1 
ATOM   1291 H  "H5''" . DG  D 4 6  ? 23.283  -14.092 -1.071  1.00 184.72 ? 15  DG  D "H5''" 1 
ATOM   1292 H  "H4'"  . DG  D 4 6  ? 22.214  -15.319 -2.621  1.00 184.76 ? 15  DG  D "H4'"  1 
ATOM   1293 H  "H3'"  . DG  D 4 6  ? 24.778  -14.760 -3.627  1.00 187.50 ? 15  DG  D "H3'"  1 
ATOM   1294 H  "H2'"  . DG  D 4 6  ? 24.231  -15.413 -5.672  1.00 175.57 ? 15  DG  D "H2'"  1 
ATOM   1295 H  "H2''" . DG  D 4 6  ? 23.393  -16.651 -5.120  1.00 175.57 ? 15  DG  D "H2''" 1 
ATOM   1296 H  "H1'"  . DG  D 4 6  ? 21.513  -15.510 -5.170  1.00 183.22 ? 15  DG  D "H1'"  1 
ATOM   1297 H  H8     . DG  D 4 6  ? 23.884  -12.975 -6.436  1.00 178.07 ? 15  DG  D H8     1 
ATOM   1298 H  H1     . DG  D 4 6  ? 19.195  -14.065 -10.225 1.00 147.14 ? 15  DG  D H1     1 
ATOM   1299 H  H21    . DG  D 4 6  ? 18.087  -16.217 -8.038  1.00 141.81 ? 15  DG  D H21    1 
ATOM   1300 H  H22    . DG  D 4 6  ? 17.834  -15.585 -9.362  1.00 141.81 ? 15  DG  D H22    1 
ATOM   1301 P  P      . DC  D 4 7  ? 23.582  -17.924 -2.928  1.00 153.57 ? 16  DC  D P      1 
ATOM   1302 O  OP1    . DC  D 4 7  ? 22.147  -17.589 -3.080  1.00 159.37 ? 16  DC  D OP1    1 
ATOM   1303 O  OP2    . DC  D 4 7  ? 24.020  -18.789 -1.807  1.00 159.49 ? 16  DC  D OP2    1 
ATOM   1304 O  "O5'"  . DC  D 4 7  ? 24.125  -18.569 -4.290  1.00 146.46 ? 16  DC  D "O5'"  1 
ATOM   1305 C  "C5'"  . DC  D 4 7  ? 23.642  -19.835 -4.738  1.00 151.06 ? 16  DC  D "C5'"  1 
ATOM   1306 C  "C4'"  . DC  D 4 7  ? 22.125  -19.897 -4.680  1.00 149.15 ? 16  DC  D "C4'"  1 
ATOM   1307 O  "O4'"  . DC  D 4 7  ? 21.566  -18.737 -5.351  1.00 144.65 ? 16  DC  D "O4'"  1 
ATOM   1308 C  "C3'"  . DC  D 4 7  ? 21.505  -21.104 -5.367  1.00 147.82 ? 16  DC  D "C3'"  1 
ATOM   1309 O  "O3'"  . DC  D 4 7  ? 20.315  -21.516 -4.700  1.00 159.59 ? 16  DC  D "O3'"  1 
ATOM   1310 C  "C2'"  . DC  D 4 7  ? 21.232  -20.601 -6.775  1.00 137.12 ? 16  DC  D "C2'"  1 
ATOM   1311 C  "C1'"  . DC  D 4 7  ? 20.957  -19.115 -6.575  1.00 134.36 ? 16  DC  D "C1'"  1 
ATOM   1312 N  N1     . DC  D 4 7  ? 21.511  -18.257 -7.663  1.00 121.04 ? 16  DC  D N1     1 
ATOM   1313 C  C2     . DC  D 4 7  ? 20.772  -18.060 -8.835  1.00 120.31 ? 16  DC  D C2     1 
ATOM   1314 O  O2     . DC  D 4 7  ? 19.664  -18.597 -8.950  1.00 119.52 ? 16  DC  D O2     1 
ATOM   1315 N  N3     . DC  D 4 7  ? 21.293  -17.279 -9.813  1.00 112.84 ? 16  DC  D N3     1 
ATOM   1316 C  C4     . DC  D 4 7  ? 22.488  -16.717 -9.650  1.00 109.59 ? 16  DC  D C4     1 
ATOM   1317 N  N4     . DC  D 4 7  ? 22.960  -15.961 -10.639 1.00 101.96 ? 16  DC  D N4     1 
ATOM   1318 C  C5     . DC  D 4 7  ? 23.256  -16.908 -8.465  1.00 116.61 ? 16  DC  D C5     1 
ATOM   1319 C  C6     . DC  D 4 7  ? 22.735  -17.679 -7.508  1.00 119.26 ? 16  DC  D C6     1 
ATOM   1320 H  "H5'"  . DC  D 4 7  ? 24.011  -20.533 -4.174  1.00 181.04 ? 16  DC  D "H5'"  1 
ATOM   1321 H  "H5''" . DC  D 4 7  ? 23.932  -19.979 -5.652  1.00 181.04 ? 16  DC  D "H5''" 1 
ATOM   1322 H  "H4'"  . DC  D 4 7  ? 21.845  -19.888 -3.751  1.00 178.74 ? 16  DC  D "H4'"  1 
ATOM   1323 H  "H3'"  . DC  D 4 7  ? 22.142  -21.834 -5.394  1.00 177.15 ? 16  DC  D "H3'"  1 
ATOM   1324 H  "HO3'" . DC  D 4 7  ? 19.583  -21.520 -5.112  1.00 191.26 ? 16  DC  D "HO3'" 1 
ATOM   1325 H  "H2'"  . DC  D 4 7  ? 22.009  -20.732 -7.341  1.00 164.30 ? 16  DC  D "H2'"  1 
ATOM   1326 H  "H2''" . DC  D 4 7  ? 20.454  -21.043 -7.151  1.00 164.30 ? 16  DC  D "H2''" 1 
ATOM   1327 H  "H1'"  . DC  D 4 7  ? 20.000  -18.972 -6.512  1.00 160.99 ? 16  DC  D "H1'"  1 
ATOM   1328 H  H41    . DC  D 4 7  ? 23.728  -15.581 -10.562 1.00 122.11 ? 16  DC  D H41    1 
ATOM   1329 H  H42    . DC  D 4 7  ? 22.498  -15.853 -11.357 1.00 122.11 ? 16  DC  D H42    1 
ATOM   1330 H  H5     . DC  D 4 7  ? 24.090  -16.512 -8.363  1.00 139.69 ? 16  DC  D H5     1 
ATOM   1331 H  H6     . DC  D 4 7  ? 23.213  -17.821 -6.723  1.00 142.87 ? 16  DC  D H6     1 
HETATM 1332 AS AS     . CAC E 5 .  ? -4.180  9.379   0.983   1.00 266.55 ? 101 CAC B AS     1 
HETATM 1333 AS AS     . CAC F 5 .  ? 7.183   -3.172  -19.169 1.00 282.57 ? 101 CAC D AS     1 
# 
loop_
_pdbx_poly_seq_scheme.asym_id 
_pdbx_poly_seq_scheme.entity_id 
_pdbx_poly_seq_scheme.seq_id 
_pdbx_poly_seq_scheme.mon_id 
_pdbx_poly_seq_scheme.ndb_seq_num 
_pdbx_poly_seq_scheme.pdb_seq_num 
_pdbx_poly_seq_scheme.auth_seq_num 
_pdbx_poly_seq_scheme.pdb_mon_id 
_pdbx_poly_seq_scheme.auth_mon_id 
_pdbx_poly_seq_scheme.pdb_strand_id 
_pdbx_poly_seq_scheme.pdb_ins_code 
_pdbx_poly_seq_scheme.hetero 
A 1 1  DG 1  1  1  DG DG A . n 
A 1 2  DA 2  2  2  DA DA A . n 
A 1 3  DG 3  3  3  DG DG A . n 
A 1 4  DC 4  4  4  DC DC A . n 
A 1 5  DA 5  5  5  DA DA A . n 
A 1 6  DG 6  6  6  DG DG A . n 
A 1 7  DA 7  7  7  DA DA A . n 
A 1 8  DC 8  8  8  DC DC A . n 
A 1 9  DC 9  9  9  DC DC A . n 
A 1 10 DT 10 10 10 DT DT A . n 
A 1 11 DG 11 11 11 DG DG A . n 
A 1 12 DA 12 12 12 DA DA A . n 
A 1 13 DC 13 13 13 DC DC A . n 
A 1 14 DG 14 14 14 DG DG A . n 
A 1 15 DG 15 15 15 DG DG A . n 
A 1 16 DG 16 16 16 DG DG A . n 
A 1 17 DA 17 17 17 DA DA A . n 
A 1 18 DC 18 18 18 DC DC A . n 
A 1 19 DT 19 19 19 DT DT A . n 
A 1 20 DC 20 20 20 DC DC A . n 
A 1 21 DA 21 21 21 DA DA A . n 
B 2 1  DC 1  0  0  DC DC B . n 
B 2 2  DC 2  1  1  DC DC B . n 
B 2 3  DG 3  2  2  DG DG B . n 
B 2 4  DT 4  3  3  DT DT B . n 
B 2 5  DC 5  4  4  DC DC B . n 
B 2 6  DA 6  5  5  DA DA B . n 
C 3 1  DT 1  1  1  DT DT C . n 
C 3 2  DC 2  2  2  DC DC C . n 
C 3 3  DT 3  3  3  DT DT C . n 
C 3 4  DG 4  4  4  DG DG C . n 
C 3 5  DA 5  5  5  DA DA C . n 
C 3 6  DG 6  6  6  DG DG C . n 
C 3 7  DT 7  7  7  DT DT C . n 
C 3 8  DC 8  8  8  DC DC C . n 
D 4 1  DG 1  10 10 DG DG D . n 
D 4 2  DG 2  11 11 DG DG D . n 
D 4 3  DT 3  12 12 DT DT D . n 
D 4 4  DC 4  13 13 DC DC D . n 
D 4 5  DT 5  14 14 DT DT D . n 
D 4 6  DG 6  15 15 DG DG D . n 
D 4 7  DC 7  16 16 DC DC D . n 
# 
loop_
_pdbx_nonpoly_scheme.asym_id 
_pdbx_nonpoly_scheme.entity_id 
_pdbx_nonpoly_scheme.mon_id 
_pdbx_nonpoly_scheme.ndb_seq_num 
_pdbx_nonpoly_scheme.pdb_seq_num 
_pdbx_nonpoly_scheme.auth_seq_num 
_pdbx_nonpoly_scheme.pdb_mon_id 
_pdbx_nonpoly_scheme.auth_mon_id 
_pdbx_nonpoly_scheme.pdb_strand_id 
_pdbx_nonpoly_scheme.pdb_ins_code 
E 5 CAC 1 101 1 CAC AS B . 
F 5 CAC 1 101 2 CAC AS D . 
# 
_pdbx_struct_assembly.id                   1 
_pdbx_struct_assembly.details              author_defined_assembly 
_pdbx_struct_assembly.method_details       ? 
_pdbx_struct_assembly.oligomeric_details   tetrameric 
_pdbx_struct_assembly.oligomeric_count     4 
# 
_pdbx_struct_assembly_gen.assembly_id       1 
_pdbx_struct_assembly_gen.oper_expression   1 
_pdbx_struct_assembly_gen.asym_id_list      A,B,C,D,E,F 
# 
_pdbx_struct_oper_list.id                   1 
_pdbx_struct_oper_list.type                 'identity operation' 
_pdbx_struct_oper_list.name                 1_555 
_pdbx_struct_oper_list.symmetry_operation   x,y,z 
_pdbx_struct_oper_list.matrix[1][1]         1.0000000000 
_pdbx_struct_oper_list.matrix[1][2]         0.0000000000 
_pdbx_struct_oper_list.matrix[1][3]         0.0000000000 
_pdbx_struct_oper_list.vector[1]            0.0000000000 
_pdbx_struct_oper_list.matrix[2][1]         0.0000000000 
_pdbx_struct_oper_list.matrix[2][2]         1.0000000000 
_pdbx_struct_oper_list.matrix[2][3]         0.0000000000 
_pdbx_struct_oper_list.vector[2]            0.0000000000 
_pdbx_struct_oper_list.matrix[3][1]         0.0000000000 
_pdbx_struct_oper_list.matrix[3][2]         0.0000000000 
_pdbx_struct_oper_list.matrix[3][3]         1.0000000000 
_pdbx_struct_oper_list.vector[3]            0.0000000000 
# 
loop_
_pdbx_audit_revision_history.ordinal 
_pdbx_audit_revision_history.data_content_type 
_pdbx_audit_revision_history.major_revision 
_pdbx_audit_revision_history.minor_revision 
_pdbx_audit_revision_history.revision_date 
1 'Structure model' 1 0 2021-07-14 
2 'Structure model' 1 1 2022-07-06 
3 'Structure model' 1 2 2023-10-18 
# 
_pdbx_audit_revision_details.ordinal             1 
_pdbx_audit_revision_details.revision_ordinal    1 
_pdbx_audit_revision_details.data_content_type   'Structure model' 
_pdbx_audit_revision_details.provider            repository 
_pdbx_audit_revision_details.type                'Initial release' 
_pdbx_audit_revision_details.description         ? 
_pdbx_audit_revision_details.details             ? 
# 
loop_
_pdbx_audit_revision_group.ordinal 
_pdbx_audit_revision_group.revision_ordinal 
_pdbx_audit_revision_group.data_content_type 
_pdbx_audit_revision_group.group 
1 2 'Structure model' 'Database references'    
2 3 'Structure model' 'Data collection'        
3 3 'Structure model' 'Refinement description' 
# 
loop_
_pdbx_audit_revision_category.ordinal 
_pdbx_audit_revision_category.revision_ordinal 
_pdbx_audit_revision_category.data_content_type 
_pdbx_audit_revision_category.category 
1 2 'Structure model' citation                      
2 2 'Structure model' citation_author               
3 2 'Structure model' database_2                    
4 3 'Structure model' chem_comp_atom                
5 3 'Structure model' chem_comp_bond                
6 3 'Structure model' pdbx_initial_refinement_model 
# 
loop_
_pdbx_audit_revision_item.ordinal 
_pdbx_audit_revision_item.revision_ordinal 
_pdbx_audit_revision_item.data_content_type 
_pdbx_audit_revision_item.item 
1  2 'Structure model' '_citation.country'                   
2  2 'Structure model' '_citation.journal_abbrev'            
3  2 'Structure model' '_citation.journal_id_CSD'            
4  2 'Structure model' '_citation.journal_id_ISSN'           
5  2 'Structure model' '_citation.journal_volume'            
6  2 'Structure model' '_citation.page_first'                
7  2 'Structure model' '_citation.page_last'                 
8  2 'Structure model' '_citation.pdbx_database_id_DOI'      
9  2 'Structure model' '_citation.pdbx_database_id_PubMed'   
10 2 'Structure model' '_citation.title'                     
11 2 'Structure model' '_citation.year'                      
12 2 'Structure model' '_database_2.pdbx_DOI'                
13 2 'Structure model' '_database_2.pdbx_database_accession' 
# 
loop_
_software.citation_id 
_software.classification 
_software.compiler_name 
_software.compiler_version 
_software.contact_author 
_software.contact_author_email 
_software.date 
_software.description 
_software.dependencies 
_software.hardware 
_software.language 
_software.location 
_software.mods 
_software.name 
_software.os 
_software.os_version 
_software.type 
_software.version 
_software.pdbx_ordinal 
? 'data reduction'  ? ? ? ? ? ? ? ? ? ? ? HKL-2000    ? ? ? .           1 
? 'data scaling'    ? ? ? ? ? ? ? ? ? ? ? HKL-2000    ? ? ? .           2 
? refinement        ? ? ? ? ? ? ? ? ? ? ? PHENIX      ? ? ? 1.11.1_2575 3 
? 'data extraction' ? ? ? ? ? ? ? ? ? ? ? PDB_EXTRACT ? ? ? 3.25        4 
? phasing           ? ? ? ? ? ? ? ? ? ? ? PHASER      ? ? ? .           5 
# 
_pdbx_entry_details.entry_id                 7JOI 
_pdbx_entry_details.has_ligand_of_interest   N 
_pdbx_entry_details.compound_details         ? 
_pdbx_entry_details.source_details           ? 
_pdbx_entry_details.nonpolymer_details       ? 
_pdbx_entry_details.sequence_details         ? 
# 
loop_
_pdbx_validate_symm_contact.id 
_pdbx_validate_symm_contact.PDB_model_num 
_pdbx_validate_symm_contact.auth_atom_id_1 
_pdbx_validate_symm_contact.auth_asym_id_1 
_pdbx_validate_symm_contact.auth_comp_id_1 
_pdbx_validate_symm_contact.auth_seq_id_1 
_pdbx_validate_symm_contact.PDB_ins_code_1 
_pdbx_validate_symm_contact.label_alt_id_1 
_pdbx_validate_symm_contact.site_symmetry_1 
_pdbx_validate_symm_contact.auth_atom_id_2 
_pdbx_validate_symm_contact.auth_asym_id_2 
_pdbx_validate_symm_contact.auth_comp_id_2 
_pdbx_validate_symm_contact.auth_seq_id_2 
_pdbx_validate_symm_contact.PDB_ins_code_2 
_pdbx_validate_symm_contact.label_alt_id_2 
_pdbx_validate_symm_contact.site_symmetry_2 
_pdbx_validate_symm_contact.dist 
1 1 OP1 B DC 0 ? ? 1_555 "HO3'" B DA 5 ? ? 3_555 1.58 
2 1 OP1 B DC 0 ? ? 1_555 "O3'"  B DA 5 ? ? 3_555 2.11 
# 
loop_
_pdbx_unobs_or_zero_occ_atoms.id 
_pdbx_unobs_or_zero_occ_atoms.PDB_model_num 
_pdbx_unobs_or_zero_occ_atoms.polymer_flag 
_pdbx_unobs_or_zero_occ_atoms.occupancy_flag 
_pdbx_unobs_or_zero_occ_atoms.auth_asym_id 
_pdbx_unobs_or_zero_occ_atoms.auth_comp_id 
_pdbx_unobs_or_zero_occ_atoms.auth_seq_id 
_pdbx_unobs_or_zero_occ_atoms.PDB_ins_code 
_pdbx_unobs_or_zero_occ_atoms.auth_atom_id 
_pdbx_unobs_or_zero_occ_atoms.label_alt_id 
_pdbx_unobs_or_zero_occ_atoms.label_asym_id 
_pdbx_unobs_or_zero_occ_atoms.label_comp_id 
_pdbx_unobs_or_zero_occ_atoms.label_seq_id 
_pdbx_unobs_or_zero_occ_atoms.label_atom_id 
1 1 N 1 B CAC 101 ? O1 ? E CAC 1 O1 
2 1 N 1 B CAC 101 ? O2 ? E CAC 1 O2 
3 1 N 1 B CAC 101 ? C1 ? E CAC 1 C1 
4 1 N 1 B CAC 101 ? C2 ? E CAC 1 C2 
5 1 N 1 D CAC 101 ? O1 ? F CAC 1 O1 
6 1 N 1 D CAC 101 ? O2 ? F CAC 1 O2 
7 1 N 1 D CAC 101 ? C1 ? F CAC 1 C1 
8 1 N 1 D CAC 101 ? C2 ? F CAC 1 C2 
# 
loop_
_chem_comp_atom.comp_id 
_chem_comp_atom.atom_id 
_chem_comp_atom.type_symbol 
_chem_comp_atom.pdbx_aromatic_flag 
_chem_comp_atom.pdbx_stereo_config 
_chem_comp_atom.pdbx_ordinal 
CAC AS     AS N N 1   
CAC O1     O  N N 2   
CAC O2     O  N N 3   
CAC C1     C  N N 4   
CAC C2     C  N N 5   
CAC H11    H  N N 6   
CAC H12    H  N N 7   
CAC H13    H  N N 8   
CAC H21    H  N N 9   
CAC H22    H  N N 10  
CAC H23    H  N N 11  
DA  OP3    O  N N 12  
DA  P      P  N N 13  
DA  OP1    O  N N 14  
DA  OP2    O  N N 15  
DA  "O5'"  O  N N 16  
DA  "C5'"  C  N N 17  
DA  "C4'"  C  N R 18  
DA  "O4'"  O  N N 19  
DA  "C3'"  C  N S 20  
DA  "O3'"  O  N N 21  
DA  "C2'"  C  N N 22  
DA  "C1'"  C  N R 23  
DA  N9     N  Y N 24  
DA  C8     C  Y N 25  
DA  N7     N  Y N 26  
DA  C5     C  Y N 27  
DA  C6     C  Y N 28  
DA  N6     N  N N 29  
DA  N1     N  Y N 30  
DA  C2     C  Y N 31  
DA  N3     N  Y N 32  
DA  C4     C  Y N 33  
DA  HOP3   H  N N 34  
DA  HOP2   H  N N 35  
DA  "H5'"  H  N N 36  
DA  "H5''" H  N N 37  
DA  "H4'"  H  N N 38  
DA  "H3'"  H  N N 39  
DA  "HO3'" H  N N 40  
DA  "H2'"  H  N N 41  
DA  "H2''" H  N N 42  
DA  "H1'"  H  N N 43  
DA  H8     H  N N 44  
DA  H61    H  N N 45  
DA  H62    H  N N 46  
DA  H2     H  N N 47  
DC  OP3    O  N N 48  
DC  P      P  N N 49  
DC  OP1    O  N N 50  
DC  OP2    O  N N 51  
DC  "O5'"  O  N N 52  
DC  "C5'"  C  N N 53  
DC  "C4'"  C  N R 54  
DC  "O4'"  O  N N 55  
DC  "C3'"  C  N S 56  
DC  "O3'"  O  N N 57  
DC  "C2'"  C  N N 58  
DC  "C1'"  C  N R 59  
DC  N1     N  N N 60  
DC  C2     C  N N 61  
DC  O2     O  N N 62  
DC  N3     N  N N 63  
DC  C4     C  N N 64  
DC  N4     N  N N 65  
DC  C5     C  N N 66  
DC  C6     C  N N 67  
DC  HOP3   H  N N 68  
DC  HOP2   H  N N 69  
DC  "H5'"  H  N N 70  
DC  "H5''" H  N N 71  
DC  "H4'"  H  N N 72  
DC  "H3'"  H  N N 73  
DC  "HO3'" H  N N 74  
DC  "H2'"  H  N N 75  
DC  "H2''" H  N N 76  
DC  "H1'"  H  N N 77  
DC  H41    H  N N 78  
DC  H42    H  N N 79  
DC  H5     H  N N 80  
DC  H6     H  N N 81  
DG  OP3    O  N N 82  
DG  P      P  N N 83  
DG  OP1    O  N N 84  
DG  OP2    O  N N 85  
DG  "O5'"  O  N N 86  
DG  "C5'"  C  N N 87  
DG  "C4'"  C  N R 88  
DG  "O4'"  O  N N 89  
DG  "C3'"  C  N S 90  
DG  "O3'"  O  N N 91  
DG  "C2'"  C  N N 92  
DG  "C1'"  C  N R 93  
DG  N9     N  Y N 94  
DG  C8     C  Y N 95  
DG  N7     N  Y N 96  
DG  C5     C  Y N 97  
DG  C6     C  N N 98  
DG  O6     O  N N 99  
DG  N1     N  N N 100 
DG  C2     C  N N 101 
DG  N2     N  N N 102 
DG  N3     N  N N 103 
DG  C4     C  Y N 104 
DG  HOP3   H  N N 105 
DG  HOP2   H  N N 106 
DG  "H5'"  H  N N 107 
DG  "H5''" H  N N 108 
DG  "H4'"  H  N N 109 
DG  "H3'"  H  N N 110 
DG  "HO3'" H  N N 111 
DG  "H2'"  H  N N 112 
DG  "H2''" H  N N 113 
DG  "H1'"  H  N N 114 
DG  H8     H  N N 115 
DG  H1     H  N N 116 
DG  H21    H  N N 117 
DG  H22    H  N N 118 
DT  OP3    O  N N 119 
DT  P      P  N N 120 
DT  OP1    O  N N 121 
DT  OP2    O  N N 122 
DT  "O5'"  O  N N 123 
DT  "C5'"  C  N N 124 
DT  "C4'"  C  N R 125 
DT  "O4'"  O  N N 126 
DT  "C3'"  C  N S 127 
DT  "O3'"  O  N N 128 
DT  "C2'"  C  N N 129 
DT  "C1'"  C  N R 130 
DT  N1     N  N N 131 
DT  C2     C  N N 132 
DT  O2     O  N N 133 
DT  N3     N  N N 134 
DT  C4     C  N N 135 
DT  O4     O  N N 136 
DT  C5     C  N N 137 
DT  C7     C  N N 138 
DT  C6     C  N N 139 
DT  HOP3   H  N N 140 
DT  HOP2   H  N N 141 
DT  "H5'"  H  N N 142 
DT  "H5''" H  N N 143 
DT  "H4'"  H  N N 144 
DT  "H3'"  H  N N 145 
DT  "HO3'" H  N N 146 
DT  "H2'"  H  N N 147 
DT  "H2''" H  N N 148 
DT  "H1'"  H  N N 149 
DT  H3     H  N N 150 
DT  H71    H  N N 151 
DT  H72    H  N N 152 
DT  H73    H  N N 153 
DT  H6     H  N N 154 
# 
loop_
_chem_comp_bond.comp_id 
_chem_comp_bond.atom_id_1 
_chem_comp_bond.atom_id_2 
_chem_comp_bond.value_order 
_chem_comp_bond.pdbx_aromatic_flag 
_chem_comp_bond.pdbx_stereo_config 
_chem_comp_bond.pdbx_ordinal 
CAC AS    O1     doub N N 1   
CAC AS    O2     sing N N 2   
CAC AS    C1     sing N N 3   
CAC AS    C2     sing N N 4   
CAC C1    H11    sing N N 5   
CAC C1    H12    sing N N 6   
CAC C1    H13    sing N N 7   
CAC C2    H21    sing N N 8   
CAC C2    H22    sing N N 9   
CAC C2    H23    sing N N 10  
DA  OP3   P      sing N N 11  
DA  OP3   HOP3   sing N N 12  
DA  P     OP1    doub N N 13  
DA  P     OP2    sing N N 14  
DA  P     "O5'"  sing N N 15  
DA  OP2   HOP2   sing N N 16  
DA  "O5'" "C5'"  sing N N 17  
DA  "C5'" "C4'"  sing N N 18  
DA  "C5'" "H5'"  sing N N 19  
DA  "C5'" "H5''" sing N N 20  
DA  "C4'" "O4'"  sing N N 21  
DA  "C4'" "C3'"  sing N N 22  
DA  "C4'" "H4'"  sing N N 23  
DA  "O4'" "C1'"  sing N N 24  
DA  "C3'" "O3'"  sing N N 25  
DA  "C3'" "C2'"  sing N N 26  
DA  "C3'" "H3'"  sing N N 27  
DA  "O3'" "HO3'" sing N N 28  
DA  "C2'" "C1'"  sing N N 29  
DA  "C2'" "H2'"  sing N N 30  
DA  "C2'" "H2''" sing N N 31  
DA  "C1'" N9     sing N N 32  
DA  "C1'" "H1'"  sing N N 33  
DA  N9    C8     sing Y N 34  
DA  N9    C4     sing Y N 35  
DA  C8    N7     doub Y N 36  
DA  C8    H8     sing N N 37  
DA  N7    C5     sing Y N 38  
DA  C5    C6     sing Y N 39  
DA  C5    C4     doub Y N 40  
DA  C6    N6     sing N N 41  
DA  C6    N1     doub Y N 42  
DA  N6    H61    sing N N 43  
DA  N6    H62    sing N N 44  
DA  N1    C2     sing Y N 45  
DA  C2    N3     doub Y N 46  
DA  C2    H2     sing N N 47  
DA  N3    C4     sing Y N 48  
DC  OP3   P      sing N N 49  
DC  OP3   HOP3   sing N N 50  
DC  P     OP1    doub N N 51  
DC  P     OP2    sing N N 52  
DC  P     "O5'"  sing N N 53  
DC  OP2   HOP2   sing N N 54  
DC  "O5'" "C5'"  sing N N 55  
DC  "C5'" "C4'"  sing N N 56  
DC  "C5'" "H5'"  sing N N 57  
DC  "C5'" "H5''" sing N N 58  
DC  "C4'" "O4'"  sing N N 59  
DC  "C4'" "C3'"  sing N N 60  
DC  "C4'" "H4'"  sing N N 61  
DC  "O4'" "C1'"  sing N N 62  
DC  "C3'" "O3'"  sing N N 63  
DC  "C3'" "C2'"  sing N N 64  
DC  "C3'" "H3'"  sing N N 65  
DC  "O3'" "HO3'" sing N N 66  
DC  "C2'" "C1'"  sing N N 67  
DC  "C2'" "H2'"  sing N N 68  
DC  "C2'" "H2''" sing N N 69  
DC  "C1'" N1     sing N N 70  
DC  "C1'" "H1'"  sing N N 71  
DC  N1    C2     sing N N 72  
DC  N1    C6     sing N N 73  
DC  C2    O2     doub N N 74  
DC  C2    N3     sing N N 75  
DC  N3    C4     doub N N 76  
DC  C4    N4     sing N N 77  
DC  C4    C5     sing N N 78  
DC  N4    H41    sing N N 79  
DC  N4    H42    sing N N 80  
DC  C5    C6     doub N N 81  
DC  C5    H5     sing N N 82  
DC  C6    H6     sing N N 83  
DG  OP3   P      sing N N 84  
DG  OP3   HOP3   sing N N 85  
DG  P     OP1    doub N N 86  
DG  P     OP2    sing N N 87  
DG  P     "O5'"  sing N N 88  
DG  OP2   HOP2   sing N N 89  
DG  "O5'" "C5'"  sing N N 90  
DG  "C5'" "C4'"  sing N N 91  
DG  "C5'" "H5'"  sing N N 92  
DG  "C5'" "H5''" sing N N 93  
DG  "C4'" "O4'"  sing N N 94  
DG  "C4'" "C3'"  sing N N 95  
DG  "C4'" "H4'"  sing N N 96  
DG  "O4'" "C1'"  sing N N 97  
DG  "C3'" "O3'"  sing N N 98  
DG  "C3'" "C2'"  sing N N 99  
DG  "C3'" "H3'"  sing N N 100 
DG  "O3'" "HO3'" sing N N 101 
DG  "C2'" "C1'"  sing N N 102 
DG  "C2'" "H2'"  sing N N 103 
DG  "C2'" "H2''" sing N N 104 
DG  "C1'" N9     sing N N 105 
DG  "C1'" "H1'"  sing N N 106 
DG  N9    C8     sing Y N 107 
DG  N9    C4     sing Y N 108 
DG  C8    N7     doub Y N 109 
DG  C8    H8     sing N N 110 
DG  N7    C5     sing Y N 111 
DG  C5    C6     sing N N 112 
DG  C5    C4     doub Y N 113 
DG  C6    O6     doub N N 114 
DG  C6    N1     sing N N 115 
DG  N1    C2     sing N N 116 
DG  N1    H1     sing N N 117 
DG  C2    N2     sing N N 118 
DG  C2    N3     doub N N 119 
DG  N2    H21    sing N N 120 
DG  N2    H22    sing N N 121 
DG  N3    C4     sing N N 122 
DT  OP3   P      sing N N 123 
DT  OP3   HOP3   sing N N 124 
DT  P     OP1    doub N N 125 
DT  P     OP2    sing N N 126 
DT  P     "O5'"  sing N N 127 
DT  OP2   HOP2   sing N N 128 
DT  "O5'" "C5'"  sing N N 129 
DT  "C5'" "C4'"  sing N N 130 
DT  "C5'" "H5'"  sing N N 131 
DT  "C5'" "H5''" sing N N 132 
DT  "C4'" "O4'"  sing N N 133 
DT  "C4'" "C3'"  sing N N 134 
DT  "C4'" "H4'"  sing N N 135 
DT  "O4'" "C1'"  sing N N 136 
DT  "C3'" "O3'"  sing N N 137 
DT  "C3'" "C2'"  sing N N 138 
DT  "C3'" "H3'"  sing N N 139 
DT  "O3'" "HO3'" sing N N 140 
DT  "C2'" "C1'"  sing N N 141 
DT  "C2'" "H2'"  sing N N 142 
DT  "C2'" "H2''" sing N N 143 
DT  "C1'" N1     sing N N 144 
DT  "C1'" "H1'"  sing N N 145 
DT  N1    C2     sing N N 146 
DT  N1    C6     sing N N 147 
DT  C2    O2     doub N N 148 
DT  C2    N3     sing N N 149 
DT  N3    C4     sing N N 150 
DT  N3    H3     sing N N 151 
DT  C4    O4     doub N N 152 
DT  C4    C5     sing N N 153 
DT  C5    C7     sing N N 154 
DT  C5    C6     doub N N 155 
DT  C7    H71    sing N N 156 
DT  C7    H72    sing N N 157 
DT  C7    H73    sing N N 158 
DT  C6    H6     sing N N 159 
# 
loop_
_ndb_struct_conf_na.entry_id 
_ndb_struct_conf_na.feature 
7JOI 'double helix'        
7JOI 'a-form double helix' 
7JOI 'b-form double helix' 
# 
loop_
_ndb_struct_na_base_pair.model_number 
_ndb_struct_na_base_pair.i_label_asym_id 
_ndb_struct_na_base_pair.i_label_comp_id 
_ndb_struct_na_base_pair.i_label_seq_id 
_ndb_struct_na_base_pair.i_symmetry 
_ndb_struct_na_base_pair.j_label_asym_id 
_ndb_struct_na_base_pair.j_label_comp_id 
_ndb_struct_na_base_pair.j_label_seq_id 
_ndb_struct_na_base_pair.j_symmetry 
_ndb_struct_na_base_pair.shear 
_ndb_struct_na_base_pair.stretch 
_ndb_struct_na_base_pair.stagger 
_ndb_struct_na_base_pair.buckle 
_ndb_struct_na_base_pair.propeller 
_ndb_struct_na_base_pair.opening 
_ndb_struct_na_base_pair.pair_number 
_ndb_struct_na_base_pair.pair_name 
_ndb_struct_na_base_pair.i_auth_asym_id 
_ndb_struct_na_base_pair.i_auth_seq_id 
_ndb_struct_na_base_pair.i_PDB_ins_code 
_ndb_struct_na_base_pair.j_auth_asym_id 
_ndb_struct_na_base_pair.j_auth_seq_id 
_ndb_struct_na_base_pair.j_PDB_ins_code 
_ndb_struct_na_base_pair.hbond_type_28 
_ndb_struct_na_base_pair.hbond_type_12 
1 A DG 3  1_555 D DC 7 1_555 2.562  0.490  0.482  -5.434  -37.441 0.594   1  A_DG3:DC16_D A 3  ? D 16 ? ?  ? 
1 A DC 4  1_555 D DG 6 1_555 -0.411 -0.059 0.240  -12.966 -24.602 1.226   2  A_DC4:DG15_D A 4  ? D 15 ? 19 1 
1 A DA 5  1_555 D DT 5 1_555 1.341  0.307  -0.164 -16.457 -15.377 -4.399  3  A_DA5:DT14_D A 5  ? D 14 ? 20 1 
1 A DG 6  1_555 D DC 4 1_555 -0.562 -0.525 -0.927 -16.523 -5.394  -8.559  4  A_DG6:DC13_D A 6  ? D 13 ? 19 1 
1 A DA 7  1_555 D DT 3 1_555 0.206  0.041  -0.493 -2.454  0.941   -12.816 5  A_DA7:DT12_D A 7  ? D 12 ? 20 1 
1 A DC 8  1_555 D DG 2 1_555 0.492  -0.266 -0.318 6.046   -2.878  2.050   6  A_DC8:DG11_D A 8  ? D 11 ? 19 1 
1 A DC 9  1_555 D DG 1 1_555 -0.682 0.062  -0.143 4.393   -0.820  -1.567  7  A_DC9:DG10_D A 9  ? D 10 ? 19 1 
1 A DT 10 1_555 B DA 6 1_555 -1.421 0.183  0.625  -2.799  -9.604  -1.825  8  A_DT10:DA5_B A 10 ? B 5  ? 20 1 
1 A DG 11 1_555 B DC 5 1_555 0.503  0.497  -0.016 4.590   -0.693  7.995   9  A_DG11:DC4_B A 11 ? B 4  ? 19 1 
1 A DC 13 1_555 B DG 3 1_555 0.345  -0.106 0.231  2.897   -6.182  -10.931 10 A_DC13:DG2_B A 13 ? B 2  ? 19 1 
1 A DG 14 1_555 B DC 2 1_555 0.166  -0.223 0.021  8.705   -11.154 -6.412  11 A_DG14:DC1_B A 14 ? B 1  ? 19 1 
1 A DG 15 1_555 B DC 1 1_555 0.558  -0.104 0.248  9.909   -22.038 4.625   12 A_DG15:DC0_B A 15 ? B 0  ? 19 1 
1 A DG 16 1_555 C DC 8 1_555 -0.735 -0.449 0.244  9.739   -11.214 -11.270 13 A_DG16:DC8_C A 16 ? C 8  ? 19 1 
1 A DA 17 1_555 C DT 7 1_555 1.170  -0.120 0.190  10.186  -18.589 -0.447  14 A_DA17:DT7_C A 17 ? C 7  ? 20 1 
1 A DC 18 1_555 C DG 6 1_555 0.423  -0.230 -0.052 0.992   -15.507 7.482   15 A_DC18:DG6_C A 18 ? C 6  ? 19 1 
1 A DT 19 1_555 C DA 5 1_555 -0.579 -0.296 -0.365 2.237   -13.322 -0.216  16 A_DT19:DA5_C A 19 ? C 5  ? 20 1 
1 A DC 20 1_555 C DG 4 1_555 -1.192 0.481  -0.048 13.091  -6.531  13.056  17 A_DC20:DG4_C A 20 ? C 4  ? ?  1 
1 A DA 21 1_555 C DT 3 1_555 1.134  -0.087 0.290  7.416   -15.070 -3.262  18 A_DA21:DT3_C A 21 ? C 3  ? 20 1 
# 
loop_
_ndb_struct_na_base_pair_step.model_number 
_ndb_struct_na_base_pair_step.i_label_asym_id_1 
_ndb_struct_na_base_pair_step.i_label_comp_id_1 
_ndb_struct_na_base_pair_step.i_label_seq_id_1 
_ndb_struct_na_base_pair_step.i_symmetry_1 
_ndb_struct_na_base_pair_step.j_label_asym_id_1 
_ndb_struct_na_base_pair_step.j_label_comp_id_1 
_ndb_struct_na_base_pair_step.j_label_seq_id_1 
_ndb_struct_na_base_pair_step.j_symmetry_1 
_ndb_struct_na_base_pair_step.i_label_asym_id_2 
_ndb_struct_na_base_pair_step.i_label_comp_id_2 
_ndb_struct_na_base_pair_step.i_label_seq_id_2 
_ndb_struct_na_base_pair_step.i_symmetry_2 
_ndb_struct_na_base_pair_step.j_label_asym_id_2 
_ndb_struct_na_base_pair_step.j_label_comp_id_2 
_ndb_struct_na_base_pair_step.j_label_seq_id_2 
_ndb_struct_na_base_pair_step.j_symmetry_2 
_ndb_struct_na_base_pair_step.shift 
_ndb_struct_na_base_pair_step.slide 
_ndb_struct_na_base_pair_step.rise 
_ndb_struct_na_base_pair_step.tilt 
_ndb_struct_na_base_pair_step.roll 
_ndb_struct_na_base_pair_step.twist 
_ndb_struct_na_base_pair_step.x_displacement 
_ndb_struct_na_base_pair_step.y_displacement 
_ndb_struct_na_base_pair_step.helical_rise 
_ndb_struct_na_base_pair_step.inclination 
_ndb_struct_na_base_pair_step.tip 
_ndb_struct_na_base_pair_step.helical_twist 
_ndb_struct_na_base_pair_step.step_number 
_ndb_struct_na_base_pair_step.step_name 
_ndb_struct_na_base_pair_step.i_auth_asym_id_1 
_ndb_struct_na_base_pair_step.i_auth_seq_id_1 
_ndb_struct_na_base_pair_step.i_PDB_ins_code_1 
_ndb_struct_na_base_pair_step.j_auth_asym_id_1 
_ndb_struct_na_base_pair_step.j_auth_seq_id_1 
_ndb_struct_na_base_pair_step.j_PDB_ins_code_1 
_ndb_struct_na_base_pair_step.i_auth_asym_id_2 
_ndb_struct_na_base_pair_step.i_auth_seq_id_2 
_ndb_struct_na_base_pair_step.i_PDB_ins_code_2 
_ndb_struct_na_base_pair_step.j_auth_asym_id_2 
_ndb_struct_na_base_pair_step.j_auth_seq_id_2 
_ndb_struct_na_base_pair_step.j_PDB_ins_code_2 
1 A DG 3  1_555 D DC 7 1_555 A DC 4  1_555 D DG 6 1_555 -0.095 -0.784 2.945 1.968  -2.821 25.933 -1.034 0.697  2.997 -6.252 -4.360 
26.156 1  AA_DG3DC4:DG15DC16_DD A 3  ? D 16 ? A 4  ? D 15 ? 
1 A DC 4  1_555 D DG 6 1_555 A DA 5  1_555 D DT 5 1_555 -0.934 0.399  3.776 -1.903 2.348  37.330 0.262  1.164  3.835 3.661  2.967  
37.448 2  AA_DC4DA5:DT14DG15_DD A 4  ? D 15 ? A 5  ? D 14 ? 
1 A DA 5  1_555 D DT 5 1_555 A DG 6  1_555 D DC 4 1_555 -0.272 -0.567 3.425 -0.597 2.420  21.308 -2.541 0.479  3.347 6.517  1.609  
21.451 3  AA_DA5DG6:DC13DT14_DD A 5  ? D 14 ? A 6  ? D 13 ? 
1 A DG 6  1_555 D DC 4 1_555 A DA 7  1_555 D DT 3 1_555 0.167  -1.070 2.852 -0.956 3.915  42.745 -1.795 -0.309 2.744 5.358  1.308  
42.926 4  AA_DG6DA7:DT12DC13_DD A 6  ? D 13 ? A 7  ? D 12 ? 
1 A DA 7  1_555 D DT 3 1_555 A DC 8  1_555 D DG 2 1_555 1.189  -1.167 3.119 -3.139 0.738  32.699 -2.180 -2.603 2.969 1.308  5.559  
32.853 5  AA_DA7DC8:DG11DT12_DD A 7  ? D 12 ? A 8  ? D 11 ? 
1 A DC 8  1_555 D DG 2 1_555 A DC 9  1_555 D DG 1 1_555 -1.008 -1.643 3.150 -3.895 5.930  31.987 -3.872 1.160  2.906 10.598 6.961  
32.744 6  AA_DC8DC9:DG10DG11_DD A 8  ? D 11 ? A 9  ? D 10 ? 
1 A DC 9  1_555 D DG 1 1_555 A DT 10 1_555 B DA 6 1_555 -1.329 -2.145 3.415 -6.793 1.454  18.942 -6.854 0.396  3.500 4.239  19.800 
20.165 7  AA_DC9DT10:DA5DG10_BD A 9  ? D 10 ? A 10 ? B 5  ? 
1 A DT 10 1_555 B DA 6 1_555 A DG 11 1_555 B DC 5 1_555 0.080  0.369  3.253 2.116  4.003  34.322 0.003  0.193  3.273 6.747  -3.566 
34.610 8  AA_DT10DG11:DC4DA5_BB A 10 ? B 5  ? A 11 ? B 4  ? 
1 A DG 11 1_555 B DC 5 1_555 A DC 13 1_555 B DG 3 1_555 -0.582 -0.756 6.626 -3.004 4.228  73.922 -0.896 0.292  6.597 3.512  2.495  
74.078 9  AA_DG11DC13:DG2DC4_BB A 11 ? B 4  ? A 13 ? B 2  ? 
1 A DC 13 1_555 B DG 3 1_555 A DG 14 1_555 B DC 2 1_555 -0.583 -0.343 3.268 0.186  3.492  31.313 -1.279 1.108  3.208 6.445  -0.344 
31.503 10 AA_DC13DG14:DC1DG2_BB A 13 ? B 2  ? A 14 ? B 1  ? 
1 A DG 14 1_555 B DC 2 1_555 A DG 15 1_555 B DC 1 1_555 0.798  -0.241 3.374 -0.868 2.946  36.157 -0.809 -1.405 3.325 4.736  1.395  
36.283 11 AA_DG14DG15:DC0DC1_BB A 14 ? B 1  ? A 15 ? B 0  ? 
1 A DG 15 1_555 B DC 1 1_555 A DG 16 1_555 C DC 8 1_555 -2.195 -1.563 2.898 -7.611 4.883  23.888 -4.854 2.920  3.066 11.293 17.600 
25.518 12 AA_DG15DG16:DC8DC0_CB A 15 ? B 0  ? A 16 ? C 8  ? 
1 A DG 16 1_555 C DC 8 1_555 A DA 17 1_555 C DT 7 1_555 -0.212 -0.371 3.299 0.576  0.613  42.266 -0.578 0.353  3.290 0.850  -0.799 
42.274 13 AA_DG16DA17:DT7DC8_CC A 16 ? C 8  ? A 17 ? C 7  ? 
1 A DA 17 1_555 C DT 7 1_555 A DC 18 1_555 C DG 6 1_555 0.252  -0.457 3.293 -0.095 -1.630 32.185 -0.531 -0.472 3.310 -2.937 0.171  
32.225 14 AA_DA17DC18:DG6DT7_CC A 17 ? C 7  ? A 18 ? C 6  ? 
1 A DC 18 1_555 C DG 6 1_555 A DT 19 1_555 C DA 5 1_555 -0.877 -0.716 3.408 1.090  2.213  36.961 -1.433 1.532  3.335 3.486  -1.717 
37.041 15 AA_DC18DT19:DA5DG6_CC A 18 ? C 6  ? A 19 ? C 5  ? 
1 A DT 19 1_555 C DA 5 1_555 A DC 20 1_555 C DG 4 1_555 1.241  1.780  3.100 1.008  -3.273 32.581 3.680  -2.039 2.949 -5.813 -1.791 
32.755 16 AA_DT19DC20:DG4DA5_CC A 19 ? C 5  ? A 20 ? C 4  ? 
1 A DC 20 1_555 C DG 4 1_555 A DA 21 1_555 C DT 3 1_555 -0.863 1.574  3.565 -2.579 0.054  47.128 1.961  0.847  3.607 0.068  3.223  
47.195 17 AA_DC20DA21:DT3DG4_CC A 20 ? C 4  ? A 21 ? C 3  ? 
# 
loop_
_pdbx_audit_support.funding_organization 
_pdbx_audit_support.country 
_pdbx_audit_support.grant_number 
_pdbx_audit_support.ordinal 
'National Science Foundation (NSF, United States)'                                         'United States' 1360635     1 
'National Institutes of Health/National Institute of General Medical Sciences (NIH/NIGMS)' 'United States' R01GM104960 2 
'National Science Foundation (NSF, United States)'                                         'United States' NSF2004250  3 
# 
_pdbx_entity_nonpoly.entity_id   5 
_pdbx_entity_nonpoly.name        'CACODYLATE ION' 
_pdbx_entity_nonpoly.comp_id     CAC 
# 
_pdbx_initial_refinement_model.id               1 
_pdbx_initial_refinement_model.entity_id_list   ? 
_pdbx_initial_refinement_model.type             'experimental model' 
_pdbx_initial_refinement_model.source_name      PDB 
_pdbx_initial_refinement_model.accession_code   5VY6 
_pdbx_initial_refinement_model.details          ? 
# 
_pdbx_struct_assembly_auth_evidence.id                     1 
_pdbx_struct_assembly_auth_evidence.assembly_id            1 
_pdbx_struct_assembly_auth_evidence.experimental_support   none 
_pdbx_struct_assembly_auth_evidence.details                ? 
# 
